data_5QP1
# 
_entry.id   5QP1 
# 
_audit_conform.dict_name       mmcif_pdbx.dic 
_audit_conform.dict_version    5.387 
_audit_conform.dict_location   http://mmcif.pdb.org/dictionaries/ascii/mmcif_pdbx.dic 
# 
loop_
_database_2.database_id 
_database_2.database_code 
_database_2.pdbx_database_accession 
_database_2.pdbx_DOI 
PDB   5QP1         pdb_00005qp1 10.2210/pdb5qp1/pdb 
WWPDB D_1001402226 ?            ?                   
# 
loop_
_pdbx_audit_revision_history.ordinal 
_pdbx_audit_revision_history.data_content_type 
_pdbx_audit_revision_history.major_revision 
_pdbx_audit_revision_history.minor_revision 
_pdbx_audit_revision_history.revision_date 
1 'Structure model' 1 0 2019-05-08 
2 'Structure model' 1 1 2019-11-20 
3 'Structure model' 1 2 2024-03-06 
# 
_pdbx_audit_revision_details.ordinal             1 
_pdbx_audit_revision_details.revision_ordinal    1 
_pdbx_audit_revision_details.data_content_type   'Structure model' 
_pdbx_audit_revision_details.provider            repository 
_pdbx_audit_revision_details.type                'Initial release' 
_pdbx_audit_revision_details.description         ? 
_pdbx_audit_revision_details.details             ? 
# 
loop_
_pdbx_audit_revision_group.ordinal 
_pdbx_audit_revision_group.revision_ordinal 
_pdbx_audit_revision_group.data_content_type 
_pdbx_audit_revision_group.group 
1 2 'Structure model' 'Data collection'     
2 3 'Structure model' 'Data collection'     
3 3 'Structure model' 'Database references' 
# 
loop_
_pdbx_audit_revision_category.ordinal 
_pdbx_audit_revision_category.revision_ordinal 
_pdbx_audit_revision_category.data_content_type 
_pdbx_audit_revision_category.category 
1 2 'Structure model' diffrn_source  
2 3 'Structure model' chem_comp_atom 
3 3 'Structure model' chem_comp_bond 
4 3 'Structure model' database_2     
# 
loop_
_pdbx_audit_revision_item.ordinal 
_pdbx_audit_revision_item.revision_ordinal 
_pdbx_audit_revision_item.data_content_type 
_pdbx_audit_revision_item.item 
1 2 'Structure model' '_diffrn_source.pdbx_synchrotron_beamline' 
2 2 'Structure model' '_diffrn_source.type'                      
3 3 'Structure model' '_database_2.pdbx_DOI'                     
4 3 'Structure model' '_database_2.pdbx_database_accession'      
# 
_pdbx_database_status.entry_id                        5QP1 
_pdbx_database_status.status_code                     REL 
_pdbx_database_status.status_code_sf                  REL 
_pdbx_database_status.status_code_mr                  ? 
_pdbx_database_status.status_code_cs                  ? 
_pdbx_database_status.recvd_initial_deposition_date   2019-02-22 
_pdbx_database_status.deposit_site                    RCSB 
_pdbx_database_status.process_site                    RCSB 
_pdbx_database_status.SG_entry                        ? 
_pdbx_database_status.pdb_format_compatible           Y 
_pdbx_database_status.methods_development_category    ? 
_pdbx_database_status.status_code_nmr_data            ? 
# 
loop_
_audit_author.name 
_audit_author.pdbx_ordinal 
_audit_author.identifier_ORCID 
'Nelson, E.R.'      1  ? 
'Velupillai, S.'    2  ? 
'Talon, R.'         3  ? 
'Collins, P.M.'     4  ? 
'Krojer, T.'        5  ? 
'Wang, D.'          6  ? 
'Brandao-Neto, J.'  7  ? 
'Douangamath, A.'   8  ? 
'Burgess-Brown, N.' 9  ? 
'Arrowsmith, C.H.'  10 ? 
'Bountra, C.'       11 ? 
'Huber, K.'         12 ? 
'von Delft, F.'     13 ? 
# 
_citation.id                        primary 
_citation.title                     'PanDDA analysis group deposition' 
_citation.journal_abbrev            'To Be Published' 
_citation.journal_volume            ? 
_citation.page_first                ? 
_citation.page_last                 ? 
_citation.year                      ? 
_citation.journal_id_ASTM           ? 
_citation.country                   ? 
_citation.journal_id_ISSN           ? 
_citation.journal_id_CSD            0353 
_citation.book_publisher            ? 
_citation.pdbx_database_id_PubMed   ? 
_citation.pdbx_database_id_DOI      ? 
# 
loop_
_citation_author.citation_id 
_citation_author.name 
_citation_author.identifier_ORCID 
_citation_author.ordinal 
primary 'Nelson, E.R.'      ? 1  
primary 'Velupillai, S.'    ? 2  
primary 'Talon, R.'         ? 3  
primary 'Collins, P.M.'     ? 4  
primary 'Krojer, T.'        ? 5  
primary 'Wang, D.'          ? 6  
primary 'Brandao-Neto, J.'  ? 7  
primary 'Douangamath, A.'   ? 8  
primary 'Burgess-Brown, N.' ? 9  
primary 'Arrowsmith, C.H.'  ? 10 
primary 'Bountra, C.'       ? 11 
primary 'Huber, K.'         ? 12 
primary 'von Delft, F.'     ? 13 
# 
loop_
_entity.id 
_entity.type 
_entity.src_method 
_entity.pdbx_description 
_entity.formula_weight 
_entity.pdbx_number_of_molecules 
_entity.pdbx_ec 
_entity.pdbx_mutation 
_entity.pdbx_fragment 
_entity.details 
1 polymer     man 'DCP2 (NUDT20)'                                                        19073.738 1  3.6.1.62 ? 
'UNP residues 95-260' ? 
2 non-polymer syn 1,2-ETHANEDIOL                                                         62.068    2  ?        ? ? ? 
3 non-polymer syn 'DIMETHYL SULFOXIDE'                                                   78.133    1  ?        ? ? ? 
4 non-polymer syn 'ACETATE ION'                                                          59.044    2  ?        ? ? ? 
5 non-polymer syn 'N-[(4-fluorophenyl)methyl]-1-(propan-2-yl)-1H-pyrazole-3-carboxamide' 261.295   1  ?        ? ? ? 
6 water       nat water                                                                  18.015    84 ?        ? ? ? 
# 
_entity_name_com.entity_id   1 
_entity_name_com.name        
'Nucleoside diphosphate-linked moiety X motif 20, Nudix motif 20, mRNA-decapping enzyme 2, hDpc, m7GpppN-mRNA hydrolase' 
# 
_entity_poly.entity_id                      1 
_entity_poly.type                           'polypeptide(L)' 
_entity_poly.nstd_linkage                   no 
_entity_poly.nstd_monomer                   no 
_entity_poly.pdbx_seq_one_letter_code       
;SMGVPTYGAIILDETLENVLLVQGYLAKSGWGFPKGKVNKEEAPHDCAAREVFEETGFDIKDYICKDDYIELRINDQLAR
LYIIPGIPKDTKFNPKTRREIRNIEWFSIEKLPCHRNDMTPKSKLGLAPNKFFMAIPFIRPLRDWLSRRFGDSSDSDNGF
SSTGSTP
;
_entity_poly.pdbx_seq_one_letter_code_can   
;SMGVPTYGAIILDETLENVLLVQGYLAKSGWGFPKGKVNKEEAPHDCAAREVFEETGFDIKDYICKDDYIELRINDQLAR
LYIIPGIPKDTKFNPKTRREIRNIEWFSIEKLPCHRNDMTPKSKLGLAPNKFFMAIPFIRPLRDWLSRRFGDSSDSDNGF
SSTGSTP
;
_entity_poly.pdbx_strand_id                 A 
_entity_poly.pdbx_target_identifier         ? 
# 
loop_
_pdbx_entity_nonpoly.entity_id 
_pdbx_entity_nonpoly.name 
_pdbx_entity_nonpoly.comp_id 
2 1,2-ETHANEDIOL                                                         EDO 
3 'DIMETHYL SULFOXIDE'                                                   DMS 
4 'ACETATE ION'                                                          ACT 
5 'N-[(4-fluorophenyl)methyl]-1-(propan-2-yl)-1H-pyrazole-3-carboxamide' LJ7 
6 water                                                                  HOH 
# 
loop_
_entity_poly_seq.entity_id 
_entity_poly_seq.num 
_entity_poly_seq.mon_id 
_entity_poly_seq.hetero 
1 1   SER n 
1 2   MET n 
1 3   GLY n 
1 4   VAL n 
1 5   PRO n 
1 6   THR n 
1 7   TYR n 
1 8   GLY n 
1 9   ALA n 
1 10  ILE n 
1 11  ILE n 
1 12  LEU n 
1 13  ASP n 
1 14  GLU n 
1 15  THR n 
1 16  LEU n 
1 17  GLU n 
1 18  ASN n 
1 19  VAL n 
1 20  LEU n 
1 21  LEU n 
1 22  VAL n 
1 23  GLN n 
1 24  GLY n 
1 25  TYR n 
1 26  LEU n 
1 27  ALA n 
1 28  LYS n 
1 29  SER n 
1 30  GLY n 
1 31  TRP n 
1 32  GLY n 
1 33  PHE n 
1 34  PRO n 
1 35  LYS n 
1 36  GLY n 
1 37  LYS n 
1 38  VAL n 
1 39  ASN n 
1 40  LYS n 
1 41  GLU n 
1 42  GLU n 
1 43  ALA n 
1 44  PRO n 
1 45  HIS n 
1 46  ASP n 
1 47  CYS n 
1 48  ALA n 
1 49  ALA n 
1 50  ARG n 
1 51  GLU n 
1 52  VAL n 
1 53  PHE n 
1 54  GLU n 
1 55  GLU n 
1 56  THR n 
1 57  GLY n 
1 58  PHE n 
1 59  ASP n 
1 60  ILE n 
1 61  LYS n 
1 62  ASP n 
1 63  TYR n 
1 64  ILE n 
1 65  CYS n 
1 66  LYS n 
1 67  ASP n 
1 68  ASP n 
1 69  TYR n 
1 70  ILE n 
1 71  GLU n 
1 72  LEU n 
1 73  ARG n 
1 74  ILE n 
1 75  ASN n 
1 76  ASP n 
1 77  GLN n 
1 78  LEU n 
1 79  ALA n 
1 80  ARG n 
1 81  LEU n 
1 82  TYR n 
1 83  ILE n 
1 84  ILE n 
1 85  PRO n 
1 86  GLY n 
1 87  ILE n 
1 88  PRO n 
1 89  LYS n 
1 90  ASP n 
1 91  THR n 
1 92  LYS n 
1 93  PHE n 
1 94  ASN n 
1 95  PRO n 
1 96  LYS n 
1 97  THR n 
1 98  ARG n 
1 99  ARG n 
1 100 GLU n 
1 101 ILE n 
1 102 ARG n 
1 103 ASN n 
1 104 ILE n 
1 105 GLU n 
1 106 TRP n 
1 107 PHE n 
1 108 SER n 
1 109 ILE n 
1 110 GLU n 
1 111 LYS n 
1 112 LEU n 
1 113 PRO n 
1 114 CYS n 
1 115 HIS n 
1 116 ARG n 
1 117 ASN n 
1 118 ASP n 
1 119 MET n 
1 120 THR n 
1 121 PRO n 
1 122 LYS n 
1 123 SER n 
1 124 LYS n 
1 125 LEU n 
1 126 GLY n 
1 127 LEU n 
1 128 ALA n 
1 129 PRO n 
1 130 ASN n 
1 131 LYS n 
1 132 PHE n 
1 133 PHE n 
1 134 MET n 
1 135 ALA n 
1 136 ILE n 
1 137 PRO n 
1 138 PHE n 
1 139 ILE n 
1 140 ARG n 
1 141 PRO n 
1 142 LEU n 
1 143 ARG n 
1 144 ASP n 
1 145 TRP n 
1 146 LEU n 
1 147 SER n 
1 148 ARG n 
1 149 ARG n 
1 150 PHE n 
1 151 GLY n 
1 152 ASP n 
1 153 SER n 
1 154 SER n 
1 155 ASP n 
1 156 SER n 
1 157 ASP n 
1 158 ASN n 
1 159 GLY n 
1 160 PHE n 
1 161 SER n 
1 162 SER n 
1 163 THR n 
1 164 GLY n 
1 165 SER n 
1 166 THR n 
1 167 PRO n 
# 
_entity_src_gen.entity_id                          1 
_entity_src_gen.pdbx_src_id                        1 
_entity_src_gen.pdbx_alt_source_flag               sample 
_entity_src_gen.pdbx_seq_type                      'Biological sequence' 
_entity_src_gen.pdbx_beg_seq_num                   1 
_entity_src_gen.pdbx_end_seq_num                   167 
_entity_src_gen.gene_src_common_name               Human 
_entity_src_gen.gene_src_genus                     ? 
_entity_src_gen.pdbx_gene_src_gene                 'DCP2, NUDT20' 
_entity_src_gen.gene_src_species                   ? 
_entity_src_gen.gene_src_strain                    ? 
_entity_src_gen.gene_src_tissue                    ? 
_entity_src_gen.gene_src_tissue_fraction           ? 
_entity_src_gen.gene_src_details                   ? 
_entity_src_gen.pdbx_gene_src_fragment             ? 
_entity_src_gen.pdbx_gene_src_scientific_name      'Homo sapiens' 
_entity_src_gen.pdbx_gene_src_ncbi_taxonomy_id     9606 
_entity_src_gen.pdbx_gene_src_variant              ? 
_entity_src_gen.pdbx_gene_src_cell_line            ? 
_entity_src_gen.pdbx_gene_src_atcc                 ? 
_entity_src_gen.pdbx_gene_src_organ                ? 
_entity_src_gen.pdbx_gene_src_organelle            ? 
_entity_src_gen.pdbx_gene_src_cell                 ? 
_entity_src_gen.pdbx_gene_src_cellular_location    ? 
_entity_src_gen.host_org_common_name               ? 
_entity_src_gen.pdbx_host_org_scientific_name      'Escherichia coli' 
_entity_src_gen.pdbx_host_org_ncbi_taxonomy_id     562 
_entity_src_gen.host_org_genus                     ? 
_entity_src_gen.pdbx_host_org_gene                 ? 
_entity_src_gen.pdbx_host_org_organ                ? 
_entity_src_gen.host_org_species                   ? 
_entity_src_gen.pdbx_host_org_tissue               ? 
_entity_src_gen.pdbx_host_org_tissue_fraction      ? 
_entity_src_gen.pdbx_host_org_strain               ? 
_entity_src_gen.pdbx_host_org_variant              ? 
_entity_src_gen.pdbx_host_org_cell_line            ? 
_entity_src_gen.pdbx_host_org_atcc                 ? 
_entity_src_gen.pdbx_host_org_culture_collection   ? 
_entity_src_gen.pdbx_host_org_cell                 ? 
_entity_src_gen.pdbx_host_org_organelle            ? 
_entity_src_gen.pdbx_host_org_cellular_location    ? 
_entity_src_gen.pdbx_host_org_vector_type          ? 
_entity_src_gen.pdbx_host_org_vector               ? 
_entity_src_gen.host_org_details                   ? 
_entity_src_gen.expression_system_id               ? 
_entity_src_gen.plasmid_name                       ? 
_entity_src_gen.plasmid_details                    ? 
_entity_src_gen.pdbx_description                   ? 
# 
loop_
_chem_comp.id 
_chem_comp.type 
_chem_comp.mon_nstd_flag 
_chem_comp.name 
_chem_comp.pdbx_synonyms 
_chem_comp.formula 
_chem_comp.formula_weight 
ACT non-polymer         . 'ACETATE ION'                                                          ?                 'C2 H3 O2 -1' 
59.044  
ALA 'L-peptide linking' y ALANINE                                                                ?                 'C3 H7 N O2' 
89.093  
ARG 'L-peptide linking' y ARGININE                                                               ?                 
'C6 H15 N4 O2 1' 175.209 
ASN 'L-peptide linking' y ASPARAGINE                                                             ?                 'C4 H8 N2 O3' 
132.118 
ASP 'L-peptide linking' y 'ASPARTIC ACID'                                                        ?                 'C4 H7 N O4' 
133.103 
CYS 'L-peptide linking' y CYSTEINE                                                               ?                 'C3 H7 N O2 S' 
121.158 
DMS non-polymer         . 'DIMETHYL SULFOXIDE'                                                   ?                 'C2 H6 O S' 
78.133  
EDO non-polymer         . 1,2-ETHANEDIOL                                                         'ETHYLENE GLYCOL' 'C2 H6 O2' 
62.068  
GLN 'L-peptide linking' y GLUTAMINE                                                              ?                 'C5 H10 N2 O3' 
146.144 
GLU 'L-peptide linking' y 'GLUTAMIC ACID'                                                        ?                 'C5 H9 N O4' 
147.129 
GLY 'peptide linking'   y GLYCINE                                                                ?                 'C2 H5 N O2' 
75.067  
HIS 'L-peptide linking' y HISTIDINE                                                              ?                 
'C6 H10 N3 O2 1' 156.162 
HOH non-polymer         . WATER                                                                  ?                 'H2 O' 18.015  
ILE 'L-peptide linking' y ISOLEUCINE                                                             ?                 'C6 H13 N O2' 
131.173 
LEU 'L-peptide linking' y LEUCINE                                                                ?                 'C6 H13 N O2' 
131.173 
LJ7 non-polymer         . 'N-[(4-fluorophenyl)methyl]-1-(propan-2-yl)-1H-pyrazole-3-carboxamide' ?                 
'C14 H16 F N3 O' 261.295 
LYS 'L-peptide linking' y LYSINE                                                                 ?                 
'C6 H15 N2 O2 1' 147.195 
MET 'L-peptide linking' y METHIONINE                                                             ?                 'C5 H11 N O2 S' 
149.211 
PHE 'L-peptide linking' y PHENYLALANINE                                                          ?                 'C9 H11 N O2' 
165.189 
PRO 'L-peptide linking' y PROLINE                                                                ?                 'C5 H9 N O2' 
115.130 
SER 'L-peptide linking' y SERINE                                                                 ?                 'C3 H7 N O3' 
105.093 
THR 'L-peptide linking' y THREONINE                                                              ?                 'C4 H9 N O3' 
119.119 
TRP 'L-peptide linking' y TRYPTOPHAN                                                             ?                 'C11 H12 N2 O2' 
204.225 
TYR 'L-peptide linking' y TYROSINE                                                               ?                 'C9 H11 N O3' 
181.189 
VAL 'L-peptide linking' y VALINE                                                                 ?                 'C5 H11 N O2' 
117.146 
# 
loop_
_pdbx_poly_seq_scheme.asym_id 
_pdbx_poly_seq_scheme.entity_id 
_pdbx_poly_seq_scheme.seq_id 
_pdbx_poly_seq_scheme.mon_id 
_pdbx_poly_seq_scheme.ndb_seq_num 
_pdbx_poly_seq_scheme.pdb_seq_num 
_pdbx_poly_seq_scheme.auth_seq_num 
_pdbx_poly_seq_scheme.pdb_mon_id 
_pdbx_poly_seq_scheme.auth_mon_id 
_pdbx_poly_seq_scheme.pdb_strand_id 
_pdbx_poly_seq_scheme.pdb_ins_code 
_pdbx_poly_seq_scheme.hetero 
A 1 1   SER 1   94  ?   ?   ?   A . n 
A 1 2   MET 2   95  ?   ?   ?   A . n 
A 1 3   GLY 3   96  96  GLY GLY A . n 
A 1 4   VAL 4   97  97  VAL VAL A . n 
A 1 5   PRO 5   98  98  PRO PRO A . n 
A 1 6   THR 6   99  99  THR THR A . n 
A 1 7   TYR 7   100 100 TYR TYR A . n 
A 1 8   GLY 8   101 101 GLY GLY A . n 
A 1 9   ALA 9   102 102 ALA ALA A . n 
A 1 10  ILE 10  103 103 ILE ILE A . n 
A 1 11  ILE 11  104 104 ILE ILE A . n 
A 1 12  LEU 12  105 105 LEU LEU A . n 
A 1 13  ASP 13  106 106 ASP ASP A . n 
A 1 14  GLU 14  107 107 GLU GLU A . n 
A 1 15  THR 15  108 108 THR THR A . n 
A 1 16  LEU 16  109 109 LEU LEU A . n 
A 1 17  GLU 17  110 110 GLU GLU A . n 
A 1 18  ASN 18  111 111 ASN ASN A . n 
A 1 19  VAL 19  112 112 VAL VAL A . n 
A 1 20  LEU 20  113 113 LEU LEU A . n 
A 1 21  LEU 21  114 114 LEU LEU A . n 
A 1 22  VAL 22  115 115 VAL VAL A . n 
A 1 23  GLN 23  116 116 GLN GLN A . n 
A 1 24  GLY 24  117 117 GLY GLY A . n 
A 1 25  TYR 25  118 118 TYR TYR A . n 
A 1 26  LEU 26  119 119 LEU LEU A . n 
A 1 27  ALA 27  120 120 ALA ALA A . n 
A 1 28  LYS 28  121 121 LYS LYS A . n 
A 1 29  SER 29  122 122 SER SER A . n 
A 1 30  GLY 30  123 123 GLY GLY A . n 
A 1 31  TRP 31  124 124 TRP TRP A . n 
A 1 32  GLY 32  125 125 GLY GLY A . n 
A 1 33  PHE 33  126 126 PHE PHE A . n 
A 1 34  PRO 34  127 127 PRO PRO A . n 
A 1 35  LYS 35  128 128 LYS LYS A . n 
A 1 36  GLY 36  129 129 GLY GLY A . n 
A 1 37  LYS 37  130 130 LYS LYS A . n 
A 1 38  VAL 38  131 131 VAL VAL A . n 
A 1 39  ASN 39  132 132 ASN ASN A . n 
A 1 40  LYS 40  133 133 LYS LYS A . n 
A 1 41  GLU 41  134 134 GLU GLU A . n 
A 1 42  GLU 42  135 135 GLU GLU A . n 
A 1 43  ALA 43  136 136 ALA ALA A . n 
A 1 44  PRO 44  137 137 PRO PRO A . n 
A 1 45  HIS 45  138 138 HIS HIS A . n 
A 1 46  ASP 46  139 139 ASP ASP A . n 
A 1 47  CYS 47  140 140 CYS CYS A . n 
A 1 48  ALA 48  141 141 ALA ALA A . n 
A 1 49  ALA 49  142 142 ALA ALA A . n 
A 1 50  ARG 50  143 143 ARG ARG A . n 
A 1 51  GLU 51  144 144 GLU GLU A . n 
A 1 52  VAL 52  145 145 VAL VAL A . n 
A 1 53  PHE 53  146 146 PHE PHE A . n 
A 1 54  GLU 54  147 147 GLU GLU A . n 
A 1 55  GLU 55  148 148 GLU GLU A . n 
A 1 56  THR 56  149 149 THR THR A . n 
A 1 57  GLY 57  150 150 GLY GLY A . n 
A 1 58  PHE 58  151 151 PHE PHE A . n 
A 1 59  ASP 59  152 152 ASP ASP A . n 
A 1 60  ILE 60  153 153 ILE ILE A . n 
A 1 61  LYS 61  154 154 LYS LYS A . n 
A 1 62  ASP 62  155 155 ASP ASP A . n 
A 1 63  TYR 63  156 156 TYR TYR A . n 
A 1 64  ILE 64  157 157 ILE ILE A . n 
A 1 65  CYS 65  158 158 CYS CYS A . n 
A 1 66  LYS 66  159 159 LYS LYS A . n 
A 1 67  ASP 67  160 160 ASP ASP A . n 
A 1 68  ASP 68  161 161 ASP ASP A . n 
A 1 69  TYR 69  162 162 TYR TYR A . n 
A 1 70  ILE 70  163 163 ILE ILE A . n 
A 1 71  GLU 71  164 164 GLU GLU A . n 
A 1 72  LEU 72  165 165 LEU LEU A . n 
A 1 73  ARG 73  166 166 ARG ARG A . n 
A 1 74  ILE 74  167 167 ILE ILE A . n 
A 1 75  ASN 75  168 168 ASN ASN A . n 
A 1 76  ASP 76  169 169 ASP ASP A . n 
A 1 77  GLN 77  170 170 GLN GLN A . n 
A 1 78  LEU 78  171 171 LEU LEU A . n 
A 1 79  ALA 79  172 172 ALA ALA A . n 
A 1 80  ARG 80  173 173 ARG ARG A . n 
A 1 81  LEU 81  174 174 LEU LEU A . n 
A 1 82  TYR 82  175 175 TYR TYR A . n 
A 1 83  ILE 83  176 176 ILE ILE A . n 
A 1 84  ILE 84  177 177 ILE ILE A . n 
A 1 85  PRO 85  178 178 PRO PRO A . n 
A 1 86  GLY 86  179 179 GLY GLY A . n 
A 1 87  ILE 87  180 180 ILE ILE A . n 
A 1 88  PRO 88  181 181 PRO PRO A . n 
A 1 89  LYS 89  182 182 LYS LYS A . n 
A 1 90  ASP 90  183 183 ASP ASP A . n 
A 1 91  THR 91  184 184 THR THR A . n 
A 1 92  LYS 92  185 185 LYS LYS A . n 
A 1 93  PHE 93  186 186 PHE PHE A . n 
A 1 94  ASN 94  187 187 ASN ASN A . n 
A 1 95  PRO 95  188 188 PRO PRO A . n 
A 1 96  LYS 96  189 189 LYS LYS A . n 
A 1 97  THR 97  190 190 THR THR A . n 
A 1 98  ARG 98  191 191 ARG ARG A . n 
A 1 99  ARG 99  192 192 ARG ARG A . n 
A 1 100 GLU 100 193 193 GLU GLU A . n 
A 1 101 ILE 101 194 194 ILE ILE A . n 
A 1 102 ARG 102 195 195 ARG ARG A . n 
A 1 103 ASN 103 196 196 ASN ASN A . n 
A 1 104 ILE 104 197 197 ILE ILE A . n 
A 1 105 GLU 105 198 198 GLU GLU A . n 
A 1 106 TRP 106 199 199 TRP TRP A . n 
A 1 107 PHE 107 200 200 PHE PHE A . n 
A 1 108 SER 108 201 201 SER SER A . n 
A 1 109 ILE 109 202 202 ILE ILE A . n 
A 1 110 GLU 110 203 203 GLU GLU A . n 
A 1 111 LYS 111 204 204 LYS LYS A . n 
A 1 112 LEU 112 205 205 LEU LEU A . n 
A 1 113 PRO 113 206 206 PRO PRO A . n 
A 1 114 CYS 114 207 207 CYS CYS A . n 
A 1 115 HIS 115 208 208 HIS HIS A . n 
A 1 116 ARG 116 209 209 ARG ARG A . n 
A 1 117 ASN 117 210 210 ASN ASN A . n 
A 1 118 ASP 118 211 211 ASP ASP A . n 
A 1 119 MET 119 212 212 MET MET A . n 
A 1 120 THR 120 213 213 THR THR A . n 
A 1 121 PRO 121 214 214 PRO PRO A . n 
A 1 122 LYS 122 215 215 LYS LYS A . n 
A 1 123 SER 123 216 216 SER SER A . n 
A 1 124 LYS 124 217 217 LYS LYS A . n 
A 1 125 LEU 125 218 218 LEU LEU A . n 
A 1 126 GLY 126 219 219 GLY GLY A . n 
A 1 127 LEU 127 220 220 LEU LEU A . n 
A 1 128 ALA 128 221 221 ALA ALA A . n 
A 1 129 PRO 129 222 222 PRO PRO A . n 
A 1 130 ASN 130 223 223 ASN ASN A . n 
A 1 131 LYS 131 224 224 LYS LYS A . n 
A 1 132 PHE 132 225 225 PHE PHE A . n 
A 1 133 PHE 133 226 226 PHE PHE A . n 
A 1 134 MET 134 227 227 MET MET A . n 
A 1 135 ALA 135 228 228 ALA ALA A . n 
A 1 136 ILE 136 229 229 ILE ILE A . n 
A 1 137 PRO 137 230 230 PRO PRO A . n 
A 1 138 PHE 138 231 231 PHE PHE A . n 
A 1 139 ILE 139 232 232 ILE ILE A . n 
A 1 140 ARG 140 233 233 ARG ARG A . n 
A 1 141 PRO 141 234 234 PRO PRO A . n 
A 1 142 LEU 142 235 235 LEU LEU A . n 
A 1 143 ARG 143 236 236 ARG ARG A . n 
A 1 144 ASP 144 237 237 ASP ASP A . n 
A 1 145 TRP 145 238 238 TRP TRP A . n 
A 1 146 LEU 146 239 239 LEU LEU A . n 
A 1 147 SER 147 240 240 SER SER A . n 
A 1 148 ARG 148 241 241 ARG ARG A . n 
A 1 149 ARG 149 242 242 ARG ARG A . n 
A 1 150 PHE 150 243 243 PHE PHE A . n 
A 1 151 GLY 151 244 244 GLY GLY A . n 
A 1 152 ASP 152 245 ?   ?   ?   A . n 
A 1 153 SER 153 246 ?   ?   ?   A . n 
A 1 154 SER 154 247 ?   ?   ?   A . n 
A 1 155 ASP 155 248 ?   ?   ?   A . n 
A 1 156 SER 156 249 ?   ?   ?   A . n 
A 1 157 ASP 157 250 ?   ?   ?   A . n 
A 1 158 ASN 158 251 ?   ?   ?   A . n 
A 1 159 GLY 159 252 ?   ?   ?   A . n 
A 1 160 PHE 160 253 ?   ?   ?   A . n 
A 1 161 SER 161 254 ?   ?   ?   A . n 
A 1 162 SER 162 255 ?   ?   ?   A . n 
A 1 163 THR 163 256 ?   ?   ?   A . n 
A 1 164 GLY 164 257 ?   ?   ?   A . n 
A 1 165 SER 165 258 ?   ?   ?   A . n 
A 1 166 THR 166 259 ?   ?   ?   A . n 
A 1 167 PRO 167 260 ?   ?   ?   A . n 
# 
loop_
_pdbx_nonpoly_scheme.asym_id 
_pdbx_nonpoly_scheme.entity_id 
_pdbx_nonpoly_scheme.mon_id 
_pdbx_nonpoly_scheme.ndb_seq_num 
_pdbx_nonpoly_scheme.pdb_seq_num 
_pdbx_nonpoly_scheme.auth_seq_num 
_pdbx_nonpoly_scheme.pdb_mon_id 
_pdbx_nonpoly_scheme.auth_mon_id 
_pdbx_nonpoly_scheme.pdb_strand_id 
_pdbx_nonpoly_scheme.pdb_ins_code 
B 2 EDO 1  301 2   EDO EDO A . 
C 2 EDO 1  302 3   EDO EDO A . 
D 3 DMS 1  303 1   DMS DMS A . 
E 4 ACT 1  304 1   ACT ACT A . 
F 4 ACT 1  305 2   ACT ACT A . 
G 5 LJ7 1  306 1   LJ7 LIG A . 
H 6 HOH 1  401 66  HOH HOH A . 
H 6 HOH 2  402 17  HOH HOH A . 
H 6 HOH 3  403 107 HOH HOH A . 
H 6 HOH 4  404 8   HOH HOH A . 
H 6 HOH 5  405 90  HOH HOH A . 
H 6 HOH 6  406 12  HOH HOH A . 
H 6 HOH 7  407 67  HOH HOH A . 
H 6 HOH 8  408 60  HOH HOH A . 
H 6 HOH 9  409 13  HOH HOH A . 
H 6 HOH 10 410 39  HOH HOH A . 
H 6 HOH 11 411 96  HOH HOH A . 
H 6 HOH 12 412 32  HOH HOH A . 
H 6 HOH 13 413 38  HOH HOH A . 
H 6 HOH 14 414 68  HOH HOH A . 
H 6 HOH 15 415 78  HOH HOH A . 
H 6 HOH 16 416 23  HOH HOH A . 
H 6 HOH 17 417 18  HOH HOH A . 
H 6 HOH 18 418 79  HOH HOH A . 
H 6 HOH 19 419 29  HOH HOH A . 
H 6 HOH 20 420 88  HOH HOH A . 
H 6 HOH 21 421 106 HOH HOH A . 
H 6 HOH 22 422 36  HOH HOH A . 
H 6 HOH 23 423 1   HOH HOH A . 
H 6 HOH 24 424 14  HOH HOH A . 
H 6 HOH 25 425 15  HOH HOH A . 
H 6 HOH 26 426 24  HOH HOH A . 
H 6 HOH 27 427 10  HOH HOH A . 
H 6 HOH 28 428 76  HOH HOH A . 
H 6 HOH 29 429 16  HOH HOH A . 
H 6 HOH 30 430 5   HOH HOH A . 
H 6 HOH 31 431 4   HOH HOH A . 
H 6 HOH 32 432 46  HOH HOH A . 
H 6 HOH 33 433 35  HOH HOH A . 
H 6 HOH 34 434 33  HOH HOH A . 
H 6 HOH 35 435 71  HOH HOH A . 
H 6 HOH 36 436 2   HOH HOH A . 
H 6 HOH 37 437 31  HOH HOH A . 
H 6 HOH 38 438 80  HOH HOH A . 
H 6 HOH 39 439 59  HOH HOH A . 
H 6 HOH 40 440 95  HOH HOH A . 
H 6 HOH 41 441 47  HOH HOH A . 
H 6 HOH 42 442 70  HOH HOH A . 
H 6 HOH 43 443 85  HOH HOH A . 
H 6 HOH 44 444 6   HOH HOH A . 
H 6 HOH 45 445 43  HOH HOH A . 
H 6 HOH 46 446 100 HOH HOH A . 
H 6 HOH 47 447 27  HOH HOH A . 
H 6 HOH 48 448 3   HOH HOH A . 
H 6 HOH 49 449 11  HOH HOH A . 
H 6 HOH 50 450 7   HOH HOH A . 
H 6 HOH 51 451 72  HOH HOH A . 
H 6 HOH 52 452 69  HOH HOH A . 
H 6 HOH 53 453 9   HOH HOH A . 
H 6 HOH 54 454 97  HOH HOH A . 
H 6 HOH 55 455 65  HOH HOH A . 
H 6 HOH 56 456 105 HOH HOH A . 
H 6 HOH 57 457 50  HOH HOH A . 
H 6 HOH 58 458 103 HOH HOH A . 
H 6 HOH 59 459 87  HOH HOH A . 
H 6 HOH 60 460 42  HOH HOH A . 
H 6 HOH 61 461 30  HOH HOH A . 
H 6 HOH 62 462 52  HOH HOH A . 
H 6 HOH 63 463 22  HOH HOH A . 
H 6 HOH 64 464 57  HOH HOH A . 
H 6 HOH 65 465 25  HOH HOH A . 
H 6 HOH 66 466 21  HOH HOH A . 
H 6 HOH 67 467 55  HOH HOH A . 
H 6 HOH 68 468 19  HOH HOH A . 
H 6 HOH 69 469 92  HOH HOH A . 
H 6 HOH 70 470 28  HOH HOH A . 
H 6 HOH 71 471 40  HOH HOH A . 
H 6 HOH 72 472 62  HOH HOH A . 
H 6 HOH 73 473 84  HOH HOH A . 
H 6 HOH 74 474 94  HOH HOH A . 
H 6 HOH 75 475 86  HOH HOH A . 
H 6 HOH 76 476 75  HOH HOH A . 
H 6 HOH 77 477 81  HOH HOH A . 
H 6 HOH 78 478 26  HOH HOH A . 
H 6 HOH 79 479 98  HOH HOH A . 
H 6 HOH 80 480 51  HOH HOH A . 
H 6 HOH 81 481 20  HOH HOH A . 
H 6 HOH 82 482 56  HOH HOH A . 
H 6 HOH 83 483 93  HOH HOH A . 
H 6 HOH 84 484 41  HOH HOH A . 
# 
loop_
_pdbx_unobs_or_zero_occ_atoms.id 
_pdbx_unobs_or_zero_occ_atoms.PDB_model_num 
_pdbx_unobs_or_zero_occ_atoms.polymer_flag 
_pdbx_unobs_or_zero_occ_atoms.occupancy_flag 
_pdbx_unobs_or_zero_occ_atoms.auth_asym_id 
_pdbx_unobs_or_zero_occ_atoms.auth_comp_id 
_pdbx_unobs_or_zero_occ_atoms.auth_seq_id 
_pdbx_unobs_or_zero_occ_atoms.PDB_ins_code 
_pdbx_unobs_or_zero_occ_atoms.auth_atom_id 
_pdbx_unobs_or_zero_occ_atoms.label_alt_id 
_pdbx_unobs_or_zero_occ_atoms.label_asym_id 
_pdbx_unobs_or_zero_occ_atoms.label_comp_id 
_pdbx_unobs_or_zero_occ_atoms.label_seq_id 
_pdbx_unobs_or_zero_occ_atoms.label_atom_id 
1  1 Y 1 A LYS 130 ? CE  ? A LYS 37  CE  
2  1 Y 1 A LYS 130 ? NZ  ? A LYS 37  NZ  
3  1 Y 1 A LYS 133 ? CG  ? A LYS 40  CG  
4  1 Y 1 A LYS 133 ? CD  ? A LYS 40  CD  
5  1 Y 1 A LYS 133 ? CE  ? A LYS 40  CE  
6  1 Y 1 A LYS 133 ? NZ  ? A LYS 40  NZ  
7  1 Y 1 A GLU 134 ? CG  ? A GLU 41  CG  
8  1 Y 1 A GLU 134 ? CD  ? A GLU 41  CD  
9  1 Y 1 A GLU 134 ? OE1 ? A GLU 41  OE1 
10 1 Y 1 A GLU 134 ? OE2 ? A GLU 41  OE2 
11 1 Y 1 A LYS 159 ? CD  ? A LYS 66  CD  
12 1 Y 1 A LYS 159 ? CE  ? A LYS 66  CE  
13 1 Y 1 A LYS 159 ? NZ  ? A LYS 66  NZ  
14 1 Y 1 A LYS 185 ? CE  ? A LYS 92  CE  
15 1 Y 1 A LYS 185 ? NZ  ? A LYS 92  NZ  
16 1 Y 1 A LYS 215 ? CD  ? A LYS 122 CD  
17 1 Y 1 A LYS 215 ? CE  ? A LYS 122 CE  
18 1 Y 1 A LYS 215 ? NZ  ? A LYS 122 NZ  
19 1 Y 1 A LYS 217 ? CE  ? A LYS 124 CE  
20 1 Y 1 A LYS 217 ? NZ  ? A LYS 124 NZ  
21 1 Y 1 A ARG 241 ? CD  ? A ARG 148 CD  
22 1 Y 1 A ARG 241 ? NE  ? A ARG 148 NE  
23 1 Y 1 A ARG 241 ? CZ  ? A ARG 148 CZ  
24 1 Y 1 A ARG 241 ? NH1 ? A ARG 148 NH1 
25 1 Y 1 A ARG 241 ? NH2 ? A ARG 148 NH2 
# 
loop_
_software.pdbx_ordinal 
_software.name 
_software.version 
_software.date 
_software.type 
_software.contact_author 
_software.contact_author_email 
_software.classification 
_software.location 
_software.language 
_software.citation_id 
1 REFMAC      5.8.0189 ?               program 'Garib N. Murshudov' garib@ysbl.york.ac.uk    refinement        
http://www.ccp4.ac.uk/dist/html/refmac5.html        Fortran_77 ? 
2 Aimless     0.5.32   29/03/17        program 'Phil Evans'         ?                        'data scaling'    
http://www.mrc-lmb.cam.ac.uk/harry/pre/aimless.html ?          ? 
3 PDB_EXTRACT 3.23     'SEP. 23, 2016' package PDB                  deposit@deposit.rcsb.org 'data extraction' 
http://sw-tools.pdb.org/apps/PDB_EXTRACT/           C++        ? 
4 XDS         .        ?               program ?                    ?                        'data reduction'  ? ?          ? 
5 REFMAC      .        ?               program ?                    ?                        phasing           ? ?          ? 
# 
_cell.entry_id           5QP1 
_cell.length_a           48.420 
_cell.length_b           60.308 
_cell.length_c           65.629 
_cell.angle_alpha        90.000 
_cell.angle_beta         90.000 
_cell.angle_gamma        90.000 
_cell.Z_PDB              4 
_cell.pdbx_unique_axis   ? 
# 
_symmetry.entry_id                         5QP1 
_symmetry.space_group_name_H-M             'P 21 21 21' 
_symmetry.pdbx_full_space_group_name_H-M   ? 
_symmetry.cell_setting                     ? 
_symmetry.Int_Tables_number                19 
# 
_exptl.crystals_number   1 
_exptl.entry_id          5QP1 
_exptl.method            'X-RAY DIFFRACTION' 
# 
_exptl_crystal.id                    1 
_exptl_crystal.pdbx_mosaicity        0.080 
_exptl_crystal.pdbx_mosaicity_esd    ? 
_exptl_crystal.density_Matthews      2.51 
_exptl_crystal.density_diffrn        ? 
_exptl_crystal.density_meas          ? 
_exptl_crystal.density_meas_temp     ? 
_exptl_crystal.density_percent_sol   51.03 
_exptl_crystal.size_max              ? 
_exptl_crystal.size_mid              ? 
_exptl_crystal.size_min              ? 
_exptl_crystal.size_rad              ? 
_exptl_crystal.description           ? 
# 
_exptl_crystal_grow.crystal_id      1 
_exptl_crystal_grow.method          'VAPOR DIFFUSION, SITTING DROP' 
_exptl_crystal_grow.pH              4.5 
_exptl_crystal_grow.temp            277 
_exptl_crystal_grow.pdbx_details    '0.1 M acetate, pH 4.5, 5-25% PEG3350' 
_exptl_crystal_grow.temp_details    ? 
_exptl_crystal_grow.pdbx_pH_range   ? 
# 
_diffrn.id                     1 
_diffrn.ambient_temp           ? 
_diffrn.crystal_id             1 
_diffrn.ambient_temp_details   ? 
# 
_diffrn_detector.detector               PIXEL 
_diffrn_detector.type                   'DECTRIS PILATUS 2M' 
_diffrn_detector.pdbx_collection_date   2017-07-27 
_diffrn_detector.diffrn_id              1 
_diffrn_detector.details                ? 
# 
_diffrn_radiation.diffrn_id                        1 
_diffrn_radiation.wavelength_id                    1 
_diffrn_radiation.pdbx_diffrn_protocol             'SINGLE WAVELENGTH' 
_diffrn_radiation.pdbx_monochromatic_or_laue_m_l   ? 
_diffrn_radiation.monochromator                    ? 
_diffrn_radiation.pdbx_scattering_type             x-ray 
# 
_diffrn_radiation_wavelength.id           1 
_diffrn_radiation_wavelength.wavelength   0.91587 
_diffrn_radiation_wavelength.wt           1.0 
# 
_diffrn_source.diffrn_id                   1 
_diffrn_source.source                      SYNCHROTRON 
_diffrn_source.type                        'DIAMOND BEAMLINE I04-1' 
_diffrn_source.pdbx_wavelength_list        0.91587 
_diffrn_source.pdbx_synchrotron_site       Diamond 
_diffrn_source.pdbx_synchrotron_beamline   I04-1 
_diffrn_source.pdbx_wavelength             ? 
# 
_reflns.entry_id                     5QP1 
_reflns.pdbx_diffrn_id               1 
_reflns.pdbx_ordinal                 1 
_reflns.observed_criterion_sigma_I   ? 
_reflns.observed_criterion_sigma_F   ? 
_reflns.d_resolution_low             28.820 
_reflns.d_resolution_high            1.790 
_reflns.number_obs                   18762 
_reflns.number_all                   ? 
_reflns.percent_possible_obs         99.900 
_reflns.pdbx_Rmerge_I_obs            0.047 
_reflns.pdbx_Rsym_value              ? 
_reflns.pdbx_netI_over_sigmaI        20.900 
_reflns.B_iso_Wilson_estimate        ? 
_reflns.pdbx_redundancy              6.500 
_reflns.pdbx_Rrim_I_all              0.051 
_reflns.pdbx_Rpim_I_all              0.020 
_reflns.pdbx_CC_half                 0.999 
_reflns.pdbx_netI_over_av_sigmaI     ? 
_reflns.pdbx_number_measured_all     121302 
_reflns.pdbx_scaling_rejects         0 
_reflns.pdbx_chi_squared             ? 
_reflns.Rmerge_F_all                 ? 
_reflns.Rmerge_F_obs                 ? 
_reflns.observed_criterion_F_max     ? 
_reflns.observed_criterion_F_min     ? 
_reflns.observed_criterion_I_max     ? 
_reflns.observed_criterion_I_min     ? 
_reflns.pdbx_d_res_high_opt          ? 
_reflns.pdbx_d_res_low_opt           ? 
_reflns.details                      ? 
# 
loop_
_reflns_shell.pdbx_diffrn_id 
_reflns_shell.pdbx_ordinal 
_reflns_shell.d_res_high 
_reflns_shell.d_res_low 
_reflns_shell.number_measured_obs 
_reflns_shell.number_measured_all 
_reflns_shell.number_unique_obs 
_reflns_shell.pdbx_rejects 
_reflns_shell.Rmerge_I_obs 
_reflns_shell.meanI_over_sigI_obs 
_reflns_shell.pdbx_Rsym_value 
_reflns_shell.pdbx_chi_squared 
_reflns_shell.pdbx_redundancy 
_reflns_shell.percent_possible_obs 
_reflns_shell.pdbx_netI_over_sigmaI_obs 
_reflns_shell.number_possible 
_reflns_shell.number_unique_all 
_reflns_shell.Rmerge_F_all 
_reflns_shell.Rmerge_F_obs 
_reflns_shell.Rmerge_I_all 
_reflns_shell.meanI_over_sigI_all 
_reflns_shell.percent_possible_all 
_reflns_shell.pdbx_Rrim_I_all 
_reflns_shell.pdbx_Rpim_I_all 
_reflns_shell.pdbx_CC_half 
1 1 1.790 1.840  ? 8372 ? ? 0.776 ? ? ? 6.300 ? 2.100  ? 1339 ? ? ? ? 99.100 0.846 0.334 0.886 
1 2 8.000 28.820 ? 1408 ? ? 0.019 ? ? ? 5.500 ? 69.300 ? 255  ? ? ? ? 98.000 0.022 0.009 0.999 
# 
_refine.entry_id                                 5QP1 
_refine.pdbx_refine_id                           'X-RAY DIFFRACTION' 
_refine.ls_d_res_high                            1.7900 
_refine.ls_d_res_low                             44.4500 
_refine.pdbx_ls_sigma_F                          0.000 
_refine.pdbx_data_cutoff_high_absF               ? 
_refine.pdbx_data_cutoff_low_absF                ? 
_refine.ls_percent_reflns_obs                    99.6900 
_refine.ls_number_reflns_obs                     17786 
_refine.ls_number_reflns_all                     ? 
_refine.pdbx_ls_cross_valid_method               THROUGHOUT 
_refine.ls_matrix_type                           ? 
_refine.pdbx_R_Free_selection_details            RANDOM 
_refine.details                                  
'HYDROGENS HAVE BEEN ADDED IN THE RIDING POSITIONS U VALUES : REFINED INDIVIDUALLY' 
_refine.ls_R_factor_all                          ? 
_refine.ls_R_factor_obs                          0.2066 
_refine.ls_R_factor_R_work                       0.2037 
_refine.ls_wR_factor_R_work                      ? 
_refine.ls_R_factor_R_free                       0.2682 
_refine.ls_wR_factor_R_free                      ? 
_refine.ls_percent_reflns_R_free                 4.8000 
_refine.ls_number_reflns_R_free                  904 
_refine.ls_number_reflns_R_work                  ? 
_refine.ls_R_factor_R_free_error                 ? 
_refine.B_iso_mean                               40.3670 
_refine.solvent_model_param_bsol                 ? 
_refine.solvent_model_param_ksol                 ? 
_refine.pdbx_isotropic_thermal_model             ? 
_refine.aniso_B[1][1]                            2.6500 
_refine.aniso_B[2][2]                            -2.6800 
_refine.aniso_B[3][3]                            0.0300 
_refine.aniso_B[1][2]                            0.0000 
_refine.aniso_B[1][3]                            -0.0000 
_refine.aniso_B[2][3]                            0.0000 
_refine.correlation_coeff_Fo_to_Fc               0.9590 
_refine.correlation_coeff_Fo_to_Fc_free          0.9140 
_refine.overall_SU_R_Cruickshank_DPI             ? 
_refine.pdbx_overall_SU_R_free_Cruickshank_DPI   ? 
_refine.pdbx_overall_SU_R_Blow_DPI               ? 
_refine.pdbx_overall_SU_R_free_Blow_DPI          ? 
_refine.overall_SU_R_free                        ? 
_refine.pdbx_overall_ESU_R                       0.1400 
_refine.pdbx_overall_ESU_R_Free                  0.1470 
_refine.overall_SU_ML                            0.1150 
_refine.overall_SU_B                             3.7560 
_refine.solvent_model_details                    MASK 
_refine.pdbx_solvent_vdw_probe_radii             1.2000 
_refine.pdbx_solvent_ion_probe_radii             0.8000 
_refine.pdbx_solvent_shrinkage_radii             0.8000 
_refine.ls_number_parameters                     ? 
_refine.ls_number_restraints                     ? 
_refine.pdbx_starting_model                      'PDB entry 5MP0' 
_refine.pdbx_method_to_determine_struct          'FOURIER SYNTHESIS' 
_refine.pdbx_stereochemistry_target_values       'MAXIMUM LIKELIHOOD' 
_refine.pdbx_stereochem_target_val_spec_case     ? 
_refine.overall_FOM_work_R_set                   ? 
_refine.B_iso_max                                102.920 
_refine.B_iso_min                                21.280 
_refine.pdbx_overall_phase_error                 ? 
_refine.occupancy_max                            ? 
_refine.occupancy_min                            ? 
_refine.pdbx_diffrn_id                           1 
_refine.pdbx_TLS_residual_ADP_flag               ? 
_refine.pdbx_ls_sigma_I                          ? 
_refine.pdbx_data_cutoff_high_rms_absF           ? 
_refine.ls_R_factor_R_free_error_details         ? 
# 
_refine_hist.cycle_id                         final 
_refine_hist.pdbx_refine_id                   'X-RAY DIFFRACTION' 
_refine_hist.d_res_high                       1.7900 
_refine_hist.d_res_low                        44.4500 
_refine_hist.pdbx_number_atoms_ligand         39 
_refine_hist.number_atoms_solvent             84 
_refine_hist.number_atoms_total               1318 
_refine_hist.pdbx_number_residues_total       149 
_refine_hist.pdbx_B_iso_mean_ligand           65.47 
_refine_hist.pdbx_B_iso_mean_solvent          44.68 
_refine_hist.pdbx_number_atoms_protein        1195 
_refine_hist.pdbx_number_atoms_nucleic_acid   0 
# 
loop_
_refine_ls_restr.pdbx_refine_id 
_refine_ls_restr.type 
_refine_ls_restr.number 
_refine_ls_restr.dev_ideal 
_refine_ls_restr.dev_ideal_target 
_refine_ls_restr.weight 
_refine_ls_restr.pdbx_restraint_function 
'X-RAY DIFFRACTION' r_bond_refined_d       1779 0.017  0.019  ? ? 
'X-RAY DIFFRACTION' r_bond_other_d         1469 0.002  0.020  ? ? 
'X-RAY DIFFRACTION' r_angle_refined_deg    2122 1.871  1.961  ? ? 
'X-RAY DIFFRACTION' r_angle_other_deg      3394 1.114  2.974  ? ? 
'X-RAY DIFFRACTION' r_dihedral_angle_1_deg 193  6.897  5.000  ? ? 
'X-RAY DIFFRACTION' r_dihedral_angle_2_deg 75   30.007 21.467 ? ? 
'X-RAY DIFFRACTION' r_dihedral_angle_3_deg 268  15.790 15.000 ? ? 
'X-RAY DIFFRACTION' r_dihedral_angle_4_deg 19   19.826 15.000 ? ? 
'X-RAY DIFFRACTION' r_chiral_restr         208  0.118  0.200  ? ? 
'X-RAY DIFFRACTION' r_gen_planes_refined   1803 0.010  0.021  ? ? 
'X-RAY DIFFRACTION' r_gen_planes_other     374  0.003  0.020  ? ? 
'X-RAY DIFFRACTION' r_mcbond_it            809  3.561  3.802  ? ? 
'X-RAY DIFFRACTION' r_mcbond_other         796  3.561  3.765  ? ? 
'X-RAY DIFFRACTION' r_mcangle_it           931  5.329  5.549  ? ? 
# 
_refine_ls_shell.d_res_high                       1.7890 
_refine_ls_shell.d_res_low                        1.8350 
_refine_ls_shell.pdbx_total_number_of_bins_used   20 
_refine_ls_shell.percent_reflns_obs               99.1100 
_refine_ls_shell.number_reflns_R_work             1259 
_refine_ls_shell.R_factor_all                     ? 
_refine_ls_shell.R_factor_R_work                  0.2870 
_refine_ls_shell.R_factor_R_free                  0.3060 
_refine_ls_shell.percent_reflns_R_free            ? 
_refine_ls_shell.number_reflns_R_free             76 
_refine_ls_shell.R_factor_R_free_error            ? 
_refine_ls_shell.number_reflns_all                1335 
_refine_ls_shell.number_reflns_obs                ? 
_refine_ls_shell.pdbx_refine_id                   'X-RAY DIFFRACTION' 
# 
_struct.entry_id                  5QP1 
_struct.title                     
'PanDDA analysis group deposition -- Crystal Structure of DCP2 (NUDT20) in complex with Z1190363272' 
_struct.pdbx_model_details        ? 
_struct.pdbx_CASP_flag            ? 
_struct.pdbx_model_type_details   ? 
# 
_struct_keywords.entry_id        5QP1 
_struct_keywords.text            'SGC - Diamond I04-1 fragment screening, PanDDA, XChemExplorer, HYDROLASE' 
_struct_keywords.pdbx_keywords   HYDROLASE 
# 
loop_
_struct_asym.id 
_struct_asym.pdbx_blank_PDB_chainid_flag 
_struct_asym.pdbx_modified 
_struct_asym.entity_id 
_struct_asym.details 
A N N 1 ? 
B N N 2 ? 
C N N 2 ? 
D N N 3 ? 
E N N 4 ? 
F N N 4 ? 
G N N 5 ? 
H N N 6 ? 
# 
_struct_ref.id                         1 
_struct_ref.db_name                    UNP 
_struct_ref.db_code                    DCP2_HUMAN 
_struct_ref.pdbx_db_accession          Q8IU60 
_struct_ref.pdbx_db_isoform            ? 
_struct_ref.entity_id                  1 
_struct_ref.pdbx_seq_one_letter_code   
;MGVPTYGAIILDETLENVLLVQGYLAKSGWGFPKGKVNKEEAPHDCAAREVFEETGFDIKDYICKDDYIELRINDQLARL
YIIPGIPKDTKFNPKTRREIRNIEWFSIEKLPCHRNDMTPKSKLGLAPNKFFMAIPFIRPLRDWLSRRFGDSSDSDNGFS
STGSTP
;
_struct_ref.pdbx_align_begin           95 
# 
_struct_ref_seq.align_id                      1 
_struct_ref_seq.ref_id                        1 
_struct_ref_seq.pdbx_PDB_id_code              5QP1 
_struct_ref_seq.pdbx_strand_id                A 
_struct_ref_seq.seq_align_beg                 2 
_struct_ref_seq.pdbx_seq_align_beg_ins_code   ? 
_struct_ref_seq.seq_align_end                 167 
_struct_ref_seq.pdbx_seq_align_end_ins_code   ? 
_struct_ref_seq.pdbx_db_accession             Q8IU60 
_struct_ref_seq.db_align_beg                  95 
_struct_ref_seq.pdbx_db_align_beg_ins_code    ? 
_struct_ref_seq.db_align_end                  260 
_struct_ref_seq.pdbx_db_align_end_ins_code    ? 
_struct_ref_seq.pdbx_auth_seq_align_beg       95 
_struct_ref_seq.pdbx_auth_seq_align_end       260 
# 
_struct_ref_seq_dif.align_id                     1 
_struct_ref_seq_dif.pdbx_pdb_id_code             5QP1 
_struct_ref_seq_dif.mon_id                       SER 
_struct_ref_seq_dif.pdbx_pdb_strand_id           A 
_struct_ref_seq_dif.seq_num                      1 
_struct_ref_seq_dif.pdbx_pdb_ins_code            ? 
_struct_ref_seq_dif.pdbx_seq_db_name             UNP 
_struct_ref_seq_dif.pdbx_seq_db_accession_code   Q8IU60 
_struct_ref_seq_dif.db_mon_id                    ? 
_struct_ref_seq_dif.pdbx_seq_db_seq_num          ? 
_struct_ref_seq_dif.details                      'expression tag' 
_struct_ref_seq_dif.pdbx_auth_seq_num            94 
_struct_ref_seq_dif.pdbx_ordinal                 1 
# 
_pdbx_struct_assembly.id                   1 
_pdbx_struct_assembly.details              author_and_software_defined_assembly 
_pdbx_struct_assembly.method_details       PISA 
_pdbx_struct_assembly.oligomeric_details   monomeric 
_pdbx_struct_assembly.oligomeric_count     1 
# 
loop_
_pdbx_struct_assembly_prop.biol_id 
_pdbx_struct_assembly_prop.type 
_pdbx_struct_assembly_prop.value 
_pdbx_struct_assembly_prop.details 
1 'ABSA (A^2)' 850  ? 
1 MORE         5    ? 
1 'SSA (A^2)'  8660 ? 
# 
_pdbx_struct_assembly_gen.assembly_id       1 
_pdbx_struct_assembly_gen.oper_expression   1 
_pdbx_struct_assembly_gen.asym_id_list      A,B,C,D,E,F,G,H 
# 
_pdbx_struct_oper_list.id                   1 
_pdbx_struct_oper_list.type                 'identity operation' 
_pdbx_struct_oper_list.name                 1_555 
_pdbx_struct_oper_list.symmetry_operation   x,y,z 
_pdbx_struct_oper_list.matrix[1][1]         1.0000000000 
_pdbx_struct_oper_list.matrix[1][2]         0.0000000000 
_pdbx_struct_oper_list.matrix[1][3]         0.0000000000 
_pdbx_struct_oper_list.vector[1]            0.0000000000 
_pdbx_struct_oper_list.matrix[2][1]         0.0000000000 
_pdbx_struct_oper_list.matrix[2][2]         1.0000000000 
_pdbx_struct_oper_list.matrix[2][3]         0.0000000000 
_pdbx_struct_oper_list.vector[2]            0.0000000000 
_pdbx_struct_oper_list.matrix[3][1]         0.0000000000 
_pdbx_struct_oper_list.matrix[3][2]         0.0000000000 
_pdbx_struct_oper_list.matrix[3][3]         1.0000000000 
_pdbx_struct_oper_list.vector[3]            0.0000000000 
# 
loop_
_struct_conf.conf_type_id 
_struct_conf.id 
_struct_conf.pdbx_PDB_helix_id 
_struct_conf.beg_label_comp_id 
_struct_conf.beg_label_asym_id 
_struct_conf.beg_label_seq_id 
_struct_conf.pdbx_beg_PDB_ins_code 
_struct_conf.end_label_comp_id 
_struct_conf.end_label_asym_id 
_struct_conf.end_label_seq_id 
_struct_conf.pdbx_end_PDB_ins_code 
_struct_conf.beg_auth_comp_id 
_struct_conf.beg_auth_asym_id 
_struct_conf.beg_auth_seq_id 
_struct_conf.end_auth_comp_id 
_struct_conf.end_auth_asym_id 
_struct_conf.end_auth_seq_id 
_struct_conf.pdbx_PDB_helix_class 
_struct_conf.details 
_struct_conf.pdbx_PDB_helix_length 
HELX_P HELX_P1 AA1 TYR A 25  ? SER A 29  ? TYR A 118 SER A 122 5 ? 5  
HELX_P HELX_P2 AA2 ALA A 43  ? GLY A 57  ? ALA A 136 GLY A 150 1 ? 15 
HELX_P HELX_P3 AA3 GLU A 110 ? LEU A 112 ? GLU A 203 LEU A 205 5 ? 3  
HELX_P HELX_P4 AA4 MET A 119 ? SER A 123 ? MET A 212 SER A 216 5 ? 5  
HELX_P HELX_P5 AA5 ALA A 135 ? PHE A 150 ? ALA A 228 PHE A 243 1 ? 16 
# 
_struct_conf_type.id          HELX_P 
_struct_conf_type.criteria    ? 
_struct_conf_type.reference   ? 
# 
loop_
_struct_sheet.id 
_struct_sheet.type 
_struct_sheet.number_strands 
_struct_sheet.details 
AA1 ? 4 ? 
AA2 ? 3 ? 
# 
loop_
_struct_sheet_order.sheet_id 
_struct_sheet_order.range_id_1 
_struct_sheet_order.range_id_2 
_struct_sheet_order.offset 
_struct_sheet_order.sense 
AA1 1 2 ? anti-parallel 
AA1 2 3 ? parallel      
AA1 3 4 ? anti-parallel 
AA2 1 2 ? anti-parallel 
AA2 2 3 ? anti-parallel 
# 
loop_
_struct_sheet_range.sheet_id 
_struct_sheet_range.id 
_struct_sheet_range.beg_label_comp_id 
_struct_sheet_range.beg_label_asym_id 
_struct_sheet_range.beg_label_seq_id 
_struct_sheet_range.pdbx_beg_PDB_ins_code 
_struct_sheet_range.end_label_comp_id 
_struct_sheet_range.end_label_asym_id 
_struct_sheet_range.end_label_seq_id 
_struct_sheet_range.pdbx_end_PDB_ins_code 
_struct_sheet_range.beg_auth_comp_id 
_struct_sheet_range.beg_auth_asym_id 
_struct_sheet_range.beg_auth_seq_id 
_struct_sheet_range.end_auth_comp_id 
_struct_sheet_range.end_auth_asym_id 
_struct_sheet_range.end_auth_seq_id 
AA1 1 LYS A 35  ? LYS A 37  ? LYS A 128 LYS A 130 
AA1 2 THR A 6   ? ILE A 11  ? THR A 99  ILE A 104 
AA1 3 GLN A 77  ? ILE A 84  ? GLN A 170 ILE A 177 
AA1 4 TYR A 69  ? ILE A 74  ? TYR A 162 ILE A 167 
AA2 1 TRP A 31  ? GLY A 32  ? TRP A 124 GLY A 125 
AA2 2 ASN A 18  ? GLN A 23  ? ASN A 111 GLN A 116 
AA2 3 ASN A 103 ? SER A 108 ? ASN A 196 SER A 201 
# 
loop_
_pdbx_struct_sheet_hbond.sheet_id 
_pdbx_struct_sheet_hbond.range_id_1 
_pdbx_struct_sheet_hbond.range_id_2 
_pdbx_struct_sheet_hbond.range_1_label_atom_id 
_pdbx_struct_sheet_hbond.range_1_label_comp_id 
_pdbx_struct_sheet_hbond.range_1_label_asym_id 
_pdbx_struct_sheet_hbond.range_1_label_seq_id 
_pdbx_struct_sheet_hbond.range_1_PDB_ins_code 
_pdbx_struct_sheet_hbond.range_1_auth_atom_id 
_pdbx_struct_sheet_hbond.range_1_auth_comp_id 
_pdbx_struct_sheet_hbond.range_1_auth_asym_id 
_pdbx_struct_sheet_hbond.range_1_auth_seq_id 
_pdbx_struct_sheet_hbond.range_2_label_atom_id 
_pdbx_struct_sheet_hbond.range_2_label_comp_id 
_pdbx_struct_sheet_hbond.range_2_label_asym_id 
_pdbx_struct_sheet_hbond.range_2_label_seq_id 
_pdbx_struct_sheet_hbond.range_2_PDB_ins_code 
_pdbx_struct_sheet_hbond.range_2_auth_atom_id 
_pdbx_struct_sheet_hbond.range_2_auth_comp_id 
_pdbx_struct_sheet_hbond.range_2_auth_asym_id 
_pdbx_struct_sheet_hbond.range_2_auth_seq_id 
AA1 1 2 O GLY A 36 ? O GLY A 129 N TYR A 7   ? N TYR A 100 
AA1 2 3 N ILE A 10 ? N ILE A 103 O ILE A 84  ? O ILE A 177 
AA1 3 4 O GLN A 77 ? O GLN A 170 N ILE A 74  ? N ILE A 167 
AA2 1 2 O GLY A 32 ? O GLY A 125 N VAL A 22  ? N VAL A 115 
AA2 2 3 N LEU A 21 ? N LEU A 114 O GLU A 105 ? O GLU A 198 
# 
loop_
_struct_site.id 
_struct_site.pdbx_evidence_code 
_struct_site.pdbx_auth_asym_id 
_struct_site.pdbx_auth_comp_id 
_struct_site.pdbx_auth_seq_id 
_struct_site.pdbx_auth_ins_code 
_struct_site.pdbx_num_residues 
_struct_site.details 
AC1 Software A EDO 301 ? 3 'binding site for residue EDO A 301' 
AC2 Software A EDO 302 ? 3 'binding site for residue EDO A 302' 
AC3 Software A DMS 303 ? 2 'binding site for residue DMS A 303' 
AC4 Software A ACT 304 ? 3 'binding site for residue ACT A 304' 
AC5 Software A ACT 305 ? 5 'binding site for residue ACT A 305' 
AC6 Software A LJ7 306 ? 8 'binding site for residue LJ7 A 306' 
# 
loop_
_struct_site_gen.id 
_struct_site_gen.site_id 
_struct_site_gen.pdbx_num_res 
_struct_site_gen.label_comp_id 
_struct_site_gen.label_asym_id 
_struct_site_gen.label_seq_id 
_struct_site_gen.pdbx_auth_ins_code 
_struct_site_gen.auth_comp_id 
_struct_site_gen.auth_asym_id 
_struct_site_gen.auth_seq_id 
_struct_site_gen.label_atom_id 
_struct_site_gen.label_alt_id 
_struct_site_gen.symmetry 
_struct_site_gen.details 
1  AC1 3 PHE A 53  ? PHE A 146 . ? 1_555 ? 
2  AC1 3 ASP A 59  ? ASP A 152 . ? 1_555 ? 
3  AC1 3 LYS A 61  ? LYS A 154 . ? 1_555 ? 
4  AC2 3 ASN A 130 ? ASN A 223 . ? 1_555 ? 
5  AC2 3 LYS A 131 ? LYS A 224 . ? 1_555 ? 
6  AC2 3 ACT F .   ? ACT A 305 . ? 1_555 ? 
7  AC3 2 ASN A 18  ? ASN A 111 . ? 1_555 ? 
8  AC3 2 TRP A 106 ? TRP A 199 . ? 1_555 ? 
9  AC4 3 SER A 29  ? SER A 122 . ? 1_555 ? 
10 AC4 3 TYR A 63  ? TYR A 156 . ? 3_357 ? 
11 AC4 3 HOH H .   ? HOH A 414 . ? 1_555 ? 
12 AC5 5 ARG A 116 ? ARG A 209 . ? 1_555 ? 
13 AC5 5 PRO A 129 ? PRO A 222 . ? 1_555 ? 
14 AC5 5 ASN A 130 ? ASN A 223 . ? 1_555 ? 
15 AC5 5 PHE A 133 ? PHE A 226 . ? 1_555 ? 
16 AC5 5 EDO C .   ? EDO A 302 . ? 1_555 ? 
17 AC6 8 GLY A 24  ? GLY A 117 . ? 1_555 ? 
18 AC6 8 ALA A 27  ? ALA A 120 . ? 1_555 ? 
19 AC6 8 LYS A 28  ? LYS A 121 . ? 1_555 ? 
20 AC6 8 GLU A 55  ? GLU A 148 . ? 1_555 ? 
21 AC6 8 ILE A 101 ? ILE A 194 . ? 1_555 ? 
22 AC6 8 PHE A 133 ? PHE A 226 . ? 1_555 ? 
23 AC6 8 MET A 134 ? MET A 227 . ? 1_555 ? 
24 AC6 8 HOH H .   ? HOH A 412 . ? 1_555 ? 
# 
loop_
_pdbx_validate_rmsd_angle.id 
_pdbx_validate_rmsd_angle.PDB_model_num 
_pdbx_validate_rmsd_angle.auth_atom_id_1 
_pdbx_validate_rmsd_angle.auth_asym_id_1 
_pdbx_validate_rmsd_angle.auth_comp_id_1 
_pdbx_validate_rmsd_angle.auth_seq_id_1 
_pdbx_validate_rmsd_angle.PDB_ins_code_1 
_pdbx_validate_rmsd_angle.label_alt_id_1 
_pdbx_validate_rmsd_angle.auth_atom_id_2 
_pdbx_validate_rmsd_angle.auth_asym_id_2 
_pdbx_validate_rmsd_angle.auth_comp_id_2 
_pdbx_validate_rmsd_angle.auth_seq_id_2 
_pdbx_validate_rmsd_angle.PDB_ins_code_2 
_pdbx_validate_rmsd_angle.label_alt_id_2 
_pdbx_validate_rmsd_angle.auth_atom_id_3 
_pdbx_validate_rmsd_angle.auth_asym_id_3 
_pdbx_validate_rmsd_angle.auth_comp_id_3 
_pdbx_validate_rmsd_angle.auth_seq_id_3 
_pdbx_validate_rmsd_angle.PDB_ins_code_3 
_pdbx_validate_rmsd_angle.label_alt_id_3 
_pdbx_validate_rmsd_angle.angle_value 
_pdbx_validate_rmsd_angle.angle_target_value 
_pdbx_validate_rmsd_angle.angle_deviation 
_pdbx_validate_rmsd_angle.angle_standard_deviation 
_pdbx_validate_rmsd_angle.linker_flag 
1 1 CB A ASP 106 ? ? CG A ASP 106 ? ? OD2 A ASP 106 ? ? 112.89 118.30 -5.41 0.90 N 
2 1 CB A ASP 169 ? ? CG A ASP 169 ? ? OD2 A ASP 169 ? ? 112.64 118.30 -5.66 0.90 N 
# 
loop_
_pdbx_validate_torsion.id 
_pdbx_validate_torsion.PDB_model_num 
_pdbx_validate_torsion.auth_comp_id 
_pdbx_validate_torsion.auth_asym_id 
_pdbx_validate_torsion.auth_seq_id 
_pdbx_validate_torsion.PDB_ins_code 
_pdbx_validate_torsion.label_alt_id 
_pdbx_validate_torsion.phi 
_pdbx_validate_torsion.psi 
1 1 LEU A 119 ? ? 58.30  -112.14 
2 1 LYS A 133 ? ? -38.75 130.92  
3 1 ASP A 211 ? ? -77.11 -168.32 
# 
_phasing.method   MR 
# 
loop_
_pdbx_unobs_or_zero_occ_residues.id 
_pdbx_unobs_or_zero_occ_residues.PDB_model_num 
_pdbx_unobs_or_zero_occ_residues.polymer_flag 
_pdbx_unobs_or_zero_occ_residues.occupancy_flag 
_pdbx_unobs_or_zero_occ_residues.auth_asym_id 
_pdbx_unobs_or_zero_occ_residues.auth_comp_id 
_pdbx_unobs_or_zero_occ_residues.auth_seq_id 
_pdbx_unobs_or_zero_occ_residues.PDB_ins_code 
_pdbx_unobs_or_zero_occ_residues.label_asym_id 
_pdbx_unobs_or_zero_occ_residues.label_comp_id 
_pdbx_unobs_or_zero_occ_residues.label_seq_id 
1  1 Y 1 A SER 94  ? A SER 1   
2  1 Y 1 A MET 95  ? A MET 2   
3  1 Y 1 A ASP 245 ? A ASP 152 
4  1 Y 1 A SER 246 ? A SER 153 
5  1 Y 1 A SER 247 ? A SER 154 
6  1 Y 1 A ASP 248 ? A ASP 155 
7  1 Y 1 A SER 249 ? A SER 156 
8  1 Y 1 A ASP 250 ? A ASP 157 
9  1 Y 1 A ASN 251 ? A ASN 158 
10 1 Y 1 A GLY 252 ? A GLY 159 
11 1 Y 1 A PHE 253 ? A PHE 160 
12 1 Y 1 A SER 254 ? A SER 161 
13 1 Y 1 A SER 255 ? A SER 162 
14 1 Y 1 A THR 256 ? A THR 163 
15 1 Y 1 A GLY 257 ? A GLY 164 
16 1 Y 1 A SER 258 ? A SER 165 
17 1 Y 1 A THR 259 ? A THR 166 
18 1 Y 1 A PRO 260 ? A PRO 167 
# 
loop_
_chem_comp_atom.comp_id 
_chem_comp_atom.atom_id 
_chem_comp_atom.type_symbol 
_chem_comp_atom.pdbx_aromatic_flag 
_chem_comp_atom.pdbx_stereo_config 
_chem_comp_atom.pdbx_ordinal 
ACT C    C N N 1   
ACT O    O N N 2   
ACT OXT  O N N 3   
ACT CH3  C N N 4   
ACT H1   H N N 5   
ACT H2   H N N 6   
ACT H3   H N N 7   
ALA N    N N N 8   
ALA CA   C N S 9   
ALA C    C N N 10  
ALA O    O N N 11  
ALA CB   C N N 12  
ALA OXT  O N N 13  
ALA H    H N N 14  
ALA H2   H N N 15  
ALA HA   H N N 16  
ALA HB1  H N N 17  
ALA HB2  H N N 18  
ALA HB3  H N N 19  
ALA HXT  H N N 20  
ARG N    N N N 21  
ARG CA   C N S 22  
ARG C    C N N 23  
ARG O    O N N 24  
ARG CB   C N N 25  
ARG CG   C N N 26  
ARG CD   C N N 27  
ARG NE   N N N 28  
ARG CZ   C N N 29  
ARG NH1  N N N 30  
ARG NH2  N N N 31  
ARG OXT  O N N 32  
ARG H    H N N 33  
ARG H2   H N N 34  
ARG HA   H N N 35  
ARG HB2  H N N 36  
ARG HB3  H N N 37  
ARG HG2  H N N 38  
ARG HG3  H N N 39  
ARG HD2  H N N 40  
ARG HD3  H N N 41  
ARG HE   H N N 42  
ARG HH11 H N N 43  
ARG HH12 H N N 44  
ARG HH21 H N N 45  
ARG HH22 H N N 46  
ARG HXT  H N N 47  
ASN N    N N N 48  
ASN CA   C N S 49  
ASN C    C N N 50  
ASN O    O N N 51  
ASN CB   C N N 52  
ASN CG   C N N 53  
ASN OD1  O N N 54  
ASN ND2  N N N 55  
ASN OXT  O N N 56  
ASN H    H N N 57  
ASN H2   H N N 58  
ASN HA   H N N 59  
ASN HB2  H N N 60  
ASN HB3  H N N 61  
ASN HD21 H N N 62  
ASN HD22 H N N 63  
ASN HXT  H N N 64  
ASP N    N N N 65  
ASP CA   C N S 66  
ASP C    C N N 67  
ASP O    O N N 68  
ASP CB   C N N 69  
ASP CG   C N N 70  
ASP OD1  O N N 71  
ASP OD2  O N N 72  
ASP OXT  O N N 73  
ASP H    H N N 74  
ASP H2   H N N 75  
ASP HA   H N N 76  
ASP HB2  H N N 77  
ASP HB3  H N N 78  
ASP HD2  H N N 79  
ASP HXT  H N N 80  
CYS N    N N N 81  
CYS CA   C N R 82  
CYS C    C N N 83  
CYS O    O N N 84  
CYS CB   C N N 85  
CYS SG   S N N 86  
CYS OXT  O N N 87  
CYS H    H N N 88  
CYS H2   H N N 89  
CYS HA   H N N 90  
CYS HB2  H N N 91  
CYS HB3  H N N 92  
CYS HG   H N N 93  
CYS HXT  H N N 94  
DMS S    S N N 95  
DMS O    O N N 96  
DMS C1   C N N 97  
DMS C2   C N N 98  
DMS H11  H N N 99  
DMS H12  H N N 100 
DMS H13  H N N 101 
DMS H21  H N N 102 
DMS H22  H N N 103 
DMS H23  H N N 104 
EDO C1   C N N 105 
EDO O1   O N N 106 
EDO C2   C N N 107 
EDO O2   O N N 108 
EDO H11  H N N 109 
EDO H12  H N N 110 
EDO HO1  H N N 111 
EDO H21  H N N 112 
EDO H22  H N N 113 
EDO HO2  H N N 114 
GLN N    N N N 115 
GLN CA   C N S 116 
GLN C    C N N 117 
GLN O    O N N 118 
GLN CB   C N N 119 
GLN CG   C N N 120 
GLN CD   C N N 121 
GLN OE1  O N N 122 
GLN NE2  N N N 123 
GLN OXT  O N N 124 
GLN H    H N N 125 
GLN H2   H N N 126 
GLN HA   H N N 127 
GLN HB2  H N N 128 
GLN HB3  H N N 129 
GLN HG2  H N N 130 
GLN HG3  H N N 131 
GLN HE21 H N N 132 
GLN HE22 H N N 133 
GLN HXT  H N N 134 
GLU N    N N N 135 
GLU CA   C N S 136 
GLU C    C N N 137 
GLU O    O N N 138 
GLU CB   C N N 139 
GLU CG   C N N 140 
GLU CD   C N N 141 
GLU OE1  O N N 142 
GLU OE2  O N N 143 
GLU OXT  O N N 144 
GLU H    H N N 145 
GLU H2   H N N 146 
GLU HA   H N N 147 
GLU HB2  H N N 148 
GLU HB3  H N N 149 
GLU HG2  H N N 150 
GLU HG3  H N N 151 
GLU HE2  H N N 152 
GLU HXT  H N N 153 
GLY N    N N N 154 
GLY CA   C N N 155 
GLY C    C N N 156 
GLY O    O N N 157 
GLY OXT  O N N 158 
GLY H    H N N 159 
GLY H2   H N N 160 
GLY HA2  H N N 161 
GLY HA3  H N N 162 
GLY HXT  H N N 163 
HIS N    N N N 164 
HIS CA   C N S 165 
HIS C    C N N 166 
HIS O    O N N 167 
HIS CB   C N N 168 
HIS CG   C Y N 169 
HIS ND1  N Y N 170 
HIS CD2  C Y N 171 
HIS CE1  C Y N 172 
HIS NE2  N Y N 173 
HIS OXT  O N N 174 
HIS H    H N N 175 
HIS H2   H N N 176 
HIS HA   H N N 177 
HIS HB2  H N N 178 
HIS HB3  H N N 179 
HIS HD1  H N N 180 
HIS HD2  H N N 181 
HIS HE1  H N N 182 
HIS HE2  H N N 183 
HIS HXT  H N N 184 
HOH O    O N N 185 
HOH H1   H N N 186 
HOH H2   H N N 187 
ILE N    N N N 188 
ILE CA   C N S 189 
ILE C    C N N 190 
ILE O    O N N 191 
ILE CB   C N S 192 
ILE CG1  C N N 193 
ILE CG2  C N N 194 
ILE CD1  C N N 195 
ILE OXT  O N N 196 
ILE H    H N N 197 
ILE H2   H N N 198 
ILE HA   H N N 199 
ILE HB   H N N 200 
ILE HG12 H N N 201 
ILE HG13 H N N 202 
ILE HG21 H N N 203 
ILE HG22 H N N 204 
ILE HG23 H N N 205 
ILE HD11 H N N 206 
ILE HD12 H N N 207 
ILE HD13 H N N 208 
ILE HXT  H N N 209 
LEU N    N N N 210 
LEU CA   C N S 211 
LEU C    C N N 212 
LEU O    O N N 213 
LEU CB   C N N 214 
LEU CG   C N N 215 
LEU CD1  C N N 216 
LEU CD2  C N N 217 
LEU OXT  O N N 218 
LEU H    H N N 219 
LEU H2   H N N 220 
LEU HA   H N N 221 
LEU HB2  H N N 222 
LEU HB3  H N N 223 
LEU HG   H N N 224 
LEU HD11 H N N 225 
LEU HD12 H N N 226 
LEU HD13 H N N 227 
LEU HD21 H N N 228 
LEU HD22 H N N 229 
LEU HD23 H N N 230 
LEU HXT  H N N 231 
LJ7 N1   N Y N 232 
LJ7 N3   N N N 233 
LJ7 C4   C Y N 234 
LJ7 C5   C Y N 235 
LJ7 C6   C Y N 236 
LJ7 C7   C N N 237 
LJ7 C8   C N N 238 
LJ7 C10  C Y N 239 
LJ7 C13  C Y N 240 
LJ7 C1   C N N 241 
LJ7 C11  C Y N 242 
LJ7 C12  C Y N 243 
LJ7 C14  C Y N 244 
LJ7 C2   C N N 245 
LJ7 C3   C N N 246 
LJ7 C9   C Y N 247 
LJ7 F1   F N N 248 
LJ7 N2   N Y N 249 
LJ7 O1   O N N 250 
LJ7 H1   H N N 251 
LJ7 H2   H N N 252 
LJ7 H3   H N N 253 
LJ7 H4   H N N 254 
LJ7 H5   H N N 255 
LJ7 H6   H N N 256 
LJ7 H7   H N N 257 
LJ7 H8   H N N 258 
LJ7 H9   H N N 259 
LJ7 H10  H N N 260 
LJ7 H11  H N N 261 
LJ7 H12  H N N 262 
LJ7 H13  H N N 263 
LJ7 H14  H N N 264 
LJ7 H15  H N N 265 
LJ7 H16  H N N 266 
LYS N    N N N 267 
LYS CA   C N S 268 
LYS C    C N N 269 
LYS O    O N N 270 
LYS CB   C N N 271 
LYS CG   C N N 272 
LYS CD   C N N 273 
LYS CE   C N N 274 
LYS NZ   N N N 275 
LYS OXT  O N N 276 
LYS H    H N N 277 
LYS H2   H N N 278 
LYS HA   H N N 279 
LYS HB2  H N N 280 
LYS HB3  H N N 281 
LYS HG2  H N N 282 
LYS HG3  H N N 283 
LYS HD2  H N N 284 
LYS HD3  H N N 285 
LYS HE2  H N N 286 
LYS HE3  H N N 287 
LYS HZ1  H N N 288 
LYS HZ2  H N N 289 
LYS HZ3  H N N 290 
LYS HXT  H N N 291 
MET N    N N N 292 
MET CA   C N S 293 
MET C    C N N 294 
MET O    O N N 295 
MET CB   C N N 296 
MET CG   C N N 297 
MET SD   S N N 298 
MET CE   C N N 299 
MET OXT  O N N 300 
MET H    H N N 301 
MET H2   H N N 302 
MET HA   H N N 303 
MET HB2  H N N 304 
MET HB3  H N N 305 
MET HG2  H N N 306 
MET HG3  H N N 307 
MET HE1  H N N 308 
MET HE2  H N N 309 
MET HE3  H N N 310 
MET HXT  H N N 311 
PHE N    N N N 312 
PHE CA   C N S 313 
PHE C    C N N 314 
PHE O    O N N 315 
PHE CB   C N N 316 
PHE CG   C Y N 317 
PHE CD1  C Y N 318 
PHE CD2  C Y N 319 
PHE CE1  C Y N 320 
PHE CE2  C Y N 321 
PHE CZ   C Y N 322 
PHE OXT  O N N 323 
PHE H    H N N 324 
PHE H2   H N N 325 
PHE HA   H N N 326 
PHE HB2  H N N 327 
PHE HB3  H N N 328 
PHE HD1  H N N 329 
PHE HD2  H N N 330 
PHE HE1  H N N 331 
PHE HE2  H N N 332 
PHE HZ   H N N 333 
PHE HXT  H N N 334 
PRO N    N N N 335 
PRO CA   C N S 336 
PRO C    C N N 337 
PRO O    O N N 338 
PRO CB   C N N 339 
PRO CG   C N N 340 
PRO CD   C N N 341 
PRO OXT  O N N 342 
PRO H    H N N 343 
PRO HA   H N N 344 
PRO HB2  H N N 345 
PRO HB3  H N N 346 
PRO HG2  H N N 347 
PRO HG3  H N N 348 
PRO HD2  H N N 349 
PRO HD3  H N N 350 
PRO HXT  H N N 351 
SER N    N N N 352 
SER CA   C N S 353 
SER C    C N N 354 
SER O    O N N 355 
SER CB   C N N 356 
SER OG   O N N 357 
SER OXT  O N N 358 
SER H    H N N 359 
SER H2   H N N 360 
SER HA   H N N 361 
SER HB2  H N N 362 
SER HB3  H N N 363 
SER HG   H N N 364 
SER HXT  H N N 365 
THR N    N N N 366 
THR CA   C N S 367 
THR C    C N N 368 
THR O    O N N 369 
THR CB   C N R 370 
THR OG1  O N N 371 
THR CG2  C N N 372 
THR OXT  O N N 373 
THR H    H N N 374 
THR H2   H N N 375 
THR HA   H N N 376 
THR HB   H N N 377 
THR HG1  H N N 378 
THR HG21 H N N 379 
THR HG22 H N N 380 
THR HG23 H N N 381 
THR HXT  H N N 382 
TRP N    N N N 383 
TRP CA   C N S 384 
TRP C    C N N 385 
TRP O    O N N 386 
TRP CB   C N N 387 
TRP CG   C Y N 388 
TRP CD1  C Y N 389 
TRP CD2  C Y N 390 
TRP NE1  N Y N 391 
TRP CE2  C Y N 392 
TRP CE3  C Y N 393 
TRP CZ2  C Y N 394 
TRP CZ3  C Y N 395 
TRP CH2  C Y N 396 
TRP OXT  O N N 397 
TRP H    H N N 398 
TRP H2   H N N 399 
TRP HA   H N N 400 
TRP HB2  H N N 401 
TRP HB3  H N N 402 
TRP HD1  H N N 403 
TRP HE1  H N N 404 
TRP HE3  H N N 405 
TRP HZ2  H N N 406 
TRP HZ3  H N N 407 
TRP HH2  H N N 408 
TRP HXT  H N N 409 
TYR N    N N N 410 
TYR CA   C N S 411 
TYR C    C N N 412 
TYR O    O N N 413 
TYR CB   C N N 414 
TYR CG   C Y N 415 
TYR CD1  C Y N 416 
TYR CD2  C Y N 417 
TYR CE1  C Y N 418 
TYR CE2  C Y N 419 
TYR CZ   C Y N 420 
TYR OH   O N N 421 
TYR OXT  O N N 422 
TYR H    H N N 423 
TYR H2   H N N 424 
TYR HA   H N N 425 
TYR HB2  H N N 426 
TYR HB3  H N N 427 
TYR HD1  H N N 428 
TYR HD2  H N N 429 
TYR HE1  H N N 430 
TYR HE2  H N N 431 
TYR HH   H N N 432 
TYR HXT  H N N 433 
VAL N    N N N 434 
VAL CA   C N S 435 
VAL C    C N N 436 
VAL O    O N N 437 
VAL CB   C N N 438 
VAL CG1  C N N 439 
VAL CG2  C N N 440 
VAL OXT  O N N 441 
VAL H    H N N 442 
VAL H2   H N N 443 
VAL HA   H N N 444 
VAL HB   H N N 445 
VAL HG11 H N N 446 
VAL HG12 H N N 447 
VAL HG13 H N N 448 
VAL HG21 H N N 449 
VAL HG22 H N N 450 
VAL HG23 H N N 451 
VAL HXT  H N N 452 
# 
loop_
_chem_comp_bond.comp_id 
_chem_comp_bond.atom_id_1 
_chem_comp_bond.atom_id_2 
_chem_comp_bond.value_order 
_chem_comp_bond.pdbx_aromatic_flag 
_chem_comp_bond.pdbx_stereo_config 
_chem_comp_bond.pdbx_ordinal 
ACT C   O    doub N N 1   
ACT C   OXT  sing N N 2   
ACT C   CH3  sing N N 3   
ACT CH3 H1   sing N N 4   
ACT CH3 H2   sing N N 5   
ACT CH3 H3   sing N N 6   
ALA N   CA   sing N N 7   
ALA N   H    sing N N 8   
ALA N   H2   sing N N 9   
ALA CA  C    sing N N 10  
ALA CA  CB   sing N N 11  
ALA CA  HA   sing N N 12  
ALA C   O    doub N N 13  
ALA C   OXT  sing N N 14  
ALA CB  HB1  sing N N 15  
ALA CB  HB2  sing N N 16  
ALA CB  HB3  sing N N 17  
ALA OXT HXT  sing N N 18  
ARG N   CA   sing N N 19  
ARG N   H    sing N N 20  
ARG N   H2   sing N N 21  
ARG CA  C    sing N N 22  
ARG CA  CB   sing N N 23  
ARG CA  HA   sing N N 24  
ARG C   O    doub N N 25  
ARG C   OXT  sing N N 26  
ARG CB  CG   sing N N 27  
ARG CB  HB2  sing N N 28  
ARG CB  HB3  sing N N 29  
ARG CG  CD   sing N N 30  
ARG CG  HG2  sing N N 31  
ARG CG  HG3  sing N N 32  
ARG CD  NE   sing N N 33  
ARG CD  HD2  sing N N 34  
ARG CD  HD3  sing N N 35  
ARG NE  CZ   sing N N 36  
ARG NE  HE   sing N N 37  
ARG CZ  NH1  sing N N 38  
ARG CZ  NH2  doub N N 39  
ARG NH1 HH11 sing N N 40  
ARG NH1 HH12 sing N N 41  
ARG NH2 HH21 sing N N 42  
ARG NH2 HH22 sing N N 43  
ARG OXT HXT  sing N N 44  
ASN N   CA   sing N N 45  
ASN N   H    sing N N 46  
ASN N   H2   sing N N 47  
ASN CA  C    sing N N 48  
ASN CA  CB   sing N N 49  
ASN CA  HA   sing N N 50  
ASN C   O    doub N N 51  
ASN C   OXT  sing N N 52  
ASN CB  CG   sing N N 53  
ASN CB  HB2  sing N N 54  
ASN CB  HB3  sing N N 55  
ASN CG  OD1  doub N N 56  
ASN CG  ND2  sing N N 57  
ASN ND2 HD21 sing N N 58  
ASN ND2 HD22 sing N N 59  
ASN OXT HXT  sing N N 60  
ASP N   CA   sing N N 61  
ASP N   H    sing N N 62  
ASP N   H2   sing N N 63  
ASP CA  C    sing N N 64  
ASP CA  CB   sing N N 65  
ASP CA  HA   sing N N 66  
ASP C   O    doub N N 67  
ASP C   OXT  sing N N 68  
ASP CB  CG   sing N N 69  
ASP CB  HB2  sing N N 70  
ASP CB  HB3  sing N N 71  
ASP CG  OD1  doub N N 72  
ASP CG  OD2  sing N N 73  
ASP OD2 HD2  sing N N 74  
ASP OXT HXT  sing N N 75  
CYS N   CA   sing N N 76  
CYS N   H    sing N N 77  
CYS N   H2   sing N N 78  
CYS CA  C    sing N N 79  
CYS CA  CB   sing N N 80  
CYS CA  HA   sing N N 81  
CYS C   O    doub N N 82  
CYS C   OXT  sing N N 83  
CYS CB  SG   sing N N 84  
CYS CB  HB2  sing N N 85  
CYS CB  HB3  sing N N 86  
CYS SG  HG   sing N N 87  
CYS OXT HXT  sing N N 88  
DMS S   O    doub N N 89  
DMS S   C1   sing N N 90  
DMS S   C2   sing N N 91  
DMS C1  H11  sing N N 92  
DMS C1  H12  sing N N 93  
DMS C1  H13  sing N N 94  
DMS C2  H21  sing N N 95  
DMS C2  H22  sing N N 96  
DMS C2  H23  sing N N 97  
EDO C1  O1   sing N N 98  
EDO C1  C2   sing N N 99  
EDO C1  H11  sing N N 100 
EDO C1  H12  sing N N 101 
EDO O1  HO1  sing N N 102 
EDO C2  O2   sing N N 103 
EDO C2  H21  sing N N 104 
EDO C2  H22  sing N N 105 
EDO O2  HO2  sing N N 106 
GLN N   CA   sing N N 107 
GLN N   H    sing N N 108 
GLN N   H2   sing N N 109 
GLN CA  C    sing N N 110 
GLN CA  CB   sing N N 111 
GLN CA  HA   sing N N 112 
GLN C   O    doub N N 113 
GLN C   OXT  sing N N 114 
GLN CB  CG   sing N N 115 
GLN CB  HB2  sing N N 116 
GLN CB  HB3  sing N N 117 
GLN CG  CD   sing N N 118 
GLN CG  HG2  sing N N 119 
GLN CG  HG3  sing N N 120 
GLN CD  OE1  doub N N 121 
GLN CD  NE2  sing N N 122 
GLN NE2 HE21 sing N N 123 
GLN NE2 HE22 sing N N 124 
GLN OXT HXT  sing N N 125 
GLU N   CA   sing N N 126 
GLU N   H    sing N N 127 
GLU N   H2   sing N N 128 
GLU CA  C    sing N N 129 
GLU CA  CB   sing N N 130 
GLU CA  HA   sing N N 131 
GLU C   O    doub N N 132 
GLU C   OXT  sing N N 133 
GLU CB  CG   sing N N 134 
GLU CB  HB2  sing N N 135 
GLU CB  HB3  sing N N 136 
GLU CG  CD   sing N N 137 
GLU CG  HG2  sing N N 138 
GLU CG  HG3  sing N N 139 
GLU CD  OE1  doub N N 140 
GLU CD  OE2  sing N N 141 
GLU OE2 HE2  sing N N 142 
GLU OXT HXT  sing N N 143 
GLY N   CA   sing N N 144 
GLY N   H    sing N N 145 
GLY N   H2   sing N N 146 
GLY CA  C    sing N N 147 
GLY CA  HA2  sing N N 148 
GLY CA  HA3  sing N N 149 
GLY C   O    doub N N 150 
GLY C   OXT  sing N N 151 
GLY OXT HXT  sing N N 152 
HIS N   CA   sing N N 153 
HIS N   H    sing N N 154 
HIS N   H2   sing N N 155 
HIS CA  C    sing N N 156 
HIS CA  CB   sing N N 157 
HIS CA  HA   sing N N 158 
HIS C   O    doub N N 159 
HIS C   OXT  sing N N 160 
HIS CB  CG   sing N N 161 
HIS CB  HB2  sing N N 162 
HIS CB  HB3  sing N N 163 
HIS CG  ND1  sing Y N 164 
HIS CG  CD2  doub Y N 165 
HIS ND1 CE1  doub Y N 166 
HIS ND1 HD1  sing N N 167 
HIS CD2 NE2  sing Y N 168 
HIS CD2 HD2  sing N N 169 
HIS CE1 NE2  sing Y N 170 
HIS CE1 HE1  sing N N 171 
HIS NE2 HE2  sing N N 172 
HIS OXT HXT  sing N N 173 
HOH O   H1   sing N N 174 
HOH O   H2   sing N N 175 
ILE N   CA   sing N N 176 
ILE N   H    sing N N 177 
ILE N   H2   sing N N 178 
ILE CA  C    sing N N 179 
ILE CA  CB   sing N N 180 
ILE CA  HA   sing N N 181 
ILE C   O    doub N N 182 
ILE C   OXT  sing N N 183 
ILE CB  CG1  sing N N 184 
ILE CB  CG2  sing N N 185 
ILE CB  HB   sing N N 186 
ILE CG1 CD1  sing N N 187 
ILE CG1 HG12 sing N N 188 
ILE CG1 HG13 sing N N 189 
ILE CG2 HG21 sing N N 190 
ILE CG2 HG22 sing N N 191 
ILE CG2 HG23 sing N N 192 
ILE CD1 HD11 sing N N 193 
ILE CD1 HD12 sing N N 194 
ILE CD1 HD13 sing N N 195 
ILE OXT HXT  sing N N 196 
LEU N   CA   sing N N 197 
LEU N   H    sing N N 198 
LEU N   H2   sing N N 199 
LEU CA  C    sing N N 200 
LEU CA  CB   sing N N 201 
LEU CA  HA   sing N N 202 
LEU C   O    doub N N 203 
LEU C   OXT  sing N N 204 
LEU CB  CG   sing N N 205 
LEU CB  HB2  sing N N 206 
LEU CB  HB3  sing N N 207 
LEU CG  CD1  sing N N 208 
LEU CG  CD2  sing N N 209 
LEU CG  HG   sing N N 210 
LEU CD1 HD11 sing N N 211 
LEU CD1 HD12 sing N N 212 
LEU CD1 HD13 sing N N 213 
LEU CD2 HD21 sing N N 214 
LEU CD2 HD22 sing N N 215 
LEU CD2 HD23 sing N N 216 
LEU OXT HXT  sing N N 217 
LJ7 C3  C2   sing N N 218 
LJ7 C1  C2   sing N N 219 
LJ7 C2  N1   sing N N 220 
LJ7 N1  N2   sing Y N 221 
LJ7 N1  C4   sing Y N 222 
LJ7 N2  C6   doub Y N 223 
LJ7 C4  C5   doub Y N 224 
LJ7 C6  C5   sing Y N 225 
LJ7 C6  C7   sing N N 226 
LJ7 C7  N3   sing N N 227 
LJ7 C7  O1   doub N N 228 
LJ7 N3  C8   sing N N 229 
LJ7 C8  C9   sing N N 230 
LJ7 C9  C14  doub Y N 231 
LJ7 C9  C10  sing Y N 232 
LJ7 C14 C13  sing Y N 233 
LJ7 C10 C11  doub Y N 234 
LJ7 C13 C12  doub Y N 235 
LJ7 C11 C12  sing Y N 236 
LJ7 C12 F1   sing N N 237 
LJ7 N3  H1   sing N N 238 
LJ7 C4  H2   sing N N 239 
LJ7 C5  H3   sing N N 240 
LJ7 C8  H4   sing N N 241 
LJ7 C8  H5   sing N N 242 
LJ7 C10 H6   sing N N 243 
LJ7 C13 H7   sing N N 244 
LJ7 C1  H8   sing N N 245 
LJ7 C1  H9   sing N N 246 
LJ7 C1  H10  sing N N 247 
LJ7 C11 H11  sing N N 248 
LJ7 C14 H12  sing N N 249 
LJ7 C2  H13  sing N N 250 
LJ7 C3  H14  sing N N 251 
LJ7 C3  H15  sing N N 252 
LJ7 C3  H16  sing N N 253 
LYS N   CA   sing N N 254 
LYS N   H    sing N N 255 
LYS N   H2   sing N N 256 
LYS CA  C    sing N N 257 
LYS CA  CB   sing N N 258 
LYS CA  HA   sing N N 259 
LYS C   O    doub N N 260 
LYS C   OXT  sing N N 261 
LYS CB  CG   sing N N 262 
LYS CB  HB2  sing N N 263 
LYS CB  HB3  sing N N 264 
LYS CG  CD   sing N N 265 
LYS CG  HG2  sing N N 266 
LYS CG  HG3  sing N N 267 
LYS CD  CE   sing N N 268 
LYS CD  HD2  sing N N 269 
LYS CD  HD3  sing N N 270 
LYS CE  NZ   sing N N 271 
LYS CE  HE2  sing N N 272 
LYS CE  HE3  sing N N 273 
LYS NZ  HZ1  sing N N 274 
LYS NZ  HZ2  sing N N 275 
LYS NZ  HZ3  sing N N 276 
LYS OXT HXT  sing N N 277 
MET N   CA   sing N N 278 
MET N   H    sing N N 279 
MET N   H2   sing N N 280 
MET CA  C    sing N N 281 
MET CA  CB   sing N N 282 
MET CA  HA   sing N N 283 
MET C   O    doub N N 284 
MET C   OXT  sing N N 285 
MET CB  CG   sing N N 286 
MET CB  HB2  sing N N 287 
MET CB  HB3  sing N N 288 
MET CG  SD   sing N N 289 
MET CG  HG2  sing N N 290 
MET CG  HG3  sing N N 291 
MET SD  CE   sing N N 292 
MET CE  HE1  sing N N 293 
MET CE  HE2  sing N N 294 
MET CE  HE3  sing N N 295 
MET OXT HXT  sing N N 296 
PHE N   CA   sing N N 297 
PHE N   H    sing N N 298 
PHE N   H2   sing N N 299 
PHE CA  C    sing N N 300 
PHE CA  CB   sing N N 301 
PHE CA  HA   sing N N 302 
PHE C   O    doub N N 303 
PHE C   OXT  sing N N 304 
PHE CB  CG   sing N N 305 
PHE CB  HB2  sing N N 306 
PHE CB  HB3  sing N N 307 
PHE CG  CD1  doub Y N 308 
PHE CG  CD2  sing Y N 309 
PHE CD1 CE1  sing Y N 310 
PHE CD1 HD1  sing N N 311 
PHE CD2 CE2  doub Y N 312 
PHE CD2 HD2  sing N N 313 
PHE CE1 CZ   doub Y N 314 
PHE CE1 HE1  sing N N 315 
PHE CE2 CZ   sing Y N 316 
PHE CE2 HE2  sing N N 317 
PHE CZ  HZ   sing N N 318 
PHE OXT HXT  sing N N 319 
PRO N   CA   sing N N 320 
PRO N   CD   sing N N 321 
PRO N   H    sing N N 322 
PRO CA  C    sing N N 323 
PRO CA  CB   sing N N 324 
PRO CA  HA   sing N N 325 
PRO C   O    doub N N 326 
PRO C   OXT  sing N N 327 
PRO CB  CG   sing N N 328 
PRO CB  HB2  sing N N 329 
PRO CB  HB3  sing N N 330 
PRO CG  CD   sing N N 331 
PRO CG  HG2  sing N N 332 
PRO CG  HG3  sing N N 333 
PRO CD  HD2  sing N N 334 
PRO CD  HD3  sing N N 335 
PRO OXT HXT  sing N N 336 
SER N   CA   sing N N 337 
SER N   H    sing N N 338 
SER N   H2   sing N N 339 
SER CA  C    sing N N 340 
SER CA  CB   sing N N 341 
SER CA  HA   sing N N 342 
SER C   O    doub N N 343 
SER C   OXT  sing N N 344 
SER CB  OG   sing N N 345 
SER CB  HB2  sing N N 346 
SER CB  HB3  sing N N 347 
SER OG  HG   sing N N 348 
SER OXT HXT  sing N N 349 
THR N   CA   sing N N 350 
THR N   H    sing N N 351 
THR N   H2   sing N N 352 
THR CA  C    sing N N 353 
THR CA  CB   sing N N 354 
THR CA  HA   sing N N 355 
THR C   O    doub N N 356 
THR C   OXT  sing N N 357 
THR CB  OG1  sing N N 358 
THR CB  CG2  sing N N 359 
THR CB  HB   sing N N 360 
THR OG1 HG1  sing N N 361 
THR CG2 HG21 sing N N 362 
THR CG2 HG22 sing N N 363 
THR CG2 HG23 sing N N 364 
THR OXT HXT  sing N N 365 
TRP N   CA   sing N N 366 
TRP N   H    sing N N 367 
TRP N   H2   sing N N 368 
TRP CA  C    sing N N 369 
TRP CA  CB   sing N N 370 
TRP CA  HA   sing N N 371 
TRP C   O    doub N N 372 
TRP C   OXT  sing N N 373 
TRP CB  CG   sing N N 374 
TRP CB  HB2  sing N N 375 
TRP CB  HB3  sing N N 376 
TRP CG  CD1  doub Y N 377 
TRP CG  CD2  sing Y N 378 
TRP CD1 NE1  sing Y N 379 
TRP CD1 HD1  sing N N 380 
TRP CD2 CE2  doub Y N 381 
TRP CD2 CE3  sing Y N 382 
TRP NE1 CE2  sing Y N 383 
TRP NE1 HE1  sing N N 384 
TRP CE2 CZ2  sing Y N 385 
TRP CE3 CZ3  doub Y N 386 
TRP CE3 HE3  sing N N 387 
TRP CZ2 CH2  doub Y N 388 
TRP CZ2 HZ2  sing N N 389 
TRP CZ3 CH2  sing Y N 390 
TRP CZ3 HZ3  sing N N 391 
TRP CH2 HH2  sing N N 392 
TRP OXT HXT  sing N N 393 
TYR N   CA   sing N N 394 
TYR N   H    sing N N 395 
TYR N   H2   sing N N 396 
TYR CA  C    sing N N 397 
TYR CA  CB   sing N N 398 
TYR CA  HA   sing N N 399 
TYR C   O    doub N N 400 
TYR C   OXT  sing N N 401 
TYR CB  CG   sing N N 402 
TYR CB  HB2  sing N N 403 
TYR CB  HB3  sing N N 404 
TYR CG  CD1  doub Y N 405 
TYR CG  CD2  sing Y N 406 
TYR CD1 CE1  sing Y N 407 
TYR CD1 HD1  sing N N 408 
TYR CD2 CE2  doub Y N 409 
TYR CD2 HD2  sing N N 410 
TYR CE1 CZ   doub Y N 411 
TYR CE1 HE1  sing N N 412 
TYR CE2 CZ   sing Y N 413 
TYR CE2 HE2  sing N N 414 
TYR CZ  OH   sing N N 415 
TYR OH  HH   sing N N 416 
TYR OXT HXT  sing N N 417 
VAL N   CA   sing N N 418 
VAL N   H    sing N N 419 
VAL N   H2   sing N N 420 
VAL CA  C    sing N N 421 
VAL CA  CB   sing N N 422 
VAL CA  HA   sing N N 423 
VAL C   O    doub N N 424 
VAL C   OXT  sing N N 425 
VAL CB  CG1  sing N N 426 
VAL CB  CG2  sing N N 427 
VAL CB  HB   sing N N 428 
VAL CG1 HG11 sing N N 429 
VAL CG1 HG12 sing N N 430 
VAL CG1 HG13 sing N N 431 
VAL CG2 HG21 sing N N 432 
VAL CG2 HG22 sing N N 433 
VAL CG2 HG23 sing N N 434 
VAL OXT HXT  sing N N 435 
# 
_pdbx_deposit_group.group_id            G_1002061 
_pdbx_deposit_group.group_description   
;XDomainX of XOrganismX DCP2 (NUDT20) screened against the XXX Fragment Library by X-ray Crystallography at the XChem facility of Diamond Light Source beamline I04-1
;
_pdbx_deposit_group.group_title         'PanDDA analysis group deposition' 
_pdbx_deposit_group.group_type          'changed state' 
# 
_pdbx_related_exp_data_set.ordinal              1 
_pdbx_related_exp_data_set.data_reference       10.5281/zenodo.1437589 
_pdbx_related_exp_data_set.metadata_reference   10.5281/zenodo.1437589 
_pdbx_related_exp_data_set.data_set_type        'other data' 
_pdbx_related_exp_data_set.details              'Complete PanDDA analysis' 
# 
_atom_sites.entry_id                    5QP1 
_atom_sites.fract_transf_matrix[1][1]   -0.01588764 
_atom_sites.fract_transf_matrix[1][2]   0.01005493 
_atom_sites.fract_transf_matrix[1][3]   -0.00854562 
_atom_sites.fract_transf_matrix[2][1]   -0.00961511 
_atom_sites.fract_transf_matrix[2][2]   -0.01333093 
_atom_sites.fract_transf_matrix[2][3]   0.00219060 
_atom_sites.fract_transf_matrix[3][1]   -0.00408856 
_atom_sites.fract_transf_matrix[3][2]   0.00520422 
_atom_sites.fract_transf_matrix[3][3]   0.01372465 
_atom_sites.fract_transf_vector[1]      -0.881909 
_atom_sites.fract_transf_vector[2]      0.224504 
_atom_sites.fract_transf_vector[3]      1.165575 
# 
loop_
_atom_type.symbol 
C 
F 
N 
O 
S 
# 
loop_
_atom_site.group_PDB 
_atom_site.id 
_atom_site.type_symbol 
_atom_site.label_atom_id 
_atom_site.label_alt_id 
_atom_site.label_comp_id 
_atom_site.label_asym_id 
_atom_site.label_entity_id 
_atom_site.label_seq_id 
_atom_site.pdbx_PDB_ins_code 
_atom_site.Cartn_x 
_atom_site.Cartn_y 
_atom_site.Cartn_z 
_atom_site.occupancy 
_atom_site.B_iso_or_equiv 
_atom_site.pdbx_formal_charge 
_atom_site.auth_seq_id 
_atom_site.auth_comp_id 
_atom_site.auth_asym_id 
_atom_site.auth_atom_id 
_atom_site.pdbx_PDB_model_num 
ATOM   1    N N   . GLY A 1 3   ? -15.843 9.011   -6.911  1.00 66.89  ? 96  GLY A N   1 
ATOM   2    C CA  . GLY A 1 3   ? -15.461 8.328   -5.638  1.00 66.23  ? 96  GLY A CA  1 
ATOM   3    C C   . GLY A 1 3   ? -14.569 9.211   -4.761  1.00 62.71  ? 96  GLY A C   1 
ATOM   4    O O   . GLY A 1 3   ? -13.843 10.099  -5.258  1.00 63.13  ? 96  GLY A O   1 
ATOM   5    N N   . VAL A 1 4   ? -14.603 8.988   -3.453  1.00 51.15  ? 97  VAL A N   1 
ATOM   6    C CA  . VAL A 1 4   ? -13.803 9.839   -2.528  1.00 54.38  ? 97  VAL A CA  1 
ATOM   7    C C   . VAL A 1 4   ? -12.319 9.409   -2.588  1.00 45.25  ? 97  VAL A C   1 
ATOM   8    O O   . VAL A 1 4   ? -12.080 8.238   -2.438  1.00 42.56  ? 97  VAL A O   1 
ATOM   9    C CB  . VAL A 1 4   ? -14.279 9.667   -1.068  1.00 55.73  ? 97  VAL A CB  1 
ATOM   10   C CG1 . VAL A 1 4   ? -13.445 10.538  -0.143  1.00 54.99  ? 97  VAL A CG1 1 
ATOM   11   C CG2 . VAL A 1 4   ? -15.788 9.958   -0.940  1.00 56.15  ? 97  VAL A CG2 1 
ATOM   12   N N   . PRO A 1 5   ? -11.365 10.355  -2.744  1.00 44.75  ? 98  PRO A N   1 
ATOM   13   C CA  . PRO A 1 5   ? -9.960  9.932   -2.858  1.00 42.13  ? 98  PRO A CA  1 
ATOM   14   C C   . PRO A 1 5   ? -9.457  9.216   -1.613  1.00 39.42  ? 98  PRO A C   1 
ATOM   15   O O   . PRO A 1 5   ? -9.975  9.449   -0.514  1.00 34.72  ? 98  PRO A O   1 
ATOM   16   C CB  . PRO A 1 5   ? -9.175  11.222  -3.120  1.00 45.93  ? 98  PRO A CB  1 
ATOM   17   C CG  . PRO A 1 5   ? -10.191 12.349  -3.054  1.00 46.98  ? 98  PRO A CG  1 
ATOM   18   C CD  . PRO A 1 5   ? -11.558 11.791  -3.025  1.00 42.10  ? 98  PRO A CD  1 
ATOM   19   N N   . THR A 1 6   ? -8.473  8.326   -1.800  1.00 35.10  ? 99  THR A N   1 
ATOM   20   C CA  . THR A 1 6   ? -7.845  7.608   -0.676  1.00 34.31  ? 99  THR A CA  1 
ATOM   21   C C   . THR A 1 6   ? -6.346  7.958   -0.588  1.00 30.34  ? 99  THR A C   1 
ATOM   22   O O   . THR A 1 6   ? -5.719  8.295   -1.562  1.00 30.33  ? 99  THR A O   1 
ATOM   23   C CB  . THR A 1 6   ? -8.083  6.082   -0.762  1.00 39.83  ? 99  THR A CB  1 
ATOM   24   O OG1 . THR A 1 6   ? -7.510  5.602   -1.961  1.00 35.07  ? 99  THR A OG1 1 
ATOM   25   C CG2 . THR A 1 6   ? -9.538  5.736   -0.768  1.00 38.41  ? 99  THR A CG2 1 
ATOM   26   N N   . TYR A 1 7   ? -5.789  7.937   0.634   1.00 30.53  ? 100 TYR A N   1 
ATOM   27   C CA  . TYR A 1 7   ? -4.455  8.309   0.862   1.00 28.52  ? 100 TYR A CA  1 
ATOM   28   C C   . TYR A 1 7   ? -3.894  7.316   1.860   1.00 27.17  ? 100 TYR A C   1 
ATOM   29   O O   . TYR A 1 7   ? -4.575  6.868   2.745   1.00 28.89  ? 100 TYR A O   1 
ATOM   30   C CB  . TYR A 1 7   ? -4.296  9.778   1.426   1.00 32.55  ? 100 TYR A CB  1 
ATOM   31   C CG  . TYR A 1 7   ? -4.824  10.799  0.482   1.00 32.09  ? 100 TYR A CG  1 
ATOM   32   C CD1 . TYR A 1 7   ? -4.090  11.216  -0.603  1.00 35.22  ? 100 TYR A CD1 1 
ATOM   33   C CD2 . TYR A 1 7   ? -6.106  11.299  0.655   1.00 35.12  ? 100 TYR A CD2 1 
ATOM   34   C CE1 . TYR A 1 7   ? -4.607  12.125  -1.535  1.00 38.67  ? 100 TYR A CE1 1 
ATOM   35   C CE2 . TYR A 1 7   ? -6.652  12.193  -0.241  1.00 35.91  ? 100 TYR A CE2 1 
ATOM   36   C CZ  . TYR A 1 7   ? -5.899  12.629  -1.313  1.00 41.94  ? 100 TYR A CZ  1 
ATOM   37   O OH  . TYR A 1 7   ? -6.502  13.512  -2.167  1.00 41.78  ? 100 TYR A OH  1 
ATOM   38   N N   . GLY A 1 8   ? -2.620  7.027   1.685   1.00 26.32  ? 101 GLY A N   1 
ATOM   39   C CA  . GLY A 1 8   ? -1.900  6.115   2.595   1.00 24.28  ? 101 GLY A CA  1 
ATOM   40   C C   . GLY A 1 8   ? -0.430  6.104   2.270   1.00 23.27  ? 101 GLY A C   1 
ATOM   41   O O   . GLY A 1 8   ? 0.176   7.117   1.836   1.00 24.11  ? 101 GLY A O   1 
ATOM   42   N N   . ALA A 1 9   ? 0.250   4.992   2.545   1.00 24.81  ? 102 ALA A N   1 
ATOM   43   C CA  . ALA A 1 9   ? 1.696   4.948   2.392   1.00 23.80  ? 102 ALA A CA  1 
ATOM   44   C C   . ALA A 1 9   ? 2.183   3.611   1.908   1.00 23.89  ? 102 ALA A C   1 
ATOM   45   O O   . ALA A 1 9   ? 1.593   2.562   2.190   1.00 23.84  ? 102 ALA A O   1 
ATOM   46   C CB  . ALA A 1 9   ? 2.469   5.257   3.681   1.00 27.36  ? 102 ALA A CB  1 
ATOM   47   N N   . ILE A 1 10  ? 3.282   3.724   1.210   1.00 21.92  ? 103 ILE A N   1 
ATOM   48   C CA  . ILE A 1 10  ? 4.135   2.574   0.886   1.00 22.90  ? 103 ILE A CA  1 
ATOM   49   C C   . ILE A 1 10  ? 5.320   2.758   1.751   1.00 21.54  ? 103 ILE A C   1 
ATOM   50   O O   . ILE A 1 10  ? 6.188   3.643   1.491   1.00 24.29  ? 103 ILE A O   1 
ATOM   51   C CB  . ILE A 1 10  ? 4.576   2.597   -0.588  1.00 23.67  ? 103 ILE A CB  1 
ATOM   52   C CG1 . ILE A 1 10  ? 3.386   2.418   -1.479  1.00 25.80  ? 103 ILE A CG1 1 
ATOM   53   C CG2 . ILE A 1 10  ? 5.634   1.524   -0.808  1.00 27.16  ? 103 ILE A CG2 1 
ATOM   54   C CD1 . ILE A 1 10  ? 3.721   2.617   -2.996  1.00 29.02  ? 103 ILE A CD1 1 
ATOM   55   N N   . ILE A 1 11  ? 5.463   1.896   2.733   1.00 22.65  ? 104 ILE A N   1 
ATOM   56   C CA  . ILE A 1 11  ? 6.518   1.939   3.677   1.00 21.97  ? 104 ILE A CA  1 
ATOM   57   C C   . ILE A 1 11  ? 7.511   0.873   3.284   1.00 23.20  ? 104 ILE A C   1 
ATOM   58   O O   . ILE A 1 11  ? 7.124   -0.274  3.079   1.00 23.31  ? 104 ILE A O   1 
ATOM   59   C CB  . ILE A 1 11  ? 5.998   1.704   5.122   1.00 23.49  ? 104 ILE A CB  1 
ATOM   60   C CG1 . ILE A 1 11  ? 5.139   2.847   5.660   1.00 25.52  ? 104 ILE A CG1 1 
ATOM   61   C CG2 . ILE A 1 11  ? 7.080   1.425   6.091   1.00 24.65  ? 104 ILE A CG2 1 
ATOM   62   C CD1 . ILE A 1 11  ? 4.175   2.429   6.756   1.00 28.36  ? 104 ILE A CD1 1 
ATOM   63   N N   . LEU A 1 12  ? 8.770   1.260   3.138   1.00 22.55  ? 105 LEU A N   1 
ATOM   64   C CA  . LEU A 1 12  ? 9.884   0.354   2.920   1.00 22.25  ? 105 LEU A CA  1 
ATOM   65   C C   . LEU A 1 12  ? 10.880  0.348   4.059   1.00 25.63  ? 105 LEU A C   1 
ATOM   66   O O   . LEU A 1 12  ? 11.054  1.331   4.798   1.00 25.29  ? 105 LEU A O   1 
ATOM   67   C CB  . LEU A 1 12  ? 10.628  0.780   1.654   1.00 26.74  ? 105 LEU A CB  1 
ATOM   68   C CG  . LEU A 1 12  ? 9.764   0.844   0.373   1.00 29.80  ? 105 LEU A CG  1 
ATOM   69   C CD1 . LEU A 1 12  ? 9.287   2.212   0.052   1.00 35.49  ? 105 LEU A CD1 1 
ATOM   70   C CD2 . LEU A 1 12  ? 10.531  0.242   -0.786  1.00 36.30  ? 105 LEU A CD2 1 
ATOM   71   N N   . ASP A 1 13  ? 11.648  -0.736  4.114   1.00 26.40  ? 106 ASP A N   1 
ATOM   72   C CA  . ASP A 1 13  ? 12.650  -0.900  5.123   1.00 27.73  ? 106 ASP A CA  1 
ATOM   73   C C   . ASP A 1 13  ? 13.953  -0.234  4.703   1.00 26.02  ? 106 ASP A C   1 
ATOM   74   O O   . ASP A 1 13  ? 14.002  0.470   3.722   1.00 27.77  ? 106 ASP A O   1 
ATOM   75   C CB  . ASP A 1 13  ? 12.839  -2.382  5.449   1.00 30.27  ? 106 ASP A CB  1 
ATOM   76   C CG  . ASP A 1 13  ? 13.486  -3.191  4.320   1.00 34.35  ? 106 ASP A CG  1 
ATOM   77   O OD1 . ASP A 1 13  ? 13.479  -2.799  3.122   1.00 35.25  ? 106 ASP A OD1 1 
ATOM   78   O OD2 . ASP A 1 13  ? 13.829  -4.311  4.674   1.00 40.49  ? 106 ASP A OD2 1 
ATOM   79   N N   . GLU A 1 14  ? 14.988  -0.467  5.473   1.00 29.05  ? 107 GLU A N   1 
ATOM   80   C CA  . GLU A 1 14  ? 16.279  0.182   5.252   1.00 34.32  ? 107 GLU A CA  1 
ATOM   81   C C   . GLU A 1 14  ? 16.979  -0.321  4.012   1.00 35.21  ? 107 GLU A C   1 
ATOM   82   O O   . GLU A 1 14  ? 17.725  0.426   3.391   1.00 31.78  ? 107 GLU A O   1 
ATOM   83   C CB  . GLU A 1 14  ? 17.225  0.079   6.510   1.00 40.27  ? 107 GLU A CB  1 
ATOM   84   C CG  . GLU A 1 14  ? 17.550  -1.311  7.016   1.00 48.04  ? 107 GLU A CG  1 
ATOM   85   C CD  . GLU A 1 14  ? 16.542  -1.834  8.051   1.00 53.61  ? 107 GLU A CD  1 
ATOM   86   O OE1 . GLU A 1 14  ? 15.423  -2.147  7.655   1.00 51.43  ? 107 GLU A OE1 1 
ATOM   87   O OE2 . GLU A 1 14  ? 16.853  -1.936  9.264   1.00 68.54  ? 107 GLU A OE2 1 
ATOM   88   N N   . THR A 1 15  ? 16.675  -1.573  3.585   1.00 33.69  ? 108 THR A N   1 
ATOM   89   C CA  . THR A 1 15  ? 17.306  -2.136  2.448   1.00 30.17  ? 108 THR A CA  1 
ATOM   90   C C   . THR A 1 15  ? 16.649  -1.766  1.147   1.00 31.27  ? 108 THR A C   1 
ATOM   91   O O   . THR A 1 15  ? 17.209  -1.992  0.101   1.00 31.25  ? 108 THR A O   1 
ATOM   92   C CB  . THR A 1 15  ? 17.330  -3.684  2.496   1.00 36.92  ? 108 THR A CB  1 
ATOM   93   O OG1 . THR A 1 15  ? 16.044  -4.188  2.227   1.00 32.55  ? 108 THR A OG1 1 
ATOM   94   C CG2 . THR A 1 15  ? 17.751  -4.201  3.841   1.00 40.45  ? 108 THR A CG2 1 
ATOM   95   N N   . LEU A 1 16  ? 15.421  -1.260  1.223   1.00 28.36  ? 109 LEU A N   1 
ATOM   96   C CA  . LEU A 1 16  ? 14.608  -0.912  0.080   1.00 28.21  ? 109 LEU A CA  1 
ATOM   97   C C   . LEU A 1 16  ? 14.024  -2.136  -0.687  1.00 30.76  ? 109 LEU A C   1 
ATOM   98   O O   . LEU A 1 16  ? 13.438  -1.954  -1.792  1.00 35.19  ? 109 LEU A O   1 
ATOM   99   C CB  . LEU A 1 16  ? 15.296  0.004   -0.943  1.00 31.44  ? 109 LEU A CB  1 
ATOM   100  C CG  . LEU A 1 16  ? 15.880  1.287   -0.414  1.00 34.69  ? 109 LEU A CG  1 
ATOM   101  C CD1 . LEU A 1 16  ? 16.736  1.994   -1.443  1.00 36.60  ? 109 LEU A CD1 1 
ATOM   102  C CD2 . LEU A 1 16  ? 14.688  2.139   0.012   1.00 37.91  ? 109 LEU A CD2 1 
ATOM   103  N N   . GLU A 1 17  ? 14.151  -3.321  -0.132  0.50 31.35  ? 110 GLU A N   1 
ATOM   104  C CA  . GLU A 1 17  ? 13.704  -4.524  -0.822  0.50 34.33  ? 110 GLU A CA  1 
ATOM   105  C C   . GLU A 1 17  ? 12.442  -5.120  -0.173  0.50 34.11  ? 110 GLU A C   1 
ATOM   106  O O   . GLU A 1 17  ? 11.897  -6.111  -0.690  0.50 29.88  ? 110 GLU A O   1 
ATOM   107  C CB  . GLU A 1 17  ? 14.854  -5.527  -0.884  0.50 38.65  ? 110 GLU A CB  1 
ATOM   108  C CG  . GLU A 1 17  ? 16.014  -5.009  -1.728  0.50 42.30  ? 110 GLU A CG  1 
ATOM   109  C CD  . GLU A 1 17  ? 16.891  -6.104  -2.286  0.50 49.05  ? 110 GLU A CD  1 
ATOM   110  O OE1 . GLU A 1 17  ? 17.104  -7.123  -1.587  0.50 53.61  ? 110 GLU A OE1 1 
ATOM   111  O OE2 . GLU A 1 17  ? 17.380  -5.936  -3.425  0.50 54.22  ? 110 GLU A OE2 1 
ATOM   112  N N   . ASN A 1 18  ? 11.967  -4.533  0.933   1.00 31.52  ? 111 ASN A N   1 
ATOM   113  C CA  . ASN A 1 18  ? 10.689  -4.961  1.550   1.00 27.96  ? 111 ASN A CA  1 
ATOM   114  C C   . ASN A 1 18  ? 9.728   -3.809  1.708   1.00 31.72  ? 111 ASN A C   1 
ATOM   115  O O   . ASN A 1 18  ? 10.160  -2.685  1.979   1.00 25.65  ? 111 ASN A O   1 
ATOM   116  C CB  . ASN A 1 18  ? 10.969  -5.606  2.889   1.00 31.57  ? 111 ASN A CB  1 
ATOM   117  C CG  . ASN A 1 18  ? 11.920  -6.803  2.737   1.00 41.33  ? 111 ASN A CG  1 
ATOM   118  O OD1 . ASN A 1 18  ? 11.598  -7.771  2.044   1.00 42.83  ? 111 ASN A OD1 1 
ATOM   119  N ND2 . ASN A 1 18  ? 13.101  -6.686  3.269   1.00 36.29  ? 111 ASN A ND2 1 
ATOM   120  N N   . VAL A 1 19  ? 8.441   -4.122  1.564   1.00 26.60  ? 112 VAL A N   1 
ATOM   121  C CA  . VAL A 1 19  ? 7.354   -3.182  1.733   1.00 21.79  ? 112 VAL A CA  1 
ATOM   122  C C   . VAL A 1 19  ? 6.419   -3.700  2.803   1.00 22.39  ? 112 VAL A C   1 
ATOM   123  O O   . VAL A 1 19  ? 6.207   -4.911  2.922   1.00 24.10  ? 112 VAL A O   1 
ATOM   124  C CB  . VAL A 1 19  ? 6.523   -2.948  0.441   1.00 25.41  ? 112 VAL A CB  1 
ATOM   125  C CG1 . VAL A 1 19  ? 7.325   -2.201  -0.597  1.00 31.09  ? 112 VAL A CG1 1 
ATOM   126  C CG2 . VAL A 1 19  ? 5.882   -4.240  -0.152  1.00 23.68  ? 112 VAL A CG2 1 
ATOM   127  N N   . LEU A 1 20  ? 5.749   -2.804  3.497   1.00 22.41  ? 113 LEU A N   1 
ATOM   128  C CA  . LEU A 1 20  ? 4.789   -3.187  4.553   1.00 24.84  ? 113 LEU A CA  1 
ATOM   129  C C   . LEU A 1 20  ? 3.354   -3.262  4.000   1.00 24.68  ? 113 LEU A C   1 
ATOM   130  O O   . LEU A 1 20  ? 2.853   -2.304  3.481   1.00 25.50  ? 113 LEU A O   1 
ATOM   131  C CB  . LEU A 1 20  ? 4.885   -2.192  5.719   1.00 24.74  ? 113 LEU A CB  1 
ATOM   132  C CG  . LEU A 1 20  ? 4.230   -2.598  7.060   1.00 24.95  ? 113 LEU A CG  1 
ATOM   133  C CD1 . LEU A 1 20  ? 5.106   -3.643  7.775   1.00 23.09  ? 113 LEU A CD1 1 
ATOM   134  C CD2 . LEU A 1 20  ? 3.977   -1.406  7.954   1.00 28.82  ? 113 LEU A CD2 1 
ATOM   135  N N   . LEU A 1 21  ? 2.718   -4.411  4.107   1.00 22.97  ? 114 LEU A N   1 
ATOM   136  C CA  . LEU A 1 21  ? 1.330   -4.535  3.713   1.00 25.44  ? 114 LEU A CA  1 
ATOM   137  C C   . LEU A 1 21  ? 0.491   -4.920  4.938   1.00 23.84  ? 114 LEU A C   1 
ATOM   138  O O   . LEU A 1 21  ? 0.997   -5.421  5.928   1.00 24.67  ? 114 LEU A O   1 
ATOM   139  C CB  . LEU A 1 21  ? 1.241   -5.614  2.624   1.00 23.54  ? 114 LEU A CB  1 
ATOM   140  C CG  . LEU A 1 21  ? 2.046   -5.505  1.338   1.00 25.40  ? 114 LEU A CG  1 
ATOM   141  C CD1 . LEU A 1 21  ? 1.647   -6.593  0.356   1.00 26.44  ? 114 LEU A CD1 1 
ATOM   142  C CD2 . LEU A 1 21  ? 1.694   -4.170  0.729   1.00 27.83  ? 114 LEU A CD2 1 
ATOM   143  N N   . VAL A 1 22  ? -0.784  -4.640  4.848   1.00 21.76  ? 115 VAL A N   1 
ATOM   144  C CA  . VAL A 1 22  ? -1.713  -4.982  5.854   1.00 24.05  ? 115 VAL A CA  1 
ATOM   145  C C   . VAL A 1 22  ? -2.863  -5.804  5.234   1.00 25.59  ? 115 VAL A C   1 
ATOM   146  O O   . VAL A 1 22  ? -3.145  -5.712  4.056   1.00 24.61  ? 115 VAL A O   1 
ATOM   147  C CB  . VAL A 1 22  ? -2.296  -3.760  6.568   1.00 24.82  ? 115 VAL A CB  1 
ATOM   148  C CG1 . VAL A 1 22  ? -1.205  -2.890  7.151   1.00 26.54  ? 115 VAL A CG1 1 
ATOM   149  C CG2 . VAL A 1 22  ? -3.109  -2.939  5.601   1.00 25.68  ? 115 VAL A CG2 1 
ATOM   150  N N   . GLN A 1 23  ? -3.458  -6.644  6.078   1.00 25.27  ? 116 GLN A N   1 
ATOM   151  C CA  . GLN A 1 23  ? -4.465  -7.584  5.697   1.00 21.94  ? 116 GLN A CA  1 
ATOM   152  C C   . GLN A 1 23  ? -5.711  -7.253  6.461   1.00 24.14  ? 116 GLN A C   1 
ATOM   153  O O   . GLN A 1 23  ? -5.696  -7.177  7.663   1.00 25.43  ? 116 GLN A O   1 
ATOM   154  C CB  . GLN A 1 23  ? -3.999  -9.027  5.948   1.00 22.05  ? 116 GLN A CB  1 
ATOM   155  C CG  . GLN A 1 23  ? -4.990  -10.077 5.597   1.00 24.43  ? 116 GLN A CG  1 
ATOM   156  C CD  . GLN A 1 23  ? -4.475  -11.451 5.960   1.00 27.19  ? 116 GLN A CD  1 
ATOM   157  O OE1 . GLN A 1 23  ? -3.902  -11.628 7.028   1.00 34.94  ? 116 GLN A OE1 1 
ATOM   158  N NE2 . GLN A 1 23  ? -4.730  -12.397 5.124   1.00 29.60  ? 116 GLN A NE2 1 
ATOM   159  N N   . GLY A 1 24  ? -6.780  -6.920  5.747   1.00 25.68  ? 117 GLY A N   1 
ATOM   160  C CA  . GLY A 1 24  ? -8.044  -6.712  6.468   1.00 24.45  ? 117 GLY A CA  1 
ATOM   161  C C   . GLY A 1 24  ? -8.916  -7.934  6.589   1.00 25.70  ? 117 GLY A C   1 
ATOM   162  O O   . GLY A 1 24  ? -8.467  -9.040  6.489   1.00 26.85  ? 117 GLY A O   1 
ATOM   163  N N   . TYR A 1 25  ? -10.210 -7.696  6.657   1.00 29.47  ? 118 TYR A N   1 
ATOM   164  C CA  . TYR A 1 25  ? -11.234 -8.723  6.731   1.00 31.11  ? 118 TYR A CA  1 
ATOM   165  C C   . TYR A 1 25  ? -12.257 -8.554  5.622   1.00 35.15  ? 118 TYR A C   1 
ATOM   166  O O   . TYR A 1 25  ? -12.395 -7.472  5.024   1.00 32.48  ? 118 TYR A O   1 
ATOM   167  C CB  . TYR A 1 25  ? -11.974 -8.594  8.058   1.00 30.06  ? 118 TYR A CB  1 
ATOM   168  C CG  . TYR A 1 25  ? -11.127 -8.878  9.274   1.00 29.80  ? 118 TYR A CG  1 
ATOM   169  C CD1 . TYR A 1 25  ? -10.690 -10.174 9.565   1.00 27.41  ? 118 TYR A CD1 1 
ATOM   170  C CD2 . TYR A 1 25  ? -10.715 -7.878  10.072  1.00 25.70  ? 118 TYR A CD2 1 
ATOM   171  C CE1 . TYR A 1 25  ? -9.959  -10.406 10.700  1.00 27.52  ? 118 TYR A CE1 1 
ATOM   172  C CE2 . TYR A 1 25  ? -9.887  -8.107  11.159  1.00 29.92  ? 118 TYR A CE2 1 
ATOM   173  C CZ  . TYR A 1 25  ? -9.540  -9.360  11.481  1.00 27.47  ? 118 TYR A CZ  1 
ATOM   174  O OH  . TYR A 1 25  ? -8.776  -9.674  12.535  1.00 33.64  ? 118 TYR A OH  1 
ATOM   175  N N   . LEU A 1 26  ? -12.919 -9.669  5.323   1.00 36.90  ? 119 LEU A N   1 
ATOM   176  C CA  . LEU A 1 26  ? -14.079 -9.736  4.437   1.00 40.39  ? 119 LEU A CA  1 
ATOM   177  C C   . LEU A 1 26  ? -13.782 -9.209  3.024   1.00 36.97  ? 119 LEU A C   1 
ATOM   178  O O   . LEU A 1 26  ? -13.042 -9.816  2.298   1.00 38.29  ? 119 LEU A O   1 
ATOM   179  C CB  . LEU A 1 26  ? -15.298 -9.047  5.078   1.00 43.09  ? 119 LEU A CB  1 
ATOM   180  C CG  . LEU A 1 26  ? -15.708 -9.710  6.422   1.00 45.23  ? 119 LEU A CG  1 
ATOM   181  C CD1 . LEU A 1 26  ? -16.726 -8.802  7.113   1.00 46.48  ? 119 LEU A CD1 1 
ATOM   182  C CD2 . LEU A 1 26  ? -16.211 -11.148 6.189   1.00 47.00  ? 119 LEU A CD2 1 
ATOM   183  N N   . ALA A 1 27  ? -14.368 -8.097  2.650   1.00 36.73  ? 120 ALA A N   1 
ATOM   184  C CA  . ALA A 1 27  ? -14.079 -7.481  1.360   1.00 40.87  ? 120 ALA A CA  1 
ATOM   185  C C   . ALA A 1 27  ? -12.619 -7.038  1.297   1.00 47.67  ? 120 ALA A C   1 
ATOM   186  O O   . ALA A 1 27  ? -12.059 -7.084  0.229   1.00 46.54  ? 120 ALA A O   1 
ATOM   187  C CB  . ALA A 1 27  ? -15.011 -6.293  1.094   1.00 41.63  ? 120 ALA A CB  1 
ATOM   188  N N   . LYS A 1 28  ? -12.010 -6.669  2.436   1.00 39.61  ? 121 LYS A N   1 
ATOM   189  C CA  . LYS A 1 28  ? -10.644 -6.226  2.496   1.00 35.52  ? 121 LYS A CA  1 
ATOM   190  C C   . LYS A 1 28  ? -9.732  -7.350  3.008   1.00 35.46  ? 121 LYS A C   1 
ATOM   191  O O   . LYS A 1 28  ? -8.680  -7.114  3.578   1.00 33.30  ? 121 LYS A O   1 
ATOM   192  C CB  . LYS A 1 28  ? -10.540 -4.995  3.360   1.00 41.42  ? 121 LYS A CB  1 
ATOM   193  C CG  . LYS A 1 28  ? -11.337 -3.814  2.830   1.00 46.08  ? 121 LYS A CG  1 
ATOM   194  C CD  . LYS A 1 28  ? -10.924 -2.540  3.551   1.00 54.84  ? 121 LYS A CD  1 
ATOM   195  C CE  . LYS A 1 28  ? -11.455 -1.296  2.853   1.00 68.14  ? 121 LYS A CE  1 
ATOM   196  N NZ  . LYS A 1 28  ? -11.343 -0.092  3.706   1.00 73.44  ? 121 LYS A NZ  1 
ATOM   197  N N   . SER A 1 29  ? -10.125 -8.579  2.712   1.00 33.19  ? 122 SER A N   1 
ATOM   198  C CA  . SER A 1 29  ? -9.485  -9.738  3.227   1.00 38.30  ? 122 SER A CA  1 
ATOM   199  C C   . SER A 1 29  ? -8.082  -10.051 2.733   1.00 39.71  ? 122 SER A C   1 
ATOM   200  O O   . SER A 1 29  ? -7.367  -10.864 3.366   1.00 56.12  ? 122 SER A O   1 
ATOM   201  C CB  . SER A 1 29  ? -10.337 -10.985 2.938   1.00 37.64  ? 122 SER A CB  1 
ATOM   202  O OG  . SER A 1 29  ? -9.580  -12.043 3.487   1.00 51.01  ? 122 SER A OG  1 
ATOM   203  N N   . GLY A 1 30  ? -7.696  -9.497  1.603   1.00 32.17  ? 123 GLY A N   1 
ATOM   204  C CA  . GLY A 1 30  ? -6.304  -9.694  1.113   1.00 33.86  ? 123 GLY A CA  1 
ATOM   205  C C   . GLY A 1 30  ? -5.297  -8.715  1.706   1.00 30.11  ? 123 GLY A C   1 
ATOM   206  O O   . GLY A 1 30  ? -5.591  -8.032  2.717   1.00 32.89  ? 123 GLY A O   1 
ATOM   207  N N   . TRP A 1 31  ? -4.142  -8.632  1.050   1.00 27.53  ? 124 TRP A N   1 
ATOM   208  C CA  . TRP A 1 31  ? -3.058  -7.789  1.430   1.00 25.20  ? 124 TRP A CA  1 
ATOM   209  C C   . TRP A 1 31  ? -3.042  -6.531  0.591   1.00 29.29  ? 124 TRP A C   1 
ATOM   210  O O   . TRP A 1 31  ? -3.145  -6.619  -0.618  1.00 29.87  ? 124 TRP A O   1 
ATOM   211  C CB  . TRP A 1 31  ? -1.715  -8.485  1.297   1.00 26.34  ? 124 TRP A CB  1 
ATOM   212  C CG  . TRP A 1 31  ? -1.528  -9.610  2.266   1.00 23.64  ? 124 TRP A CG  1 
ATOM   213  C CD1 . TRP A 1 31  ? -1.832  -10.913 2.067   1.00 27.88  ? 124 TRP A CD1 1 
ATOM   214  C CD2 . TRP A 1 31  ? -1.159  -9.496  3.643   1.00 24.37  ? 124 TRP A CD2 1 
ATOM   215  N NE1 . TRP A 1 31  ? -1.602  -11.622 3.205   1.00 28.92  ? 124 TRP A NE1 1 
ATOM   216  C CE2 . TRP A 1 31  ? -1.157  -10.779 4.181   1.00 27.54  ? 124 TRP A CE2 1 
ATOM   217  C CE3 . TRP A 1 31  ? -0.698  -8.450  4.435   1.00 23.47  ? 124 TRP A CE3 1 
ATOM   218  C CZ2 . TRP A 1 31  ? -0.750  -11.030 5.494   1.00 27.32  ? 124 TRP A CZ2 1 
ATOM   219  C CZ3 . TRP A 1 31  ? -0.312  -8.688  5.774   1.00 26.43  ? 124 TRP A CZ3 1 
ATOM   220  C CH2 . TRP A 1 31  ? -0.385  -9.953  6.289   1.00 28.29  ? 124 TRP A CH2 1 
ATOM   221  N N   . GLY A 1 32  ? -2.803  -5.373  1.231   1.00 26.91  ? 125 GLY A N   1 
ATOM   222  C CA  . GLY A 1 32  ? -2.809  -4.105  0.561   1.00 27.04  ? 125 GLY A CA  1 
ATOM   223  C C   . GLY A 1 32  ? -1.974  -3.108  1.347   1.00 24.40  ? 125 GLY A C   1 
ATOM   224  O O   . GLY A 1 32  ? -1.581  -3.391  2.480   1.00 24.29  ? 125 GLY A O   1 
ATOM   225  N N   . PHE A 1 33  ? -1.639  -1.967  0.708   1.00 24.33  ? 126 PHE A N   1 
ATOM   226  C CA  . PHE A 1 33  ? -0.966  -0.904  1.368   1.00 23.15  ? 126 PHE A CA  1 
ATOM   227  C C   . PHE A 1 33  ? -1.968  -0.226  2.307   1.00 24.70  ? 126 PHE A C   1 
ATOM   228  O O   . PHE A 1 33  ? -3.169  -0.173  2.032   1.00 22.96  ? 126 PHE A O   1 
ATOM   229  C CB  . PHE A 1 33  ? -0.371  0.115   0.363   1.00 22.76  ? 126 PHE A CB  1 
ATOM   230  C CG  . PHE A 1 33  ? 0.660   -0.453  -0.499  1.00 24.83  ? 126 PHE A CG  1 
ATOM   231  C CD1 . PHE A 1 33  ? 1.864   -0.726  0.009   1.00 23.07  ? 126 PHE A CD1 1 
ATOM   232  C CD2 . PHE A 1 33  ? 0.381   -0.883  -1.784  1.00 26.13  ? 126 PHE A CD2 1 
ATOM   233  C CE1 . PHE A 1 33  ? 2.871   -1.262  -0.746  1.00 27.34  ? 126 PHE A CE1 1 
ATOM   234  C CE2 . PHE A 1 33  ? 1.377   -1.476  -2.564  1.00 26.59  ? 126 PHE A CE2 1 
ATOM   235  C CZ  . PHE A 1 33  ? 2.631   -1.681  -2.032  1.00 24.76  ? 126 PHE A CZ  1 
ATOM   236  N N   . PRO A 1 34  ? -1.505  0.237   3.470   1.00 23.54  ? 127 PRO A N   1 
ATOM   237  C CA  . PRO A 1 34  ? -2.342  0.984   4.402   1.00 25.40  ? 127 PRO A CA  1 
ATOM   238  C C   . PRO A 1 34  ? -2.828  2.313   3.793   1.00 27.26  ? 127 PRO A C   1 
ATOM   239  O O   . PRO A 1 34  ? -2.027  3.093   3.268   1.00 27.40  ? 127 PRO A O   1 
ATOM   240  C CB  . PRO A 1 34  ? -1.448  1.087   5.655   1.00 23.48  ? 127 PRO A CB  1 
ATOM   241  C CG  . PRO A 1 34  ? -0.079  1.088   5.092   1.00 23.90  ? 127 PRO A CG  1 
ATOM   242  C CD  . PRO A 1 34  ? -0.109  0.118   3.929   1.00 21.84  ? 127 PRO A CD  1 
ATOM   243  N N   . LYS A 1 35  ? -4.134  2.513   3.754   1.00 26.92  ? 128 LYS A N   1 
ATOM   244  C CA  . LYS A 1 35  ? -4.737  3.682   3.159   1.00 29.48  ? 128 LYS A CA  1 
ATOM   245  C C   . LYS A 1 35  ? -6.220  3.785   3.578   1.00 28.16  ? 128 LYS A C   1 
ATOM   246  O O   . LYS A 1 35  ? -6.823  2.804   4.011   1.00 31.98  ? 128 LYS A O   1 
ATOM   247  C CB  . LYS A 1 35  ? -4.665  3.683   1.652   1.00 28.88  ? 128 LYS A CB  1 
ATOM   248  C CG  . LYS A 1 35  ? -5.522  2.598   0.945   1.00 30.52  ? 128 LYS A CG  1 
ATOM   249  C CD  . LYS A 1 35  ? -5.488  2.679   -0.534  1.00 36.62  ? 128 LYS A CD  1 
ATOM   250  C CE  . LYS A 1 35  ? -6.388  1.609   -1.209  1.00 41.78  ? 128 LYS A CE  1 
ATOM   251  N NZ  . LYS A 1 35  ? -7.794  2.133   -1.230  1.00 50.91  ? 128 LYS A NZ  1 
ATOM   252  N N   . GLY A 1 36  ? -6.793  4.933   3.318   1.00 32.92  ? 129 GLY A N   1 
ATOM   253  C CA  . GLY A 1 36  ? -8.220  5.084   3.550   1.00 30.47  ? 129 GLY A CA  1 
ATOM   254  C C   . GLY A 1 36  ? -8.757  6.388   2.983   1.00 32.06  ? 129 GLY A C   1 
ATOM   255  O O   . GLY A 1 36  ? -8.022  7.228   2.488   1.00 29.83  ? 129 GLY A O   1 
ATOM   256  N N   . LYS A 1 37  ? -10.071 6.575   3.175   1.00 34.02  ? 130 LYS A N   1 
ATOM   257  C CA  . LYS A 1 37  ? -10.801 7.672   2.569   1.00 37.32  ? 130 LYS A CA  1 
ATOM   258  C C   . LYS A 1 37  ? -10.501 8.998   3.279   1.00 33.46  ? 130 LYS A C   1 
ATOM   259  O O   . LYS A 1 37  ? -10.345 9.021   4.505   1.00 38.30  ? 130 LYS A O   1 
ATOM   260  C CB  . LYS A 1 37  ? -12.321 7.336   2.602   1.00 45.03  ? 130 LYS A CB  1 
ATOM   261  C CG  . LYS A 1 37  ? -12.829 6.384   1.505   1.00 45.62  ? 130 LYS A CG  1 
ATOM   262  C CD  . LYS A 1 37  ? -14.377 6.294   1.492   1.00 49.78  ? 130 LYS A CD  1 
ATOM   263  N N   . VAL A 1 38  ? -10.361 10.069  2.504   1.00 35.21  ? 131 VAL A N   1 
ATOM   264  C CA  . VAL A 1 38  ? -10.103 11.401  3.036   1.00 44.25  ? 131 VAL A CA  1 
ATOM   265  C C   . VAL A 1 38  ? -11.383 11.923  3.718   1.00 45.54  ? 131 VAL A C   1 
ATOM   266  O O   . VAL A 1 38  ? -12.467 11.690  3.181   1.00 44.91  ? 131 VAL A O   1 
ATOM   267  C CB  . VAL A 1 38  ? -9.623  12.381  1.946   1.00 46.20  ? 131 VAL A CB  1 
ATOM   268  C CG1 . VAL A 1 38  ? -10.669 12.634  0.843   1.00 46.74  ? 131 VAL A CG1 1 
ATOM   269  C CG2 . VAL A 1 38  ? -9.142  13.694  2.570   1.00 51.77  ? 131 VAL A CG2 1 
ATOM   270  N N   . ASN A 1 39  ? -11.235 12.595  4.867   1.00 44.55  ? 132 ASN A N   1 
ATOM   271  C CA  . ASN A 1 39  ? -12.377 13.287  5.546   1.00 50.60  ? 132 ASN A CA  1 
ATOM   272  C C   . ASN A 1 39  ? -12.588 14.703  4.926   1.00 50.14  ? 132 ASN A C   1 
ATOM   273  O O   . ASN A 1 39  ? -11.670 15.256  4.330   1.00 53.16  ? 132 ASN A O   1 
ATOM   274  C CB  . ASN A 1 39  ? -12.122 13.446  7.054   1.00 46.39  ? 132 ASN A CB  1 
ATOM   275  C CG  . ASN A 1 39  ? -12.089 12.142  7.809   1.00 43.75  ? 132 ASN A CG  1 
ATOM   276  O OD1 . ASN A 1 39  ? -12.773 11.190  7.471   1.00 55.86  ? 132 ASN A OD1 1 
ATOM   277  N ND2 . ASN A 1 39  ? -11.301 12.098  8.864   1.00 44.77  ? 132 ASN A ND2 1 
ATOM   278  N N   . LYS A 1 40  ? -13.797 15.282  5.069   1.00 54.31  ? 133 LYS A N   1 
ATOM   279  C CA  . LYS A 1 40  ? -14.048 16.738  4.813   1.00 53.52  ? 133 LYS A CA  1 
ATOM   280  C C   . LYS A 1 40  ? -12.926 17.681  5.276   1.00 51.14  ? 133 LYS A C   1 
ATOM   281  O O   . LYS A 1 40  ? -12.485 17.582  6.414   1.00 58.18  ? 133 LYS A O   1 
ATOM   282  C CB  . LYS A 1 40  ? -15.320 17.191  5.558   1.00 54.71  ? 133 LYS A CB  1 
ATOM   283  N N   . GLU A 1 41  ? -12.494 18.593  4.403   1.00 62.52  ? 134 GLU A N   1 
ATOM   284  C CA  . GLU A 1 41  ? -11.457 19.609  4.732   1.00 67.06  ? 134 GLU A CA  1 
ATOM   285  C C   . GLU A 1 41  ? -10.045 19.068  5.088   1.00 66.84  ? 134 GLU A C   1 
ATOM   286  O O   . GLU A 1 41  ? -9.137  19.879  5.338   1.00 67.47  ? 134 GLU A O   1 
ATOM   287  C CB  . GLU A 1 41  ? -11.949 20.553  5.860   1.00 66.90  ? 134 GLU A CB  1 
ATOM   288  N N   . GLU A 1 42  ? -9.829  17.738  5.067   1.00 56.17  ? 135 GLU A N   1 
ATOM   289  C CA  . GLU A 1 42  ? -8.558  17.137  5.555   1.00 45.66  ? 135 GLU A CA  1 
ATOM   290  C C   . GLU A 1 42  ? -7.558  17.143  4.406   1.00 47.21  ? 135 GLU A C   1 
ATOM   291  O O   . GLU A 1 42  ? -7.924  16.831  3.279   1.00 43.43  ? 135 GLU A O   1 
ATOM   292  C CB  . GLU A 1 42  ? -8.816  15.742  6.111   1.00 43.63  ? 135 GLU A CB  1 
ATOM   293  C CG  . GLU A 1 42  ? -7.591  14.921  6.450   1.00 41.40  ? 135 GLU A CG  1 
ATOM   294  C CD  . GLU A 1 42  ? -7.946  13.522  6.864   1.00 41.91  ? 135 GLU A CD  1 
ATOM   295  O OE1 . GLU A 1 42  ? -8.728  12.868  6.126   1.00 42.72  ? 135 GLU A OE1 1 
ATOM   296  O OE2 . GLU A 1 42  ? -7.404  13.064  7.891   1.00 39.20  ? 135 GLU A OE2 1 
ATOM   297  N N   . ALA A 1 43  ? -6.305  17.539  4.696   1.00 40.52  ? 136 ALA A N   1 
ATOM   298  C CA  . ALA A 1 43  ? -5.262  17.645  3.686   1.00 43.85  ? 136 ALA A CA  1 
ATOM   299  C C   . ALA A 1 43  ? -4.792  16.207  3.328   1.00 41.03  ? 136 ALA A C   1 
ATOM   300  O O   . ALA A 1 43  ? -4.804  15.350  4.186   1.00 38.59  ? 136 ALA A O   1 
ATOM   301  C CB  . ALA A 1 43  ? -4.095  18.454  4.199   1.00 44.07  ? 136 ALA A CB  1 
ATOM   302  N N   . PRO A 1 44  ? -4.384  15.987  2.084   1.00 43.44  ? 137 PRO A N   1 
ATOM   303  C CA  . PRO A 1 44  ? -3.918  14.630  1.705   1.00 40.36  ? 137 PRO A CA  1 
ATOM   304  C C   . PRO A 1 44  ? -2.826  14.069  2.654   1.00 38.29  ? 137 PRO A C   1 
ATOM   305  O O   . PRO A 1 44  ? -2.909  12.903  3.029   1.00 36.58  ? 137 PRO A O   1 
ATOM   306  C CB  . PRO A 1 44  ? -3.417  14.839  0.266   1.00 47.28  ? 137 PRO A CB  1 
ATOM   307  C CG  . PRO A 1 44  ? -4.228  16.019  -0.267  1.00 44.17  ? 137 PRO A CG  1 
ATOM   308  C CD  . PRO A 1 44  ? -4.313  16.936  0.947   1.00 47.04  ? 137 PRO A CD  1 
ATOM   309  N N   . HIS A 1 45  ? -1.810  14.852  3.019   1.00 33.85  ? 138 HIS A N   1 
ATOM   310  C CA  . HIS A 1 45  ? -0.738  14.314  3.924   1.00 39.49  ? 138 HIS A CA  1 
ATOM   311  C C   . HIS A 1 45  ? -1.277  13.932  5.300   1.00 33.69  ? 138 HIS A C   1 
ATOM   312  O O   . HIS A 1 45  ? -0.821  12.948  5.972   1.00 32.48  ? 138 HIS A O   1 
ATOM   313  C CB  . HIS A 1 45  ? 0.454   15.276  3.955   1.00 44.15  ? 138 HIS A CB  1 
ATOM   314  C CG  . HIS A 1 45  ? 0.260   16.455  4.850   1.00 55.06  ? 138 HIS A CG  1 
ATOM   315  N ND1 . HIS A 1 45  ? -0.099  17.700  4.371   1.00 64.72  ? 138 HIS A ND1 1 
ATOM   316  C CD2 . HIS A 1 45  ? 0.379   16.592  6.200   1.00 55.18  ? 138 HIS A CD2 1 
ATOM   317  C CE1 . HIS A 1 45  ? -0.167  18.556  5.381   1.00 53.66  ? 138 HIS A CE1 1 
ATOM   318  N NE2 . HIS A 1 45  ? 0.098   17.905  6.502   1.00 59.58  ? 138 HIS A NE2 1 
ATOM   319  N N   . ASP A 1 46  ? -2.312  14.661  5.759   1.00 37.50  ? 139 ASP A N   1 
ATOM   320  C CA  . ASP A 1 46  ? -2.871  14.344  7.059   1.00 37.03  ? 139 ASP A CA  1 
ATOM   321  C C   . ASP A 1 46  ? -3.729  13.068  6.994   1.00 32.63  ? 139 ASP A C   1 
ATOM   322  O O   . ASP A 1 46  ? -3.766  12.322  7.932   1.00 31.78  ? 139 ASP A O   1 
ATOM   323  C CB  . ASP A 1 46  ? -3.711  15.508  7.631   1.00 35.10  ? 139 ASP A CB  1 
ATOM   324  C CG  . ASP A 1 46  ? -2.833  16.684  8.100   1.00 43.89  ? 139 ASP A CG  1 
ATOM   325  O OD1 . ASP A 1 46  ? -1.749  16.488  8.715   1.00 41.98  ? 139 ASP A OD1 1 
ATOM   326  O OD2 . ASP A 1 46  ? -3.245  17.822  7.880   1.00 44.10  ? 139 ASP A OD2 1 
ATOM   327  N N   . CYS A 1 47  ? -4.495  12.887  5.935   1.00 33.88  ? 140 CYS A N   1 
ATOM   328  C CA  . CYS A 1 47  ? -5.276  11.663  5.785   1.00 31.27  ? 140 CYS A CA  1 
ATOM   329  C C   . CYS A 1 47  ? -4.305  10.442  5.719   1.00 27.44  ? 140 CYS A C   1 
ATOM   330  O O   . CYS A 1 47  ? -4.501  9.457   6.431   1.00 28.60  ? 140 CYS A O   1 
ATOM   331  C CB  . CYS A 1 47  ? -6.075  11.773  4.507   1.00 31.70  ? 140 CYS A CB  1 
ATOM   332  S SG  . CYS A 1 47  ? -6.885  10.245  4.036   1.00 34.48  ? 140 CYS A SG  1 
ATOM   333  N N   . ALA A 1 48  ? -3.221  10.583  4.973   1.00 32.62  ? 141 ALA A N   1 
ATOM   334  C CA  . ALA A 1 48  ? -2.260  9.430   4.856   1.00 28.91  ? 141 ALA A CA  1 
ATOM   335  C C   . ALA A 1 48  ? -1.696  9.039   6.197   1.00 28.39  ? 141 ALA A C   1 
ATOM   336  O O   . ALA A 1 48  ? -1.660  7.898   6.563   1.00 27.05  ? 141 ALA A O   1 
ATOM   337  C CB  . ALA A 1 48  ? -1.147  9.791   3.923   1.00 26.29  ? 141 ALA A CB  1 
ATOM   338  N N   . ALA A 1 49  ? -1.216  10.037  6.960   1.00 28.04  ? 142 ALA A N   1 
ATOM   339  C CA  . ALA A 1 49  ? -0.748  9.750   8.293   1.00 27.55  ? 142 ALA A CA  1 
ATOM   340  C C   . ALA A 1 49  ? -1.789  9.159   9.247   1.00 26.12  ? 142 ALA A C   1 
ATOM   341  O O   . ALA A 1 49  ? -1.497  8.246   10.015  1.00 27.86  ? 142 ALA A O   1 
ATOM   342  C CB  . ALA A 1 49  ? -0.223  11.034  8.903   1.00 28.02  ? 142 ALA A CB  1 
ATOM   343  N N   . ARG A 1 50  ? -3.000  9.678   9.198   1.00 27.98  ? 143 ARG A N   1 
ATOM   344  C CA  . ARG A 1 50  ? -4.059  9.166   10.046  1.00 29.91  ? 143 ARG A CA  1 
ATOM   345  C C   . ARG A 1 50  ? -4.385  7.724   9.721   1.00 32.46  ? 143 ARG A C   1 
ATOM   346  O O   . ARG A 1 50  ? -4.522  6.891   10.596  1.00 29.06  ? 143 ARG A O   1 
ATOM   347  C CB  . ARG A 1 50  ? -5.326  10.010  9.859   1.00 32.33  ? 143 ARG A CB  1 
ATOM   348  C CG  . ARG A 1 50  ? -6.513  9.603   10.743  1.00 34.32  ? 143 ARG A CG  1 
ATOM   349  C CD  . ARG A 1 50  ? -7.743  10.520  10.499  1.00 33.77  ? 143 ARG A CD  1 
ATOM   350  N NE  . ARG A 1 50  ? -8.120  10.727  9.071   1.00 37.41  ? 143 ARG A NE  1 
ATOM   351  C CZ  . ARG A 1 50  ? -8.874  9.916   8.294   1.00 36.42  ? 143 ARG A CZ  1 
ATOM   352  N NH1 . ARG A 1 50  ? -9.374  8.794   8.746   1.00 38.77  ? 143 ARG A NH1 1 
ATOM   353  N NH2 . ARG A 1 50  ? -9.137  10.252  7.038   1.00 37.45  ? 143 ARG A NH2 1 
ATOM   354  N N   . GLU A 1 51  ? -4.556  7.440   8.436   1.00 30.53  ? 144 GLU A N   1 
ATOM   355  C CA  . GLU A 1 51  ? -4.986  6.078   8.008   1.00 28.69  ? 144 GLU A CA  1 
ATOM   356  C C   . GLU A 1 51  ? -3.865  5.129   8.311   1.00 24.66  ? 144 GLU A C   1 
ATOM   357  O O   . GLU A 1 51  ? -4.077  4.030   8.825   1.00 27.82  ? 144 GLU A O   1 
ATOM   358  C CB  . GLU A 1 51  ? -5.270  6.072   6.560   1.00 34.54  ? 144 GLU A CB  1 
ATOM   359  C CG  . GLU A 1 51  ? -6.484  6.866   6.230   1.00 35.20  ? 144 GLU A CG  1 
ATOM   360  C CD  . GLU A 1 51  ? -7.772  6.186   6.642   1.00 41.13  ? 144 GLU A CD  1 
ATOM   361  O OE1 . GLU A 1 51  ? -7.733  5.017   7.062   1.00 40.20  ? 144 GLU A OE1 1 
ATOM   362  O OE2 . GLU A 1 51  ? -8.848  6.822   6.522   1.00 47.28  ? 144 GLU A OE2 1 
ATOM   363  N N   . VAL A 1 52  ? -2.659  5.554   8.010   1.00 25.50  ? 145 VAL A N   1 
ATOM   364  C CA  . VAL A 1 52  ? -1.489  4.710   8.349   1.00 23.16  ? 145 VAL A CA  1 
ATOM   365  C C   . VAL A 1 52  ? -1.316  4.448   9.843   1.00 28.31  ? 145 VAL A C   1 
ATOM   366  O O   . VAL A 1 52  ? -1.001  3.282   10.267  1.00 26.35  ? 145 VAL A O   1 
ATOM   367  C CB  . VAL A 1 52  ? -0.213  5.202   7.635   1.00 24.68  ? 145 VAL A CB  1 
ATOM   368  C CG1 . VAL A 1 52  ? 0.936   4.337   7.984   1.00 26.54  ? 145 VAL A CG1 1 
ATOM   369  C CG2 . VAL A 1 52  ? -0.402  5.158   6.153   1.00 26.86  ? 145 VAL A CG2 1 
ATOM   370  N N   . PHE A 1 53  ? -1.478  5.498   10.661  1.00 27.70  ? 146 PHE A N   1 
ATOM   371  C CA  . PHE A 1 53  ? -1.407  5.293   12.071  1.00 26.61  ? 146 PHE A CA  1 
ATOM   372  C C   . PHE A 1 53  ? -2.610  4.434   12.535  1.00 28.97  ? 146 PHE A C   1 
ATOM   373  O O   . PHE A 1 53  ? -2.434  3.569   13.308  1.00 31.47  ? 146 PHE A O   1 
ATOM   374  C CB  . PHE A 1 53  ? -1.418  6.645   12.822  1.00 27.60  ? 146 PHE A CB  1 
ATOM   375  C CG  . PHE A 1 53  ? -1.096  6.488   14.247  1.00 32.44  ? 146 PHE A CG  1 
ATOM   376  C CD1 . PHE A 1 53  ? 0.189   6.276   14.652  1.00 33.69  ? 146 PHE A CD1 1 
ATOM   377  C CD2 . PHE A 1 53  ? -2.107  6.506   15.198  1.00 42.72  ? 146 PHE A CD2 1 
ATOM   378  C CE1 . PHE A 1 53  ? 0.505   6.046   15.969  1.00 39.88  ? 146 PHE A CE1 1 
ATOM   379  C CE2 . PHE A 1 53  ? -1.791  6.329   16.529  1.00 43.24  ? 146 PHE A CE2 1 
ATOM   380  C CZ  . PHE A 1 53  ? -0.491  6.082   16.910  1.00 43.77  ? 146 PHE A CZ  1 
ATOM   381  N N   . GLU A 1 54  ? -3.806  4.670   12.008  1.00 28.14  ? 147 GLU A N   1 
ATOM   382  C CA  . GLU A 1 54  ? -4.951  3.782   12.420  1.00 33.89  ? 147 GLU A CA  1 
ATOM   383  C C   . GLU A 1 54  ? -4.685  2.325   12.101  1.00 33.01  ? 147 GLU A C   1 
ATOM   384  O O   . GLU A 1 54  ? -5.089  1.452   12.865  1.00 33.32  ? 147 GLU A O   1 
ATOM   385  C CB  . GLU A 1 54  ? -6.246  4.161   11.698  1.00 39.52  ? 147 GLU A CB  1 
ATOM   386  C CG  . GLU A 1 54  ? -6.952  5.412   12.209  1.00 52.07  ? 147 GLU A CG  1 
ATOM   387  C CD  . GLU A 1 54  ? -8.177  5.860   11.365  1.00 58.36  ? 147 GLU A CD  1 
ATOM   388  O OE1 . GLU A 1 54  ? -8.605  5.127   10.411  1.00 58.48  ? 147 GLU A OE1 1 
ATOM   389  O OE2 . GLU A 1 54  ? -8.732  6.973   11.663  1.00 58.54  ? 147 GLU A OE2 1 
ATOM   390  N N   . GLU A 1 55  ? -4.078  2.054   10.919  1.00 28.58  ? 148 GLU A N   1 
ATOM   391  C CA  . GLU A 1 55  ? -3.892  0.645   10.467  1.00 30.05  ? 148 GLU A CA  1 
ATOM   392  C C   . GLU A 1 55  ? -2.631  -0.082  10.911  1.00 29.93  ? 148 GLU A C   1 
ATOM   393  O O   . GLU A 1 55  ? -2.596  -1.273  10.837  1.00 30.83  ? 148 GLU A O   1 
ATOM   394  C CB  . GLU A 1 55  ? -4.063  0.572   8.941   1.00 29.93  ? 148 GLU A CB  1 
ATOM   395  C CG  . GLU A 1 55  ? -5.430  1.081   8.511   1.00 33.48  ? 148 GLU A CG  1 
ATOM   396  C CD  . GLU A 1 55  ? -5.599  1.178   7.014   1.00 40.60  ? 148 GLU A CD  1 
ATOM   397  O OE1 . GLU A 1 55  ? -4.826  0.574   6.275   1.00 34.28  ? 148 GLU A OE1 1 
ATOM   398  O OE2 . GLU A 1 55  ? -6.501  1.923   6.588   1.00 46.16  ? 148 GLU A OE2 1 
ATOM   399  N N   . THR A 1 56  ? -1.586  0.650   11.293  1.00 28.65  ? 149 THR A N   1 
ATOM   400  C CA  . THR A 1 56  ? -0.251  0.067   11.622  1.00 29.26  ? 149 THR A CA  1 
ATOM   401  C C   . THR A 1 56  ? 0.313   0.502   12.955  1.00 29.42  ? 149 THR A C   1 
ATOM   402  O O   . THR A 1 56  ? 1.316   -0.056  13.406  1.00 29.70  ? 149 THR A O   1 
ATOM   403  C CB  . THR A 1 56  ? 0.809   0.478   10.534  1.00 29.16  ? 149 THR A CB  1 
ATOM   404  O OG1 . THR A 1 56  ? 1.117   1.874   10.626  1.00 25.73  ? 149 THR A OG1 1 
ATOM   405  C CG2 . THR A 1 56  ? 0.292   0.253   9.130   1.00 26.04  ? 149 THR A CG2 1 
ATOM   406  N N   . GLY A 1 57  ? -0.208  1.550   13.535  1.00 29.97  ? 150 GLY A N   1 
ATOM   407  C CA  . GLY A 1 57  ? 0.397   2.085   14.771  1.00 33.71  ? 150 GLY A CA  1 
ATOM   408  C C   . GLY A 1 57  ? 1.682   2.907   14.544  1.00 35.80  ? 150 GLY A C   1 
ATOM   409  O O   . GLY A 1 57  ? 2.380   3.209   15.481  1.00 38.44  ? 150 GLY A O   1 
ATOM   410  N N   . PHE A 1 58  ? 2.041   3.201   13.307  1.00 31.28  ? 151 PHE A N   1 
ATOM   411  C CA  . PHE A 1 58  ? 3.325   3.839   13.028  1.00 28.87  ? 151 PHE A CA  1 
ATOM   412  C C   . PHE A 1 58  ? 3.006   5.204   12.477  1.00 31.10  ? 151 PHE A C   1 
ATOM   413  O O   . PHE A 1 58  ? 2.155   5.376   11.582  1.00 29.12  ? 151 PHE A O   1 
ATOM   414  C CB  . PHE A 1 58  ? 4.202   2.990   12.132  1.00 31.05  ? 151 PHE A CB  1 
ATOM   415  C CG  . PHE A 1 58  ? 5.536   3.630   11.826  1.00 29.89  ? 151 PHE A CG  1 
ATOM   416  C CD1 . PHE A 1 58  ? 6.581   3.519   12.727  1.00 31.65  ? 151 PHE A CD1 1 
ATOM   417  C CD2 . PHE A 1 58  ? 5.730   4.336   10.656  1.00 31.28  ? 151 PHE A CD2 1 
ATOM   418  C CE1 . PHE A 1 58  ? 7.813   4.110   12.449  1.00 33.39  ? 151 PHE A CE1 1 
ATOM   419  C CE2 . PHE A 1 58  ? 6.962   4.928   10.360  1.00 30.83  ? 151 PHE A CE2 1 
ATOM   420  C CZ  . PHE A 1 58  ? 7.985   4.808   11.294  1.00 34.19  ? 151 PHE A CZ  1 
ATOM   421  N N   . ASP A 1 59  ? 3.652   6.243   13.023  1.00 31.31  ? 152 ASP A N   1 
ATOM   422  C CA  . ASP A 1 59  ? 3.353   7.617   12.619  1.00 32.93  ? 152 ASP A CA  1 
ATOM   423  C C   . ASP A 1 59  ? 4.336   8.060   11.587  1.00 32.54  ? 152 ASP A C   1 
ATOM   424  O O   . ASP A 1 59  ? 5.584   8.157   11.802  1.00 31.03  ? 152 ASP A O   1 
ATOM   425  C CB  . ASP A 1 59  ? 3.362   8.506   13.877  1.00 34.88  ? 152 ASP A CB  1 
ATOM   426  C CG  . ASP A 1 59  ? 3.070   9.941   13.625  1.00 39.14  ? 152 ASP A CG  1 
ATOM   427  O OD1 . ASP A 1 59  ? 2.748   10.384  12.510  1.00 36.73  ? 152 ASP A OD1 1 
ATOM   428  O OD2 . ASP A 1 59  ? 3.255   10.711  14.629  1.00 46.36  ? 152 ASP A OD2 1 
ATOM   429  N N   . ILE A 1 60  ? 3.808   8.340   10.409  1.00 29.81  ? 153 ILE A N   1 
ATOM   430  C CA  . ILE A 1 60  ? 4.696   8.708   9.283   1.00 30.49  ? 153 ILE A CA  1 
ATOM   431  C C   . ILE A 1 60  ? 4.818   10.237  9.142   1.00 30.58  ? 153 ILE A C   1 
ATOM   432  O O   . ILE A 1 60  ? 5.426   10.715  8.241   1.00 30.01  ? 153 ILE A O   1 
ATOM   433  C CB  . ILE A 1 60  ? 4.218   8.132   7.950   1.00 30.13  ? 153 ILE A CB  1 
ATOM   434  C CG1 . ILE A 1 60  ? 2.879   8.697   7.556   1.00 32.81  ? 153 ILE A CG1 1 
ATOM   435  C CG2 . ILE A 1 60  ? 4.250   6.625   7.996   1.00 29.87  ? 153 ILE A CG2 1 
ATOM   436  C CD1 . ILE A 1 60  ? 2.481   8.276   6.148   1.00 32.50  ? 153 ILE A CD1 1 
ATOM   437  N N   . LYS A 1 61  ? 4.169   10.995  10.004  1.00 30.59  ? 154 LYS A N   1 
ATOM   438  C CA  . LYS A 1 61  ? 4.055   12.420  9.803   1.00 35.11  ? 154 LYS A CA  1 
ATOM   439  C C   . LYS A 1 61  ? 5.438   13.104  9.612   1.00 29.05  ? 154 LYS A C   1 
ATOM   440  O O   . LYS A 1 61  ? 5.557   13.882  8.710   1.00 34.06  ? 154 LYS A O   1 
ATOM   441  C CB  . LYS A 1 61  ? 3.250   13.046  10.949  1.00 39.31  ? 154 LYS A CB  1 
ATOM   442  C CG  . LYS A 1 61  ? 3.213   14.562  10.983  1.00 55.75  ? 154 LYS A CG  1 
ATOM   443  C CD  . LYS A 1 61  ? 2.357   15.159  12.137  1.00 56.00  ? 154 LYS A CD  1 
ATOM   444  C CE  . LYS A 1 61  ? 2.593   14.527  13.525  1.00 67.04  ? 154 LYS A CE  1 
ATOM   445  N NZ  . LYS A 1 61  ? 3.946   14.776  14.121  1.00 71.38  ? 154 LYS A NZ  1 
ATOM   446  N N   . ASP A 1 62  ? 6.416   12.732  10.425  1.00 36.52  ? 155 ASP A N   1 
ATOM   447  C CA  . ASP A 1 62  ? 7.771   13.365  10.350  1.00 38.07  ? 155 ASP A CA  1 
ATOM   448  C C   . ASP A 1 62  ? 8.528   12.887  9.107   1.00 40.13  ? 155 ASP A C   1 
ATOM   449  O O   . ASP A 1 62  ? 9.598   13.483  8.787   1.00 35.72  ? 155 ASP A O   1 
ATOM   450  C CB  . ASP A 1 62  ? 8.617   12.994  11.568  1.00 45.27  ? 155 ASP A CB  1 
ATOM   451  C CG  . ASP A 1 62  ? 8.126   13.617  12.907  1.00 49.98  ? 155 ASP A CG  1 
ATOM   452  O OD1 . ASP A 1 62  ? 7.383   14.619  12.939  1.00 57.23  ? 155 ASP A OD1 1 
ATOM   453  O OD2 . ASP A 1 62  ? 8.536   13.068  13.947  1.00 53.47  ? 155 ASP A OD2 1 
ATOM   454  N N   . TYR A 1 63  ? 8.022   11.825  8.400   1.00 33.68  ? 156 TYR A N   1 
ATOM   455  C CA  . TYR A 1 63  ? 8.721   11.262  7.211   1.00 34.07  ? 156 TYR A CA  1 
ATOM   456  C C   . TYR A 1 63  ? 8.189   11.548  5.855   1.00 31.95  ? 156 TYR A C   1 
ATOM   457  O O   . TYR A 1 63  ? 8.874   11.436  4.825   1.00 36.42  ? 156 TYR A O   1 
ATOM   458  C CB  . TYR A 1 63  ? 8.861   9.783   7.363   1.00 34.15  ? 156 TYR A CB  1 
ATOM   459  C CG  . TYR A 1 63  ? 9.397   9.482   8.658   1.00 31.04  ? 156 TYR A CG  1 
ATOM   460  C CD1 . TYR A 1 63  ? 10.557  10.135  9.089   1.00 39.84  ? 156 TYR A CD1 1 
ATOM   461  C CD2 . TYR A 1 63  ? 8.719   8.720   9.549   1.00 32.03  ? 156 TYR A CD2 1 
ATOM   462  C CE1 . TYR A 1 63  ? 11.048  9.947   10.336  1.00 34.86  ? 156 TYR A CE1 1 
ATOM   463  C CE2 . TYR A 1 63  ? 9.200   8.486   10.831  1.00 37.54  ? 156 TYR A CE2 1 
ATOM   464  C CZ  . TYR A 1 63  ? 10.393  9.095   11.195  1.00 39.59  ? 156 TYR A CZ  1 
ATOM   465  O OH  . TYR A 1 63  ? 10.901  8.913   12.414  1.00 44.02  ? 156 TYR A OH  1 
ATOM   466  N N   . ILE A 1 64  ? 6.941   11.928  5.801   1.00 32.81  ? 157 ILE A N   1 
ATOM   467  C CA  . ILE A 1 64  ? 6.341   12.229  4.513   1.00 31.88  ? 157 ILE A CA  1 
ATOM   468  C C   . ILE A 1 64  ? 7.066   13.297  3.736   1.00 40.57  ? 157 ILE A C   1 
ATOM   469  O O   . ILE A 1 64  ? 7.382   14.373  4.291   1.00 38.08  ? 157 ILE A O   1 
ATOM   470  C CB  . ILE A 1 64  ? 4.864   12.709  4.642   1.00 37.41  ? 157 ILE A CB  1 
ATOM   471  C CG1 . ILE A 1 64  ? 3.947   11.551  4.985   1.00 45.02  ? 157 ILE A CG1 1 
ATOM   472  C CG2 . ILE A 1 64  ? 4.325   13.227  3.304   1.00 37.53  ? 157 ILE A CG2 1 
ATOM   473  C CD1 . ILE A 1 64  ? 2.535   11.976  5.367   1.00 43.62  ? 157 ILE A CD1 1 
ATOM   474  N N   A CYS A 1 65  ? 7.343   13.011  2.467   0.25 33.30  ? 158 CYS A N   1 
ATOM   475  N N   B CYS A 1 65  ? 7.307   13.029  2.457   0.25 39.16  ? 158 CYS A N   1 
ATOM   476  C CA  A CYS A 1 65  ? 7.830   14.006  1.541   0.25 33.59  ? 158 CYS A CA  1 
ATOM   477  C CA  B CYS A 1 65  ? 7.885   13.997  1.548   0.25 43.08  ? 158 CYS A CA  1 
ATOM   478  C C   A CYS A 1 65  ? 6.721   14.281  0.568   0.25 37.08  ? 158 CYS A C   1 
ATOM   479  C C   B CYS A 1 65  ? 6.820   14.298  0.503   0.25 42.88  ? 158 CYS A C   1 
ATOM   480  O O   A CYS A 1 65  ? 6.198   13.364  -0.076  0.25 37.72  ? 158 CYS A O   1 
ATOM   481  O O   B CYS A 1 65  ? 6.433   13.410  -0.265  0.25 44.00  ? 158 CYS A O   1 
ATOM   482  C CB  A CYS A 1 65  ? 9.071   13.542  0.819   0.25 30.15  ? 158 CYS A CB  1 
ATOM   483  C CB  B CYS A 1 65  ? 9.168   13.443  0.934   0.25 45.46  ? 158 CYS A CB  1 
ATOM   484  S SG  A CYS A 1 65  ? 10.438  13.201  1.921   0.25 24.72  ? 158 CYS A SG  1 
ATOM   485  S SG  B CYS A 1 65  ? 9.930   14.486  -0.333  0.25 53.56  ? 158 CYS A SG  1 
ATOM   486  N N   . LYS A 1 66  ? 6.348   15.548  0.490   1.00 41.07  ? 159 LYS A N   1 
ATOM   487  C CA  . LYS A 1 66  ? 5.265   16.014  -0.383  1.00 41.08  ? 159 LYS A CA  1 
ATOM   488  C C   . LYS A 1 66  ? 5.250   15.565  -1.799  1.00 39.41  ? 159 LYS A C   1 
ATOM   489  O O   . LYS A 1 66  ? 4.160   15.333  -2.396  1.00 46.00  ? 159 LYS A O   1 
ATOM   490  C CB  . LYS A 1 66  ? 5.274   17.570  -0.380  1.00 45.12  ? 159 LYS A CB  1 
ATOM   491  C CG  . LYS A 1 66  ? 6.549   18.199  -0.952  1.00 51.26  ? 159 LYS A CG  1 
ATOM   492  N N   . ASP A 1 67  ? 6.413   15.452  -2.406  1.00 41.68  ? 160 ASP A N   1 
ATOM   493  C CA  . ASP A 1 67  ? 6.453   15.107  -3.834  1.00 41.37  ? 160 ASP A CA  1 
ATOM   494  C C   . ASP A 1 67  ? 6.713   13.638  -4.053  1.00 40.26  ? 160 ASP A C   1 
ATOM   495  O O   . ASP A 1 67  ? 6.880   13.225  -5.199  1.00 41.48  ? 160 ASP A O   1 
ATOM   496  C CB  . ASP A 1 67  ? 7.591   15.885  -4.502  1.00 52.01  ? 160 ASP A CB  1 
ATOM   497  C CG  . ASP A 1 67  ? 7.370   17.367  -4.394  1.00 62.54  ? 160 ASP A CG  1 
ATOM   498  O OD1 . ASP A 1 67  ? 6.293   17.781  -4.859  1.00 63.00  ? 160 ASP A OD1 1 
ATOM   499  O OD2 . ASP A 1 67  ? 8.204   18.077  -3.779  1.00 70.63  ? 160 ASP A OD2 1 
ATOM   500  N N   . ASP A 1 68  ? 6.783   12.839  -2.982  1.00 35.61  ? 161 ASP A N   1 
ATOM   501  C CA  . ASP A 1 68  ? 7.213   11.429  -3.167  1.00 32.28  ? 161 ASP A CA  1 
ATOM   502  C C   . ASP A 1 68  ? 6.023   10.519  -2.920  1.00 28.51  ? 161 ASP A C   1 
ATOM   503  O O   . ASP A 1 68  ? 5.793   10.099  -1.799  1.00 27.54  ? 161 ASP A O   1 
ATOM   504  C CB  . ASP A 1 68  ? 8.335   11.006  -2.208  1.00 31.06  ? 161 ASP A CB  1 
ATOM   505  C CG  . ASP A 1 68  ? 9.656   11.749  -2.412  1.00 38.09  ? 161 ASP A CG  1 
ATOM   506  O OD1 . ASP A 1 68  ? 9.787   12.508  -3.353  1.00 35.94  ? 161 ASP A OD1 1 
ATOM   507  O OD2 . ASP A 1 68  ? 10.595  11.499  -1.619  1.00 32.33  ? 161 ASP A OD2 1 
ATOM   508  N N   . TYR A 1 69  ? 5.314   10.177  -3.976  1.00 30.75  ? 162 TYR A N   1 
ATOM   509  C CA  . TYR A 1 69  ? 4.105   9.352   -3.840  1.00 29.26  ? 162 TYR A CA  1 
ATOM   510  C C   . TYR A 1 69  ? 3.863   8.699   -5.183  1.00 31.99  ? 162 TYR A C   1 
ATOM   511  O O   . TYR A 1 69  ? 4.464   9.076   -6.186  1.00 33.90  ? 162 TYR A O   1 
ATOM   512  C CB  . TYR A 1 69  ? 2.880   10.216  -3.374  1.00 31.47  ? 162 TYR A CB  1 
ATOM   513  C CG  . TYR A 1 69  ? 2.549   11.364  -4.317  1.00 35.30  ? 162 TYR A CG  1 
ATOM   514  C CD1 . TYR A 1 69  ? 1.839   11.149  -5.525  1.00 38.23  ? 162 TYR A CD1 1 
ATOM   515  C CD2 . TYR A 1 69  ? 2.971   12.668  -4.013  1.00 39.12  ? 162 TYR A CD2 1 
ATOM   516  C CE1 . TYR A 1 69  ? 1.523   12.197  -6.369  1.00 41.78  ? 162 TYR A CE1 1 
ATOM   517  C CE2 . TYR A 1 69  ? 2.670   13.728  -4.862  1.00 41.00  ? 162 TYR A CE2 1 
ATOM   518  C CZ  . TYR A 1 69  ? 1.951   13.487  -6.023  1.00 45.54  ? 162 TYR A CZ  1 
ATOM   519  O OH  . TYR A 1 69  ? 1.689   14.521  -6.869  1.00 56.55  ? 162 TYR A OH  1 
ATOM   520  N N   . ILE A 1 70  ? 3.039   7.670   -5.181  1.00 31.83  ? 163 ILE A N   1 
ATOM   521  C CA  . ILE A 1 70  ? 2.458   7.087   -6.384  1.00 35.15  ? 163 ILE A CA  1 
ATOM   522  C C   . ILE A 1 70  ? 0.961   7.221   -6.316  1.00 31.85  ? 163 ILE A C   1 
ATOM   523  O O   . ILE A 1 70  ? 0.328   6.892   -5.306  1.00 29.33  ? 163 ILE A O   1 
ATOM   524  C CB  . ILE A 1 70  ? 2.919   5.621   -6.492  1.00 39.68  ? 163 ILE A CB  1 
ATOM   525  C CG1 . ILE A 1 70  ? 4.370   5.653   -6.966  1.00 44.85  ? 163 ILE A CG1 1 
ATOM   526  C CG2 . ILE A 1 70  ? 2.089   4.843   -7.504  1.00 45.01  ? 163 ILE A CG2 1 
ATOM   527  C CD1 . ILE A 1 70  ? 5.085   4.356   -6.697  1.00 48.30  ? 163 ILE A CD1 1 
ATOM   528  N N   . GLU A 1 71  ? 0.354   7.676   -7.428  1.00 30.15  ? 164 GLU A N   1 
ATOM   529  C CA  . GLU A 1 71  ? -1.070  7.923   -7.453  1.00 34.70  ? 164 GLU A CA  1 
ATOM   530  C C   . GLU A 1 71  ? -1.638  7.167   -8.620  1.00 33.49  ? 164 GLU A C   1 
ATOM   531  O O   . GLU A 1 71  ? -1.014  7.158   -9.689  1.00 36.89  ? 164 GLU A O   1 
ATOM   532  C CB  . GLU A 1 71  ? -1.272  9.411   -7.559  1.00 38.77  ? 164 GLU A CB  1 
ATOM   533  C CG  . GLU A 1 71  ? -2.675  9.921   -7.687  1.00 50.08  ? 164 GLU A CG  1 
ATOM   534  C CD  . GLU A 1 71  ? -2.648  11.444  -7.714  1.00 56.33  ? 164 GLU A CD  1 
ATOM   535  O OE1 . GLU A 1 71  ? -2.644  12.032  -8.824  1.00 61.01  ? 164 GLU A OE1 1 
ATOM   536  O OE2 . GLU A 1 71  ? -2.543  12.024  -6.620  1.00 45.49  ? 164 GLU A OE2 1 
ATOM   537  N N   . LEU A 1 72  ? -2.750  6.501   -8.415  1.00 30.92  ? 165 LEU A N   1 
ATOM   538  C CA  . LEU A 1 72  ? -3.397  5.779   -9.471  1.00 35.27  ? 165 LEU A CA  1 
ATOM   539  C C   . LEU A 1 72  ? -4.892  6.082   -9.428  1.00 36.62  ? 165 LEU A C   1 
ATOM   540  O O   . LEU A 1 72  ? -5.522  6.182   -8.367  1.00 33.64  ? 165 LEU A O   1 
ATOM   541  C CB  . LEU A 1 72  ? -3.227  4.284   -9.252  1.00 35.86  ? 165 LEU A CB  1 
ATOM   542  C CG  . LEU A 1 72  ? -1.829  3.750   -9.328  1.00 38.56  ? 165 LEU A CG  1 
ATOM   543  C CD1 . LEU A 1 72  ? -1.885  2.235   -9.116  1.00 38.06  ? 165 LEU A CD1 1 
ATOM   544  C CD2 . LEU A 1 72  ? -1.249  4.092   -10.699 1.00 40.25  ? 165 LEU A CD2 1 
ATOM   545  N N   . ARG A 1 73  ? -5.482  6.117   -10.603 1.00 40.32  ? 166 ARG A N   1 
ATOM   546  C CA  . ARG A 1 73  ? -6.920  6.308   -10.686 1.00 42.76  ? 166 ARG A CA  1 
ATOM   547  C C   . ARG A 1 73  ? -7.480  4.968   -11.106 1.00 39.70  ? 166 ARG A C   1 
ATOM   548  O O   . ARG A 1 73  ? -7.177  4.429   -12.173 1.00 46.30  ? 166 ARG A O   1 
ATOM   549  C CB  . ARG A 1 73  ? -7.322  7.433   -11.653 1.00 44.90  ? 166 ARG A CB  1 
ATOM   550  C CG  . ARG A 1 73  ? -8.832  7.729   -11.557 1.00 47.53  ? 166 ARG A CG  1 
ATOM   551  C CD  . ARG A 1 73  ? -9.391  8.628   -12.671 1.00 59.46  ? 166 ARG A CD  1 
ATOM   552  N NE  . ARG A 1 73  ? -9.115  8.122   -14.035 1.00 58.31  ? 166 ARG A NE  1 
ATOM   553  C CZ  . ARG A 1 73  ? -8.558  8.826   -15.039 1.00 64.92  ? 166 ARG A CZ  1 
ATOM   554  N NH1 . ARG A 1 73  ? -8.218  10.112  -14.916 1.00 65.62  ? 166 ARG A NH1 1 
ATOM   555  N NH2 . ARG A 1 73  ? -8.353  8.245   -16.216 1.00 63.04  ? 166 ARG A NH2 1 
ATOM   556  N N   . ILE A 1 74  ? -8.285  4.400   -10.254 1.00 36.36  ? 167 ILE A N   1 
ATOM   557  C CA  . ILE A 1 74  ? -8.845  3.115   -10.524 1.00 44.86  ? 167 ILE A CA  1 
ATOM   558  C C   . ILE A 1 74  ? -10.347 3.240   -10.473 1.00 42.14  ? 167 ILE A C   1 
ATOM   559  O O   . ILE A 1 74  ? -10.905 3.593   -9.402  1.00 43.07  ? 167 ILE A O   1 
ATOM   560  C CB  . ILE A 1 74  ? -8.316  2.136   -9.467  1.00 49.04  ? 167 ILE A CB  1 
ATOM   561  C CG1 . ILE A 1 74  ? -6.809  1.909   -9.756  1.00 48.77  ? 167 ILE A CG1 1 
ATOM   562  C CG2 . ILE A 1 74  ? -9.136  0.823   -9.470  1.00 52.66  ? 167 ILE A CG2 1 
ATOM   563  C CD1 . ILE A 1 74  ? -6.112  1.060   -8.712  1.00 47.43  ? 167 ILE A CD1 1 
ATOM   564  N N   . ASN A 1 75  ? -11.008 2.933   -11.591 1.00 43.07  ? 168 ASN A N   1 
ATOM   565  C CA  . ASN A 1 75  ? -12.469 3.086   -11.703 1.00 44.13  ? 168 ASN A CA  1 
ATOM   566  C C   . ASN A 1 75  ? -12.978 4.354   -11.124 1.00 44.23  ? 168 ASN A C   1 
ATOM   567  O O   . ASN A 1 75  ? -13.909 4.394   -10.313 1.00 53.08  ? 168 ASN A O   1 
ATOM   568  C CB  . ASN A 1 75  ? -13.153 1.925   -11.018 1.00 45.02  ? 168 ASN A CB  1 
ATOM   569  C CG  . ASN A 1 75  ? -12.827 0.636   -11.689 1.00 46.03  ? 168 ASN A CG  1 
ATOM   570  O OD1 . ASN A 1 75  ? -12.700 0.592   -12.932 1.00 46.61  ? 168 ASN A OD1 1 
ATOM   571  N ND2 . ASN A 1 75  ? -12.638 -0.412  -10.903 1.00 48.95  ? 168 ASN A ND2 1 
ATOM   572  N N   . ASP A 1 76  ? -12.322 5.395   -11.524 1.00 37.58  ? 169 ASP A N   1 
ATOM   573  C CA  . ASP A 1 76  ? -12.688 6.739   -11.189 1.00 58.71  ? 169 ASP A CA  1 
ATOM   574  C C   . ASP A 1 76  ? -12.604 7.064   -9.672  1.00 57.12  ? 169 ASP A C   1 
ATOM   575  O O   . ASP A 1 76  ? -13.323 7.940   -9.181  1.00 68.29  ? 169 ASP A O   1 
ATOM   576  C CB  . ASP A 1 76  ? -14.042 7.090   -11.863 1.00 61.32  ? 169 ASP A CB  1 
ATOM   577  C CG  . ASP A 1 76  ? -13.935 8.330   -12.728 1.00 69.72  ? 169 ASP A CG  1 
ATOM   578  O OD1 . ASP A 1 76  ? -13.370 8.285   -13.914 1.00 63.96  ? 169 ASP A OD1 1 
ATOM   579  O OD2 . ASP A 1 76  ? -14.403 9.355   -12.166 1.00 68.37  ? 169 ASP A OD2 1 
ATOM   580  N N   . GLN A 1 77  ? -11.710 6.360   -8.968  1.00 55.92  ? 170 GLN A N   1 
ATOM   581  C CA  . GLN A 1 77  ? -11.288 6.689   -7.595  1.00 52.10  ? 170 GLN A CA  1 
ATOM   582  C C   . GLN A 1 77  ? -9.769  6.880   -7.562  1.00 50.28  ? 170 GLN A C   1 
ATOM   583  O O   . GLN A 1 77  ? -8.994  6.080   -8.109  1.00 43.98  ? 170 GLN A O   1 
ATOM   584  C CB  . GLN A 1 77  ? -11.697 5.617   -6.624  1.00 60.18  ? 170 GLN A CB  1 
ATOM   585  C CG  . GLN A 1 77  ? -11.429 5.980   -5.141  1.00 73.72  ? 170 GLN A CG  1 
ATOM   586  C CD  . GLN A 1 77  ? -12.581 5.655   -4.193  1.00 77.05  ? 170 GLN A CD  1 
ATOM   587  O OE1 . GLN A 1 77  ? -13.752 5.633   -4.585  1.00 91.52  ? 170 GLN A OE1 1 
ATOM   588  N NE2 . GLN A 1 77  ? -12.253 5.439   -2.925  1.00 90.59  ? 170 GLN A NE2 1 
ATOM   589  N N   . LEU A 1 78  ? -9.340  7.950   -6.919  1.00 37.69  ? 171 LEU A N   1 
ATOM   590  C CA  . LEU A 1 78  ? -7.942  8.307   -6.910  1.00 44.40  ? 171 LEU A CA  1 
ATOM   591  C C   . LEU A 1 78  ? -7.308  7.720   -5.642  1.00 39.46  ? 171 LEU A C   1 
ATOM   592  O O   . LEU A 1 78  ? -7.917  7.834   -4.621  1.00 42.64  ? 171 LEU A O   1 
ATOM   593  C CB  . LEU A 1 78  ? -7.842  9.801   -6.890  1.00 51.45  ? 171 LEU A CB  1 
ATOM   594  C CG  . LEU A 1 78  ? -6.443  10.320  -7.116  1.00 59.36  ? 171 LEU A CG  1 
ATOM   595  C CD1 . LEU A 1 78  ? -6.260  10.508  -8.614  1.00 70.26  ? 171 LEU A CD1 1 
ATOM   596  C CD2 . LEU A 1 78  ? -6.247  11.611  -6.325  1.00 66.14  ? 171 LEU A CD2 1 
ATOM   597  N N   . ALA A 1 79  ? -6.125  7.073   -5.734  1.00 35.05  ? 172 ALA A N   1 
ATOM   598  C CA  . ALA A 1 79  ? -5.439  6.507   -4.556  1.00 32.79  ? 172 ALA A CA  1 
ATOM   599  C C   . ALA A 1 79  ? -4.010  6.993   -4.580  1.00 34.85  ? 172 ALA A C   1 
ATOM   600  O O   . ALA A 1 79  ? -3.263  6.751   -5.539  1.00 34.37  ? 172 ALA A O   1 
ATOM   601  C CB  . ALA A 1 79  ? -5.551  4.969   -4.474  1.00 34.14  ? 172 ALA A CB  1 
ATOM   602  N N   . ARG A 1 80  ? -3.607  7.725   -3.539  1.00 30.31  ? 173 ARG A N   1 
ATOM   603  C CA  . ARG A 1 80  ? -2.260  8.236   -3.517  1.00 28.73  ? 173 ARG A CA  1 
ATOM   604  C C   . ARG A 1 80  ? -1.516  7.690   -2.298  1.00 28.90  ? 173 ARG A C   1 
ATOM   605  O O   . ARG A 1 80  ? -2.033  7.794   -1.159  1.00 30.77  ? 173 ARG A O   1 
ATOM   606  C CB  . ARG A 1 80  ? -2.249  9.766   -3.483  1.00 33.57  ? 173 ARG A CB  1 
ATOM   607  C CG  . ARG A 1 80  ? -0.801  10.283  -3.290  1.00 31.35  ? 173 ARG A CG  1 
ATOM   608  C CD  . ARG A 1 80  ? -0.858  11.756  -2.916  1.00 34.14  ? 173 ARG A CD  1 
ATOM   609  N NE  . ARG A 1 80  ? -1.437  12.508  -4.049  1.00 36.72  ? 173 ARG A NE  1 
ATOM   610  C CZ  . ARG A 1 80  ? -1.552  13.840  -4.090  1.00 46.37  ? 173 ARG A CZ  1 
ATOM   611  N NH1 . ARG A 1 80  ? -1.101  14.587  -3.074  1.00 45.60  ? 173 ARG A NH1 1 
ATOM   612  N NH2 . ARG A 1 80  ? -2.118  14.408  -5.148  1.00 48.92  ? 173 ARG A NH2 1 
ATOM   613  N N   . LEU A 1 81  ? -0.331  7.085   -2.539  1.00 26.87  ? 174 LEU A N   1 
ATOM   614  C CA  . LEU A 1 81  ? 0.418   6.442   -1.473  1.00 26.23  ? 174 LEU A CA  1 
ATOM   615  C C   . LEU A 1 81  ? 1.704   7.164   -1.440  1.00 25.65  ? 174 LEU A C   1 
ATOM   616  O O   . LEU A 1 81  ? 2.458   7.097   -2.421  1.00 25.50  ? 174 LEU A O   1 
ATOM   617  C CB  . LEU A 1 81  ? 0.679   4.938   -1.712  1.00 26.00  ? 174 LEU A CB  1 
ATOM   618  C CG  . LEU A 1 81  ? -0.573  4.090   -1.931  1.00 28.52  ? 174 LEU A CG  1 
ATOM   619  C CD1 . LEU A 1 81  ? -0.227  2.622   -2.188  1.00 27.57  ? 174 LEU A CD1 1 
ATOM   620  C CD2 . LEU A 1 81  ? -1.532  4.198   -0.700  1.00 30.30  ? 174 LEU A CD2 1 
ATOM   621  N N   . TYR A 1 82  ? 1.977   7.825   -0.302  1.00 26.85  ? 175 TYR A N   1 
ATOM   622  C CA  . TYR A 1 82  ? 3.240   8.446   -0.082  1.00 24.78  ? 175 TYR A CA  1 
ATOM   623  C C   . TYR A 1 82  ? 4.301   7.412   0.158   1.00 28.18  ? 175 TYR A C   1 
ATOM   624  O O   . TYR A 1 82  ? 4.055   6.439   0.862   1.00 25.97  ? 175 TYR A O   1 
ATOM   625  C CB  . TYR A 1 82  ? 3.175   9.355   1.150   1.00 25.44  ? 175 TYR A CB  1 
ATOM   626  C CG  . TYR A 1 82  ? 2.359   10.556  0.803   1.00 25.88  ? 175 TYR A CG  1 
ATOM   627  C CD1 . TYR A 1 82  ? 2.947   11.640  0.173   1.00 31.82  ? 175 TYR A CD1 1 
ATOM   628  C CD2 . TYR A 1 82  ? 1.009   10.577  0.998   1.00 29.29  ? 175 TYR A CD2 1 
ATOM   629  C CE1 . TYR A 1 82  ? 2.205   12.774  -0.174  1.00 33.28  ? 175 TYR A CE1 1 
ATOM   630  C CE2 . TYR A 1 82  ? 0.274   11.662  0.613   1.00 31.12  ? 175 TYR A CE2 1 
ATOM   631  C CZ  . TYR A 1 82  ? 0.889   12.754  0.037   1.00 35.88  ? 175 TYR A CZ  1 
ATOM   632  O OH  . TYR A 1 82  ? 0.144   13.830  -0.333  1.00 37.97  ? 175 TYR A OH  1 
ATOM   633  N N   . ILE A 1 83  ? 5.465   7.614   -0.428  1.00 24.51  ? 176 ILE A N   1 
ATOM   634  C CA  . ILE A 1 83  ? 6.562   6.680   -0.307  1.00 24.03  ? 176 ILE A CA  1 
ATOM   635  C C   . ILE A 1 83  ? 7.427   7.046   0.898   1.00 24.43  ? 176 ILE A C   1 
ATOM   636  O O   . ILE A 1 83  ? 7.972   8.128   0.990   1.00 28.22  ? 176 ILE A O   1 
ATOM   637  C CB  . ILE A 1 83  ? 7.331   6.564   -1.636  1.00 28.37  ? 176 ILE A CB  1 
ATOM   638  C CG1 . ILE A 1 83  ? 6.389   6.016   -2.733  1.00 30.15  ? 176 ILE A CG1 1 
ATOM   639  C CG2 . ILE A 1 83  ? 8.490   5.634   -1.512  1.00 25.70  ? 176 ILE A CG2 1 
ATOM   640  C CD1 . ILE A 1 83  ? 6.873   6.331   -4.127  1.00 45.16  ? 176 ILE A CD1 1 
ATOM   641  N N   . ILE A 1 84  ? 7.629   6.058   1.782   1.00 25.71  ? 177 ILE A N   1 
ATOM   642  C CA  . ILE A 1 84  ? 8.294   6.226   3.070   1.00 25.88  ? 177 ILE A CA  1 
ATOM   643  C C   . ILE A 1 84  ? 9.377   5.172   3.264   1.00 23.34  ? 177 ILE A C   1 
ATOM   644  O O   . ILE A 1 84  ? 9.121   4.188   3.842   1.00 24.49  ? 177 ILE A O   1 
ATOM   645  C CB  . ILE A 1 84  ? 7.283   6.138   4.246   1.00 28.01  ? 177 ILE A CB  1 
ATOM   646  C CG1 . ILE A 1 84  ? 6.045   7.027   4.054   1.00 28.42  ? 177 ILE A CG1 1 
ATOM   647  C CG2 . ILE A 1 84  ? 7.941   6.520   5.549   1.00 29.21  ? 177 ILE A CG2 1 
ATOM   648  C CD1 . ILE A 1 84  ? 6.277   8.507   4.067   1.00 33.48  ? 177 ILE A CD1 1 
ATOM   649  N N   . PRO A 1 85  ? 10.629  5.427   2.826   1.00 26.73  ? 178 PRO A N   1 
ATOM   650  C CA  . PRO A 1 85  ? 11.691  4.436   2.905   1.00 24.09  ? 178 PRO A CA  1 
ATOM   651  C C   . PRO A 1 85  ? 12.348  4.499   4.199   1.00 23.83  ? 178 PRO A C   1 
ATOM   652  O O   . PRO A 1 85  ? 12.185  5.450   4.958   1.00 25.84  ? 178 PRO A O   1 
ATOM   653  C CB  . PRO A 1 85  ? 12.692  4.846   1.818   1.00 26.86  ? 178 PRO A CB  1 
ATOM   654  C CG  . PRO A 1 85  ? 12.060  5.918   1.095   1.00 31.90  ? 178 PRO A CG  1 
ATOM   655  C CD  . PRO A 1 85  ? 10.955  6.529   1.900   1.00 30.61  ? 178 PRO A CD  1 
ATOM   656  N N   . GLY A 1 86  ? 13.154  3.504   4.430   1.00 24.34  ? 179 GLY A N   1 
ATOM   657  C CA  . GLY A 1 86  ? 14.074  3.481   5.538   1.00 27.08  ? 179 GLY A CA  1 
ATOM   658  C C   . GLY A 1 86  ? 13.495  3.198   6.882   1.00 29.35  ? 179 GLY A C   1 
ATOM   659  O O   . GLY A 1 86  ? 14.018  3.659   7.890   1.00 28.98  ? 179 GLY A O   1 
ATOM   660  N N   . ILE A 1 87  ? 12.359  2.537   6.942   1.00 28.68  ? 180 ILE A N   1 
ATOM   661  C CA  . ILE A 1 87  ? 11.759  2.224   8.260   1.00 28.30  ? 180 ILE A CA  1 
ATOM   662  C C   . ILE A 1 87  ? 12.283  0.868   8.744   1.00 31.98  ? 180 ILE A C   1 
ATOM   663  O O   . ILE A 1 87  ? 12.138  -0.107  8.064   1.00 31.67  ? 180 ILE A O   1 
ATOM   664  C CB  . ILE A 1 87  ? 10.228  2.257   8.200   1.00 28.19  ? 180 ILE A CB  1 
ATOM   665  C CG1 . ILE A 1 87  ? 9.729   3.613   7.686   1.00 27.93  ? 180 ILE A CG1 1 
ATOM   666  C CG2 . ILE A 1 87  ? 9.599   1.940   9.527   1.00 31.36  ? 180 ILE A CG2 1 
ATOM   667  C CD1 . ILE A 1 87  ? 10.300  4.844   8.395   1.00 30.84  ? 180 ILE A CD1 1 
ATOM   668  N N   . PRO A 1 88  ? 12.913  0.815   9.947   1.00 33.88  ? 181 PRO A N   1 
ATOM   669  C CA  . PRO A 1 88  ? 13.532  -0.435  10.381  1.00 33.10  ? 181 PRO A CA  1 
ATOM   670  C C   . PRO A 1 88  ? 12.546  -1.606  10.414  1.00 34.42  ? 181 PRO A C   1 
ATOM   671  O O   . PRO A 1 88  ? 11.373  -1.473  10.879  1.00 31.30  ? 181 PRO A O   1 
ATOM   672  C CB  . PRO A 1 88  ? 14.105  -0.096  11.799  1.00 36.29  ? 181 PRO A CB  1 
ATOM   673  C CG  . PRO A 1 88  ? 14.283  1.379   11.771  1.00 38.72  ? 181 PRO A CG  1 
ATOM   674  C CD  . PRO A 1 88  ? 13.133  1.902   10.917  1.00 39.08  ? 181 PRO A CD  1 
ATOM   675  N N   . LYS A 1 89  ? 13.014  -2.738  9.910   1.00 33.72  ? 182 LYS A N   1 
ATOM   676  C CA  . LYS A 1 89  ? 12.266  -3.964  9.899   1.00 36.72  ? 182 LYS A CA  1 
ATOM   677  C C   . LYS A 1 89  ? 11.872  -4.469  11.276  1.00 39.60  ? 182 LYS A C   1 
ATOM   678  O O   . LYS A 1 89  ? 10.939  -5.242  11.377  1.00 44.46  ? 182 LYS A O   1 
ATOM   679  C CB  . LYS A 1 89  ? 12.986  -5.066  9.093   1.00 46.59  ? 182 LYS A CB  1 
ATOM   680  C CG  . LYS A 1 89  ? 12.328  -5.343  7.730   1.00 58.54  ? 182 LYS A CG  1 
ATOM   681  C CD  . LYS A 1 89  ? 12.542  -6.742  7.162   1.00 65.50  ? 182 LYS A CD  1 
ATOM   682  C CE  . LYS A 1 89  ? 14.007  -7.143  7.087   1.00 70.02  ? 182 LYS A CE  1 
ATOM   683  N NZ  . LYS A 1 89  ? 14.836  -6.210  6.247   1.00 76.09  ? 182 LYS A NZ  1 
ATOM   684  N N   . ASP A 1 90  ? 12.539  -4.019  12.335  1.00 36.06  ? 183 ASP A N   1 
ATOM   685  C CA  . ASP A 1 90  ? 12.150  -4.466  13.690  1.00 41.85  ? 183 ASP A CA  1 
ATOM   686  C C   . ASP A 1 90  ? 11.157  -3.508  14.370  1.00 39.39  ? 183 ASP A C   1 
ATOM   687  O O   . ASP A 1 90  ? 10.769  -3.704  15.533  1.00 40.59  ? 183 ASP A O   1 
ATOM   688  C CB  . ASP A 1 90  ? 13.402  -4.687  14.534  1.00 47.43  ? 183 ASP A CB  1 
ATOM   689  C CG  . ASP A 1 90  ? 14.189  -3.415  14.771  1.00 51.89  ? 183 ASP A CG  1 
ATOM   690  O OD1 . ASP A 1 90  ? 13.879  -2.329  14.204  1.00 50.73  ? 183 ASP A OD1 1 
ATOM   691  O OD2 . ASP A 1 90  ? 15.158  -3.505  15.524  1.00 55.57  ? 183 ASP A OD2 1 
ATOM   692  N N   . THR A 1 91  ? 10.714  -2.481  13.648  1.00 35.94  ? 184 THR A N   1 
ATOM   693  C CA  . THR A 1 91  ? 9.599   -1.649  14.149  1.00 33.60  ? 184 THR A CA  1 
ATOM   694  C C   . THR A 1 91  ? 8.386   -2.480  14.564  1.00 39.61  ? 184 THR A C   1 
ATOM   695  O O   . THR A 1 91  ? 8.006   -3.415  13.866  1.00 43.30  ? 184 THR A O   1 
ATOM   696  C CB  . THR A 1 91  ? 9.152   -0.658  13.078  1.00 33.85  ? 184 THR A CB  1 
ATOM   697  O OG1 . THR A 1 91  ? 10.276  0.114   12.594  1.00 35.86  ? 184 THR A OG1 1 
ATOM   698  C CG2 . THR A 1 91  ? 8.115   0.263   13.621  1.00 32.62  ? 184 THR A CG2 1 
ATOM   699  N N   . LYS A 1 92  ? 7.763   -2.115  15.674  1.00 43.87  ? 185 LYS A N   1 
ATOM   700  C CA  . LYS A 1 92  ? 6.551   -2.763  16.205  1.00 43.46  ? 185 LYS A CA  1 
ATOM   701  C C   . LYS A 1 92  ? 5.338   -2.053  15.670  1.00 40.89  ? 185 LYS A C   1 
ATOM   702  O O   . LYS A 1 92  ? 5.115   -0.915  15.996  1.00 43.61  ? 185 LYS A O   1 
ATOM   703  C CB  . LYS A 1 92  ? 6.531   -2.691  17.771  1.00 50.27  ? 185 LYS A CB  1 
ATOM   704  C CG  . LYS A 1 92  ? 7.651   -3.471  18.470  1.00 50.12  ? 185 LYS A CG  1 
ATOM   705  C CD  . LYS A 1 92  ? 7.963   -4.825  17.820  1.00 59.31  ? 185 LYS A CD  1 
ATOM   706  N N   . PHE A 1 93  ? 4.593   -2.740  14.804  1.00 36.11  ? 186 PHE A N   1 
ATOM   707  C CA  . PHE A 1 93  ? 3.381   -2.260  14.214  1.00 33.60  ? 186 PHE A CA  1 
ATOM   708  C C   . PHE A 1 93  ? 2.259   -2.926  14.956  1.00 38.62  ? 186 PHE A C   1 
ATOM   709  O O   . PHE A 1 93  ? 2.316   -4.115  15.208  1.00 45.69  ? 186 PHE A O   1 
ATOM   710  C CB  . PHE A 1 93  ? 3.315   -2.665  12.732  1.00 29.51  ? 186 PHE A CB  1 
ATOM   711  C CG  . PHE A 1 93  ? 4.437   -2.056  11.906  1.00 31.72  ? 186 PHE A CG  1 
ATOM   712  C CD1 . PHE A 1 93  ? 4.393   -0.715  11.611  1.00 31.19  ? 186 PHE A CD1 1 
ATOM   713  C CD2 . PHE A 1 93  ? 5.547   -2.805  11.503  1.00 29.31  ? 186 PHE A CD2 1 
ATOM   714  C CE1 . PHE A 1 93  ? 5.382   -0.091  10.871  1.00 30.43  ? 186 PHE A CE1 1 
ATOM   715  C CE2 . PHE A 1 93  ? 6.567   -2.173  10.765  1.00 29.62  ? 186 PHE A CE2 1 
ATOM   716  C CZ  . PHE A 1 93  ? 6.479   -0.842  10.437  1.00 31.89  ? 186 PHE A CZ  1 
ATOM   717  N N   . ASN A 1 94  ? 1.254   -2.141  15.293  1.00 39.10  ? 187 ASN A N   1 
ATOM   718  C CA  . ASN A 1 94  ? 0.011   -2.639  15.913  1.00 45.70  ? 187 ASN A CA  1 
ATOM   719  C C   . ASN A 1 94  ? -1.133  -1.800  15.467  1.00 39.63  ? 187 ASN A C   1 
ATOM   720  O O   . ASN A 1 94  ? -1.119  -0.592  15.702  1.00 41.37  ? 187 ASN A O   1 
ATOM   721  C CB  . ASN A 1 94  ? 0.119   -2.497  17.422  1.00 54.19  ? 187 ASN A CB  1 
ATOM   722  C CG  . ASN A 1 94  ? 1.134   -3.438  18.012  1.00 59.69  ? 187 ASN A CG  1 
ATOM   723  O OD1 . ASN A 1 94  ? 2.172   -3.018  18.551  1.00 68.23  ? 187 ASN A OD1 1 
ATOM   724  N ND2 . ASN A 1 94  ? 0.849   -4.727  17.910  1.00 64.70  ? 187 ASN A ND2 1 
ATOM   725  N N   . PRO A 1 95  ? -2.167  -2.405  14.852  1.00 40.35  ? 188 PRO A N   1 
ATOM   726  C CA  . PRO A 1 95  ? -3.246  -1.506  14.510  1.00 37.27  ? 188 PRO A CA  1 
ATOM   727  C C   . PRO A 1 95  ? -3.988  -1.011  15.736  1.00 47.44  ? 188 PRO A C   1 
ATOM   728  O O   . PRO A 1 95  ? -3.851  -1.565  16.824  1.00 47.01  ? 188 PRO A O   1 
ATOM   729  C CB  . PRO A 1 95  ? -4.159  -2.383  13.639  1.00 37.26  ? 188 PRO A CB  1 
ATOM   730  C CG  . PRO A 1 95  ? -3.976  -3.701  14.205  1.00 43.50  ? 188 PRO A CG  1 
ATOM   731  C CD  . PRO A 1 95  ? -2.529  -3.813  14.568  1.00 41.18  ? 188 PRO A CD  1 
ATOM   732  N N   . LYS A 1 96  ? -4.743  0.066   15.558  0.50 51.84  ? 189 LYS A N   1 
ATOM   733  C CA  . LYS A 1 96  ? -5.557  0.613   16.626  0.50 59.82  ? 189 LYS A CA  1 
ATOM   734  C C   . LYS A 1 96  ? -6.779  -0.289  16.780  0.50 63.83  ? 189 LYS A C   1 
ATOM   735  O O   . LYS A 1 96  ? -7.133  -0.692  17.890  0.50 60.79  ? 189 LYS A O   1 
ATOM   736  C CB  . LYS A 1 96  ? -5.969  2.047   16.304  0.50 65.82  ? 189 LYS A CB  1 
ATOM   737  C CG  . LYS A 1 96  ? -4.797  2.965   15.960  0.50 70.63  ? 189 LYS A CG  1 
ATOM   738  C CD  . LYS A 1 96  ? -3.753  3.064   17.068  0.50 74.02  ? 189 LYS A CD  1 
ATOM   739  C CE  . LYS A 1 96  ? -2.926  1.793   17.185  0.50 74.89  ? 189 LYS A CE  1 
ATOM   740  N NZ  . LYS A 1 96  ? -1.719  1.970   18.034  0.50 77.58  ? 189 LYS A NZ  1 
ATOM   741  N N   . THR A 1 97  ? -7.376  -0.633  15.640  0.50 68.54  ? 190 THR A N   1 
ATOM   742  C CA  . THR A 1 97  ? -8.595  -1.437  15.586  0.50 71.66  ? 190 THR A CA  1 
ATOM   743  C C   . THR A 1 97  ? -8.318  -2.819  15.006  0.50 65.49  ? 190 THR A C   1 
ATOM   744  O O   . THR A 1 97  ? -8.213  -2.973  13.782  0.50 60.03  ? 190 THR A O   1 
ATOM   745  C CB  . THR A 1 97  ? -9.657  -0.766  14.682  0.50 77.32  ? 190 THR A CB  1 
ATOM   746  O OG1 . THR A 1 97  ? -9.090  -0.500  13.389  0.50 85.67  ? 190 THR A OG1 1 
ATOM   747  C CG2 . THR A 1 97  ? -10.143 0.544   15.290  0.50 79.66  ? 190 THR A CG2 1 
ATOM   748  N N   . ARG A 1 98  ? -8.226  -3.828  15.869  0.50 57.96  ? 191 ARG A N   1 
ATOM   749  C CA  . ARG A 1 98  ? -8.049  -5.200  15.395  0.50 53.53  ? 191 ARG A CA  1 
ATOM   750  C C   . ARG A 1 98  ? -9.315  -5.810  14.766  0.50 46.57  ? 191 ARG A C   1 
ATOM   751  O O   . ARG A 1 98  ? -9.260  -6.883  14.161  0.50 45.20  ? 191 ARG A O   1 
ATOM   752  C CB  . ARG A 1 98  ? -7.511  -6.098  16.504  0.50 57.50  ? 191 ARG A CB  1 
ATOM   753  C CG  . ARG A 1 98  ? -6.011  -5.969  16.700  0.50 57.68  ? 191 ARG A CG  1 
ATOM   754  C CD  . ARG A 1 98  ? -5.393  -7.323  16.964  0.50 59.26  ? 191 ARG A CD  1 
ATOM   755  N NE  . ARG A 1 98  ? -5.202  -8.119  15.747  0.50 59.73  ? 191 ARG A NE  1 
ATOM   756  C CZ  . ARG A 1 98  ? -5.153  -9.448  15.752  0.50 57.98  ? 191 ARG A CZ  1 
ATOM   757  N NH1 . ARG A 1 98  ? -5.295  -10.098 16.902  0.50 54.57  ? 191 ARG A NH1 1 
ATOM   758  N NH2 . ARG A 1 98  ? -4.967  -10.126 14.626  0.50 58.12  ? 191 ARG A NH2 1 
ATOM   759  N N   . ARG A 1 99  ? -10.442 -5.115  14.917  1.00 37.42  ? 192 ARG A N   1 
ATOM   760  C CA  . ARG A 1 99  ? -11.677 -5.384  14.202  1.00 34.36  ? 192 ARG A CA  1 
ATOM   761  C C   . ARG A 1 99  ? -11.589 -5.005  12.751  1.00 30.86  ? 192 ARG A C   1 
ATOM   762  O O   . ARG A 1 99  ? -12.412 -5.430  11.981  1.00 29.08  ? 192 ARG A O   1 
ATOM   763  C CB  . ARG A 1 99  ? -12.842 -4.620  14.872  1.00 43.47  ? 192 ARG A CB  1 
ATOM   764  C CG  . ARG A 1 99  ? -13.200 -5.081  16.280  1.00 50.13  ? 192 ARG A CG  1 
ATOM   765  C CD  . ARG A 1 99  ? -14.226 -4.117  16.910  1.00 56.52  ? 192 ARG A CD  1 
ATOM   766  N NE  . ARG A 1 99  ? -15.400 -4.839  17.372  1.00 72.25  ? 192 ARG A NE  1 
ATOM   767  C CZ  . ARG A 1 99  ? -15.503 -5.482  18.532  1.00 73.54  ? 192 ARG A CZ  1 
ATOM   768  N NH1 . ARG A 1 99  ? -14.512 -5.488  19.413  1.00 80.48  ? 192 ARG A NH1 1 
ATOM   769  N NH2 . ARG A 1 99  ? -16.623 -6.109  18.825  1.00 71.45  ? 192 ARG A NH2 1 
ATOM   770  N N   . GLU A 1 100 ? -10.527 -4.257  12.321  1.00 31.57  ? 193 GLU A N   1 
ATOM   771  C CA  . GLU A 1 100 ? -10.336 -3.916  10.902  1.00 29.39  ? 193 GLU A CA  1 
ATOM   772  C C   . GLU A 1 100 ? -9.096  -4.566  10.247  1.00 25.88  ? 193 GLU A C   1 
ATOM   773  O O   . GLU A 1 100 ? -9.130  -4.826  9.081   1.00 30.93  ? 193 GLU A O   1 
ATOM   774  C CB  . GLU A 1 100 ? -10.233 -2.395  10.738  1.00 41.36  ? 193 GLU A CB  1 
ATOM   775  C CG  . GLU A 1 100 ? -11.382 -1.676  11.445  1.00 50.21  ? 193 GLU A CG  1 
ATOM   776  C CD  . GLU A 1 100 ? -11.400 -0.197  11.125  1.00 58.84  ? 193 GLU A CD  1 
ATOM   777  O OE1 . GLU A 1 100 ? -11.646 0.105   9.933   1.00 59.87  ? 193 GLU A OE1 1 
ATOM   778  O OE2 . GLU A 1 100 ? -11.119 0.621   12.043  1.00 63.91  ? 193 GLU A OE2 1 
ATOM   779  N N   . ILE A 1 101 ? -8.065  -4.819  11.023  1.00 23.25  ? 194 ILE A N   1 
ATOM   780  C CA  . ILE A 1 101 ? -6.737  -5.321  10.489  1.00 26.48  ? 194 ILE A CA  1 
ATOM   781  C C   . ILE A 1 101 ? -6.426  -6.628  11.154  1.00 25.81  ? 194 ILE A C   1 
ATOM   782  O O   . ILE A 1 101 ? -6.305  -6.718  12.400  1.00 28.85  ? 194 ILE A O   1 
ATOM   783  C CB  . ILE A 1 101 ? -5.566  -4.351  10.733  1.00 29.99  ? 194 ILE A CB  1 
ATOM   784  C CG1 . ILE A 1 101 ? -5.832  -2.989  10.055  1.00 29.62  ? 194 ILE A CG1 1 
ATOM   785  C CG2 . ILE A 1 101 ? -4.232  -4.949  10.275  1.00 27.99  ? 194 ILE A CG2 1 
ATOM   786  C CD1 . ILE A 1 101 ? -6.054  -2.970  8.529   1.00 29.48  ? 194 ILE A CD1 1 
ATOM   787  N N   . ARG A 1 102 ? -6.278  -7.664  10.324  1.00 25.20  ? 195 ARG A N   1 
ATOM   788  C CA  . ARG A 1 102 ? -5.892  -8.994  10.771  1.00 27.09  ? 195 ARG A CA  1 
ATOM   789  C C   . ARG A 1 102 ? -4.427  -9.090  11.039  1.00 26.91  ? 195 ARG A C   1 
ATOM   790  O O   . ARG A 1 102 ? -4.027  -9.659  12.074  1.00 26.72  ? 195 ARG A O   1 
ATOM   791  C CB  . ARG A 1 102 ? -6.287  -10.081 9.731   1.00 27.40  ? 195 ARG A CB  1 
ATOM   792  C CG  . ARG A 1 102 ? -6.236  -11.522 10.271  1.00 25.64  ? 195 ARG A CG  1 
ATOM   793  C CD  . ARG A 1 102 ? -6.301  -12.614 9.276   1.00 25.61  ? 195 ARG A CD  1 
ATOM   794  N NE  . ARG A 1 102 ? -7.570  -12.686 8.596   1.00 27.98  ? 195 ARG A NE  1 
ATOM   795  C CZ  . ARG A 1 102 ? -8.659  -13.266 9.129   1.00 28.94  ? 195 ARG A CZ  1 
ATOM   796  N NH1 . ARG A 1 102 ? -8.589  -13.886 10.299  1.00 28.40  ? 195 ARG A NH1 1 
ATOM   797  N NH2 . ARG A 1 102 ? -9.799  -13.269 8.468   1.00 28.15  ? 195 ARG A NH2 1 
ATOM   798  N N   . ASN A 1 103 ? -3.586  -8.604  10.130  1.00 25.80  ? 196 ASN A N   1 
ATOM   799  C CA  . ASN A 1 103 ? -2.171  -8.835  10.241  1.00 28.68  ? 196 ASN A CA  1 
ATOM   800  C C   . ASN A 1 103 ? -1.469  -7.771  9.403   1.00 27.81  ? 196 ASN A C   1 
ATOM   801  O O   . ASN A 1 103 ? -2.110  -7.065  8.646   1.00 23.09  ? 196 ASN A O   1 
ATOM   802  C CB  . ASN A 1 103 ? -1.854  -10.207 9.661   1.00 28.64  ? 196 ASN A CB  1 
ATOM   803  C CG  . ASN A 1 103 ? -0.605  -10.794 10.237  1.00 35.01  ? 196 ASN A CG  1 
ATOM   804  O OD1 . ASN A 1 103 ? 0.122   -10.120 10.968  1.00 36.14  ? 196 ASN A OD1 1 
ATOM   805  N ND2 . ASN A 1 103 ? -0.262  -12.026 9.786   1.00 36.84  ? 196 ASN A ND2 1 
ATOM   806  N N   . ILE A 1 104 ? -0.198  -7.614  9.723   1.00 26.28  ? 197 ILE A N   1 
ATOM   807  C CA  . ILE A 1 104 ? 0.709   -6.618  9.186   1.00 26.36  ? 197 ILE A CA  1 
ATOM   808  C C   . ILE A 1 104 ? 2.016   -7.321  8.993   1.00 30.58  ? 197 ILE A C   1 
ATOM   809  O O   . ILE A 1 104 ? 2.543   -7.900  9.951   1.00 27.82  ? 197 ILE A O   1 
ATOM   810  C CB  . ILE A 1 104 ? 0.972   -5.447  10.135  1.00 27.15  ? 197 ILE A CB  1 
ATOM   811  C CG1 . ILE A 1 104 ? -0.305  -4.734  10.492  1.00 28.85  ? 197 ILE A CG1 1 
ATOM   812  C CG2 . ILE A 1 104 ? 1.995   -4.470  9.545   1.00 25.31  ? 197 ILE A CG2 1 
ATOM   813  C CD1 . ILE A 1 104 ? -0.224  -3.800  11.649  1.00 31.40  ? 197 ILE A CD1 1 
ATOM   814  N N   . GLU A 1 105 ? 2.553   -7.256  7.775   1.00 27.48  ? 198 GLU A N   1 
ATOM   815  C CA  . GLU A 1 105 ? 3.752   -8.025  7.407   1.00 27.95  ? 198 GLU A CA  1 
ATOM   816  C C   . GLU A 1 105 ? 4.573   -7.270  6.396   1.00 23.16  ? 198 GLU A C   1 
ATOM   817  O O   . GLU A 1 105 ? 4.037   -6.584  5.505   1.00 24.80  ? 198 GLU A O   1 
ATOM   818  C CB  . GLU A 1 105 ? 3.437   -9.396  6.871   1.00 29.75  ? 198 GLU A CB  1 
ATOM   819  C CG  . GLU A 1 105 ? 2.965   -10.434 7.874   1.00 36.37  ? 198 GLU A CG  1 
ATOM   820  C CD  . GLU A 1 105 ? 2.556   -11.759 7.216   1.00 37.84  ? 198 GLU A CD  1 
ATOM   821  O OE1 . GLU A 1 105 ? 2.996   -12.064 6.109   1.00 36.19  ? 198 GLU A OE1 1 
ATOM   822  O OE2 . GLU A 1 105 ? 1.809   -12.548 7.854   1.00 48.13  ? 198 GLU A OE2 1 
ATOM   823  N N   . TRP A 1 106 ? 5.858   -7.540  6.433   1.00 24.33  ? 199 TRP A N   1 
ATOM   824  C CA  . TRP A 1 106 ? 6.787   -7.111  5.405   1.00 28.33  ? 199 TRP A CA  1 
ATOM   825  C C   . TRP A 1 106 ? 6.773   -8.143  4.286   1.00 26.38  ? 199 TRP A C   1 
ATOM   826  O O   . TRP A 1 106 ? 6.762   -9.350  4.578   1.00 28.92  ? 199 TRP A O   1 
ATOM   827  C CB  . TRP A 1 106 ? 8.220   -7.076  5.956   1.00 27.23  ? 199 TRP A CB  1 
ATOM   828  C CG  . TRP A 1 106 ? 8.446   -5.979  6.921   1.00 28.77  ? 199 TRP A CG  1 
ATOM   829  C CD1 . TRP A 1 106 ? 8.575   -6.086  8.312   1.00 30.65  ? 199 TRP A CD1 1 
ATOM   830  C CD2 . TRP A 1 106 ? 8.619   -4.573  6.618   1.00 27.76  ? 199 TRP A CD2 1 
ATOM   831  N NE1 . TRP A 1 106 ? 8.773   -4.827  8.848   1.00 32.74  ? 199 TRP A NE1 1 
ATOM   832  C CE2 . TRP A 1 106 ? 8.829   -3.894  7.845   1.00 27.79  ? 199 TRP A CE2 1 
ATOM   833  C CE3 . TRP A 1 106 ? 8.618   -3.837  5.437   1.00 26.46  ? 199 TRP A CE3 1 
ATOM   834  C CZ2 . TRP A 1 106 ? 9.050   -2.503  7.915   1.00 30.23  ? 199 TRP A CZ2 1 
ATOM   835  C CZ3 . TRP A 1 106 ? 8.835   -2.474  5.488   1.00 27.29  ? 199 TRP A CZ3 1 
ATOM   836  C CH2 . TRP A 1 106 ? 9.045   -1.805  6.723   1.00 30.83  ? 199 TRP A CH2 1 
ATOM   837  N N   . PHE A 1 107 ? 6.814   -7.684  3.025   1.00 26.17  ? 200 PHE A N   1 
ATOM   838  C CA  . PHE A 1 107 ? 6.915   -8.567  1.855   1.00 25.88  ? 200 PHE A CA  1 
ATOM   839  C C   . PHE A 1 107 ? 8.059   -8.136  1.036   1.00 28.29  ? 200 PHE A C   1 
ATOM   840  O O   . PHE A 1 107 ? 8.294   -6.909  0.875   1.00 27.98  ? 200 PHE A O   1 
ATOM   841  C CB  . PHE A 1 107 ? 5.572   -8.587  1.046   1.00 24.69  ? 200 PHE A CB  1 
ATOM   842  C CG  . PHE A 1 107 ? 4.438   -9.263  1.804   1.00 21.34  ? 200 PHE A CG  1 
ATOM   843  C CD1 . PHE A 1 107 ? 3.636   -8.556  2.694   1.00 26.60  ? 200 PHE A CD1 1 
ATOM   844  C CD2 . PHE A 1 107 ? 4.190   -10.622 1.648   1.00 25.54  ? 200 PHE A CD2 1 
ATOM   845  C CE1 . PHE A 1 107 ? 2.591   -9.198  3.392   1.00 26.52  ? 200 PHE A CE1 1 
ATOM   846  C CE2 . PHE A 1 107 ? 3.157   -11.252 2.358   1.00 25.34  ? 200 PHE A CE2 1 
ATOM   847  C CZ  . PHE A 1 107 ? 2.338   -10.507 3.198   1.00 26.33  ? 200 PHE A CZ  1 
ATOM   848  N N   . SER A 1 108 ? 8.781   -9.111  0.440   1.00 27.95  ? 201 SER A N   1 
ATOM   849  C CA  . SER A 1 108 ? 9.847   -8.813  -0.487  1.00 31.66  ? 201 SER A CA  1 
ATOM   850  C C   . SER A 1 108 ? 9.212   -8.194  -1.709  1.00 27.32  ? 201 SER A C   1 
ATOM   851  O O   . SER A 1 108 ? 8.380   -8.843  -2.365  1.00 30.17  ? 201 SER A O   1 
ATOM   852  C CB  . SER A 1 108 ? 10.636  -10.092 -0.940  1.00 31.55  ? 201 SER A CB  1 
ATOM   853  O OG  . SER A 1 108 ? 11.216  -9.848  -2.187  1.00 37.37  ? 201 SER A OG  1 
ATOM   854  N N   . ILE A 1 109 ? 9.712   -7.050  -2.131  1.00 27.42  ? 202 ILE A N   1 
ATOM   855  C CA  . ILE A 1 109 ? 9.200   -6.414  -3.338  1.00 27.97  ? 202 ILE A CA  1 
ATOM   856  C C   . ILE A 1 109 ? 9.410   -7.249  -4.586  1.00 33.97  ? 202 ILE A C   1 
ATOM   857  O O   . ILE A 1 109 ? 8.545   -7.344  -5.462  1.00 32.58  ? 202 ILE A O   1 
ATOM   858  C CB  . ILE A 1 109 ? 9.797   -5.020  -3.573  1.00 35.18  ? 202 ILE A CB  1 
ATOM   859  C CG1 . ILE A 1 109 ? 9.261   -4.009  -2.594  1.00 41.64  ? 202 ILE A CG1 1 
ATOM   860  C CG2 . ILE A 1 109 ? 9.337   -4.485  -4.925  1.00 37.07  ? 202 ILE A CG2 1 
ATOM   861  C CD1 . ILE A 1 109 ? 10.177  -2.802  -2.472  1.00 45.72  ? 202 ILE A CD1 1 
ATOM   862  N N   . GLU A 1 110 ? 10.558  -7.921  -4.665  1.00 32.94  ? 203 GLU A N   1 
ATOM   863  C CA  . GLU A 1 110 ? 10.850  -8.630  -5.848  1.00 37.16  ? 203 GLU A CA  1 
ATOM   864  C C   . GLU A 1 110 ? 10.005  -9.866  -6.008  1.00 33.36  ? 203 GLU A C   1 
ATOM   865  O O   . GLU A 1 110 ? 9.860   -10.349 -7.135  1.00 35.11  ? 203 GLU A O   1 
ATOM   866  C CB  . GLU A 1 110 ? 12.346  -8.894  -5.929  1.00 37.89  ? 203 GLU A CB  1 
ATOM   867  C CG  . GLU A 1 110 ? 12.933  -9.982  -5.071  1.00 43.90  ? 203 GLU A CG  1 
ATOM   868  C CD  . GLU A 1 110 ? 14.456  -9.997  -5.297  1.00 51.29  ? 203 GLU A CD  1 
ATOM   869  O OE1 . GLU A 1 110 ? 15.013  -8.920  -5.660  1.00 59.30  ? 203 GLU A OE1 1 
ATOM   870  O OE2 . GLU A 1 110 ? 15.078  -11.066 -5.173  1.00 54.94  ? 203 GLU A OE2 1 
ATOM   871  N N   . LYS A 1 111 ? 9.449   -10.363 -4.904  1.00 27.93  ? 204 LYS A N   1 
ATOM   872  C CA  . LYS A 1 111 ? 8.600   -11.586 -4.962  1.00 31.82  ? 204 LYS A CA  1 
ATOM   873  C C   . LYS A 1 111 ? 7.126   -11.292 -5.184  1.00 29.57  ? 204 LYS A C   1 
ATOM   874  O O   . LYS A 1 111 ? 6.369   -12.210 -5.513  1.00 28.87  ? 204 LYS A O   1 
ATOM   875  C CB  . LYS A 1 111 ? 8.731   -12.384 -3.707  1.00 36.17  ? 204 LYS A CB  1 
ATOM   876  C CG  . LYS A 1 111 ? 10.135  -12.967 -3.543  1.00 48.90  ? 204 LYS A CG  1 
ATOM   877  C CD  . LYS A 1 111 ? 10.149  -13.913 -2.369  1.00 51.81  ? 204 LYS A CD  1 
ATOM   878  C CE  . LYS A 1 111 ? 11.460  -14.655 -2.275  1.00 63.74  ? 204 LYS A CE  1 
ATOM   879  N NZ  . LYS A 1 111 ? 11.527  -15.214 -0.903  1.00 77.14  ? 204 LYS A NZ  1 
ATOM   880  N N   . LEU A 1 112 ? 6.719   -10.026 -4.997  1.00 28.69  ? 205 LEU A N   1 
ATOM   881  C CA  . LEU A 1 112 ? 5.332   -9.669  -5.149  1.00 27.24  ? 205 LEU A CA  1 
ATOM   882  C C   . LEU A 1 112 ? 5.017   -9.663  -6.627  1.00 29.93  ? 205 LEU A C   1 
ATOM   883  O O   . LEU A 1 112 ? 5.843   -9.306  -7.460  1.00 30.73  ? 205 LEU A O   1 
ATOM   884  C CB  . LEU A 1 112 ? 5.009   -8.294  -4.571  1.00 26.18  ? 205 LEU A CB  1 
ATOM   885  C CG  . LEU A 1 112 ? 5.035   -8.157  -3.040  1.00 25.61  ? 205 LEU A CG  1 
ATOM   886  C CD1 . LEU A 1 112 ? 5.090   -6.681  -2.522  1.00 26.16  ? 205 LEU A CD1 1 
ATOM   887  C CD2 . LEU A 1 112 ? 3.767   -8.881  -2.510  1.00 29.17  ? 205 LEU A CD2 1 
ATOM   888  N N   . PRO A 1 113 ? 3.759   -9.993  -6.956  1.00 33.14  ? 206 PRO A N   1 
ATOM   889  C CA  . PRO A 1 113 ? 3.359   -9.979  -8.352  1.00 36.69  ? 206 PRO A CA  1 
ATOM   890  C C   . PRO A 1 113 ? 3.127   -8.547  -8.776  1.00 37.13  ? 206 PRO A C   1 
ATOM   891  O O   . PRO A 1 113 ? 2.729   -7.718  -7.925  1.00 31.54  ? 206 PRO A O   1 
ATOM   892  C CB  . PRO A 1 113 ? 2.034   -10.770 -8.330  1.00 32.19  ? 206 PRO A CB  1 
ATOM   893  C CG  . PRO A 1 113 ? 1.509   -10.551 -6.952  1.00 34.42  ? 206 PRO A CG  1 
ATOM   894  C CD  . PRO A 1 113 ? 2.704   -10.491 -6.050  1.00 35.41  ? 206 PRO A CD  1 
ATOM   895  N N   . CYS A 1 114 ? 3.349   -8.243  -10.049 1.00 36.85  ? 207 CYS A N   1 
ATOM   896  C CA  . CYS A 1 114 ? 2.925   -6.956  -10.570 1.00 41.10  ? 207 CYS A CA  1 
ATOM   897  C C   . CYS A 1 114 ? 1.774   -7.086  -11.581 1.00 36.19  ? 207 CYS A C   1 
ATOM   898  O O   . CYS A 1 114 ? 1.396   -6.085  -12.192 1.00 43.14  ? 207 CYS A O   1 
ATOM   899  C CB  . CYS A 1 114 ? 4.066   -6.194  -11.175 1.00 45.00  ? 207 CYS A CB  1 
ATOM   900  S SG  . CYS A 1 114 ? 4.784   -7.041  -12.586 1.00 55.33  ? 207 CYS A SG  1 
ATOM   901  N N   . HIS A 1 115 ? 1.184   -8.274  -11.675 1.00 39.84  ? 208 HIS A N   1 
ATOM   902  C CA  . HIS A 1 115 ? -0.092  -8.481  -12.427 1.00 41.71  ? 208 HIS A CA  1 
ATOM   903  C C   . HIS A 1 115 ? -0.697  -9.741  -11.877 1.00 43.59  ? 208 HIS A C   1 
ATOM   904  O O   . HIS A 1 115 ? 0.012   -10.523 -11.241 1.00 38.56  ? 208 HIS A O   1 
ATOM   905  C CB  . HIS A 1 115 ? 0.260   -8.597  -13.932 1.00 45.72  ? 208 HIS A CB  1 
ATOM   906  C CG  . HIS A 1 115 ? 1.181   -9.752  -14.243 1.00 45.03  ? 208 HIS A CG  1 
ATOM   907  N ND1 . HIS A 1 115 ? 0.751   -11.061 -14.244 1.00 51.51  ? 208 HIS A ND1 1 
ATOM   908  C CD2 . HIS A 1 115 ? 2.516   -9.802  -14.474 1.00 48.67  ? 208 HIS A CD2 1 
ATOM   909  C CE1 . HIS A 1 115 ? 1.770   -11.869 -14.490 1.00 46.97  ? 208 HIS A CE1 1 
ATOM   910  N NE2 . HIS A 1 115 ? 2.851   -11.129 -14.642 1.00 47.01  ? 208 HIS A NE2 1 
ATOM   911  N N   . ARG A 1 116 ? -1.998  -9.964  -12.073 0.54 43.63  ? 209 ARG A N   1 
ATOM   912  C CA  . ARG A 1 116 ? -2.572  -11.292 -11.800 0.54 43.37  ? 209 ARG A CA  1 
ATOM   913  C C   . ARG A 1 116 ? -2.397  -12.161 -13.038 0.54 43.49  ? 209 ARG A C   1 
ATOM   914  O O   . ARG A 1 116 ? -2.091  -11.664 -14.106 0.54 42.59  ? 209 ARG A O   1 
ATOM   915  C CB  . ARG A 1 116 ? -4.039  -11.203 -11.410 0.54 44.49  ? 209 ARG A CB  1 
ATOM   916  C CG  . ARG A 1 116 ? -4.258  -10.506 -10.080 0.54 42.98  ? 209 ARG A CG  1 
ATOM   917  C CD  . ARG A 1 116 ? -5.590  -9.807  -10.027 0.54 45.65  ? 209 ARG A CD  1 
ATOM   918  N NE  . ARG A 1 116 ? -6.679  -10.714 -9.706  0.54 48.20  ? 209 ARG A NE  1 
ATOM   919  C CZ  . ARG A 1 116 ? -7.968  -10.495 -9.973  0.54 47.06  ? 209 ARG A CZ  1 
ATOM   920  N NH1 . ARG A 1 116 ? -8.380  -9.401  -10.620 0.54 51.60  ? 209 ARG A NH1 1 
ATOM   921  N NH2 . ARG A 1 116 ? -8.861  -11.397 -9.606  0.54 46.41  ? 209 ARG A NH2 1 
ATOM   922  N N   . ASN A 1 117 ? -2.562  -13.466 -12.868 1.00 48.60  ? 210 ASN A N   1 
ATOM   923  C CA  . ASN A 1 117 ? -2.383  -14.431 -13.938 1.00 49.41  ? 210 ASN A CA  1 
ATOM   924  C C   . ASN A 1 117 ? -3.722  -14.632 -14.567 1.00 53.65  ? 210 ASN A C   1 
ATOM   925  O O   . ASN A 1 117 ? -4.777  -14.547 -13.876 1.00 44.73  ? 210 ASN A O   1 
ATOM   926  C CB  . ASN A 1 117 ? -1.889  -15.740 -13.357 1.00 57.86  ? 210 ASN A CB  1 
ATOM   927  C CG  . ASN A 1 117 ? -0.561  -15.577 -12.657 1.00 59.06  ? 210 ASN A CG  1 
ATOM   928  O OD1 . ASN A 1 117 ? 0.248   -14.737 -13.052 1.00 47.52  ? 210 ASN A OD1 1 
ATOM   929  N ND2 . ASN A 1 117 ? -0.334  -16.376 -11.626 1.00 58.97  ? 210 ASN A ND2 1 
ATOM   930  N N   . ASP A 1 118 ? -3.700  -14.886 -15.873 1.00 55.71  ? 211 ASP A N   1 
ATOM   931  C CA  . ASP A 1 118 ? -4.950  -15.211 -16.547 1.00 58.55  ? 211 ASP A CA  1 
ATOM   932  C C   . ASP A 1 118 ? -5.310  -16.682 -16.209 1.00 60.35  ? 211 ASP A C   1 
ATOM   933  O O   . ASP A 1 118 ? -4.758  -17.259 -15.233 1.00 51.45  ? 211 ASP A O   1 
ATOM   934  C CB  . ASP A 1 118 ? -4.945  -14.771 -18.039 1.00 62.21  ? 211 ASP A CB  1 
ATOM   935  C CG  . ASP A 1 118 ? -3.867  -15.423 -18.885 1.00 63.99  ? 211 ASP A CG  1 
ATOM   936  O OD1 . ASP A 1 118 ? -3.303  -16.500 -18.543 1.00 56.83  ? 211 ASP A OD1 1 
ATOM   937  O OD2 . ASP A 1 118 ? -3.622  -14.823 -19.950 1.00 62.82  ? 211 ASP A OD2 1 
ATOM   938  N N   . MET A 1 119 ? -6.292  -17.248 -16.919 1.00 63.61  ? 212 MET A N   1 
ATOM   939  C CA  . MET A 1 119 ? -6.627  -18.676 -16.801 1.00 67.18  ? 212 MET A CA  1 
ATOM   940  C C   . MET A 1 119 ? -6.607  -19.306 -18.219 1.00 82.32  ? 212 MET A C   1 
ATOM   941  O O   . MET A 1 119 ? -7.420  -20.193 -18.532 1.00 86.05  ? 212 MET A O   1 
ATOM   942  C CB  . MET A 1 119 ? -7.980  -18.820 -16.093 1.00 64.18  ? 212 MET A CB  1 
ATOM   943  C CG  . MET A 1 119 ? -7.935  -18.400 -14.619 1.00 61.12  ? 212 MET A CG  1 
ATOM   944  S SD  . MET A 1 119 ? -9.467  -17.800 -13.854 1.00 58.37  ? 212 MET A SD  1 
ATOM   945  C CE  . MET A 1 119 ? -10.019 -16.619 -15.078 1.00 66.47  ? 212 MET A CE  1 
ATOM   946  N N   . THR A 1 120 ? -5.664  -18.847 -19.061 1.00 84.39  ? 213 THR A N   1 
ATOM   947  C CA  . THR A 1 120 ? -5.438  -19.395 -20.412 1.00 90.16  ? 213 THR A CA  1 
ATOM   948  C C   . THR A 1 120 ? -5.075  -20.886 -20.400 1.00 92.58  ? 213 THR A C   1 
ATOM   949  O O   . THR A 1 120 ? -5.407  -21.571 -21.356 1.00 95.87  ? 213 THR A O   1 
ATOM   950  C CB  . THR A 1 120 ? -4.369  -18.620 -21.239 1.00 91.95  ? 213 THR A CB  1 
ATOM   951  O OG1 . THR A 1 120 ? -3.106  -18.609 -20.555 1.00 100.41 ? 213 THR A OG1 1 
ATOM   952  C CG2 . THR A 1 120 ? -4.814  -17.184 -21.538 1.00 89.29  ? 213 THR A CG2 1 
ATOM   953  N N   . PRO A 1 121 ? -4.393  -21.390 -19.330 1.00 100.42 ? 214 PRO A N   1 
ATOM   954  C CA  . PRO A 1 121 ? -4.462  -22.833 -19.064 1.00 94.70  ? 214 PRO A CA  1 
ATOM   955  C C   . PRO A 1 121 ? -5.865  -23.462 -19.294 1.00 90.74  ? 214 PRO A C   1 
ATOM   956  O O   . PRO A 1 121 ? -5.966  -24.489 -19.966 1.00 79.81  ? 214 PRO A O   1 
ATOM   957  C CB  . PRO A 1 121 ? -4.042  -22.933 -17.577 1.00 95.85  ? 214 PRO A CB  1 
ATOM   958  C CG  . PRO A 1 121 ? -3.339  -21.639 -17.248 1.00 100.07 ? 214 PRO A CG  1 
ATOM   959  C CD  . PRO A 1 121 ? -3.345  -20.773 -18.485 1.00 102.92 ? 214 PRO A CD  1 
ATOM   960  N N   . LYS A 1 122 ? -6.919  -22.825 -18.774 1.00 81.23  ? 215 LYS A N   1 
ATOM   961  C CA  . LYS A 1 122 ? -8.289  -23.355 -18.829 1.00 76.82  ? 215 LYS A CA  1 
ATOM   962  C C   . LYS A 1 122 ? -9.208  -22.790 -19.980 1.00 72.20  ? 215 LYS A C   1 
ATOM   963  O O   . LYS A 1 122 ? -10.419 -23.047 -19.965 1.00 78.18  ? 215 LYS A O   1 
ATOM   964  C CB  . LYS A 1 122 ? -8.939  -23.122 -17.455 1.00 72.05  ? 215 LYS A CB  1 
ATOM   965  C CG  . LYS A 1 122 ? -10.019 -24.121 -17.087 1.00 76.71  ? 215 LYS A CG  1 
ATOM   966  N N   . SER A 1 123 ? -8.652  -22.056 -20.962 1.00 61.81  ? 216 SER A N   1 
ATOM   967  C CA  . SER A 1 123 ? -9.454  -21.339 -22.009 1.00 51.86  ? 216 SER A CA  1 
ATOM   968  C C   . SER A 1 123 ? -10.659 -20.540 -21.446 1.00 46.45  ? 216 SER A C   1 
ATOM   969  O O   . SER A 1 123 ? -11.737 -20.492 -22.029 1.00 42.56  ? 216 SER A O   1 
ATOM   970  C CB  . SER A 1 123 ? -9.935  -22.354 -23.050 1.00 49.85  ? 216 SER A CB  1 
ATOM   971  O OG  . SER A 1 123 ? -8.838  -22.885 -23.777 1.00 59.78  ? 216 SER A OG  1 
ATOM   972  N N   . LYS A 1 124 ? -10.465 -19.936 -20.275 1.00 34.74  ? 217 LYS A N   1 
ATOM   973  C CA  . LYS A 1 124 ? -11.496 -19.267 -19.591 1.00 36.83  ? 217 LYS A CA  1 
ATOM   974  C C   . LYS A 1 124 ? -11.058 -17.779 -19.481 1.00 35.35  ? 217 LYS A C   1 
ATOM   975  O O   . LYS A 1 124 ? -9.875  -17.499 -19.293 1.00 32.99  ? 217 LYS A O   1 
ATOM   976  C CB  . LYS A 1 124 ? -11.670 -19.946 -18.234 1.00 40.34  ? 217 LYS A CB  1 
ATOM   977  C CG  . LYS A 1 124 ? -12.633 -19.233 -17.308 1.00 41.50  ? 217 LYS A CG  1 
ATOM   978  C CD  . LYS A 1 124 ? -13.095 -20.160 -16.175 1.00 49.88  ? 217 LYS A CD  1 
ATOM   979  N N   . LEU A 1 125 ? -12.006 -16.845 -19.600 1.00 29.52  ? 218 LEU A N   1 
ATOM   980  C CA  . LEU A 1 125 ? -11.618 -15.445 -19.517 1.00 32.00  ? 218 LEU A CA  1 
ATOM   981  C C   . LEU A 1 125 ? -11.513 -15.006 -18.073 1.00 31.92  ? 218 LEU A C   1 
ATOM   982  O O   . LEU A 1 125 ? -12.256 -15.459 -17.188 1.00 33.89  ? 218 LEU A O   1 
ATOM   983  C CB  . LEU A 1 125 ? -12.607 -14.544 -20.234 1.00 27.93  ? 218 LEU A CB  1 
ATOM   984  C CG  . LEU A 1 125 ? -12.768 -14.947 -21.686 1.00 31.47  ? 218 LEU A CG  1 
ATOM   985  C CD1 . LEU A 1 125 ? -13.635 -13.938 -22.352 1.00 34.28  ? 218 LEU A CD1 1 
ATOM   986  C CD2 . LEU A 1 125 ? -11.485 -15.146 -22.479 1.00 37.85  ? 218 LEU A CD2 1 
ATOM   987  N N   . GLY A 1 126 ? -10.654 -14.046 -17.884 1.00 32.03  ? 219 GLY A N   1 
ATOM   988  C CA  . GLY A 1 126 ? -10.567 -13.334 -16.621 1.00 30.77  ? 219 GLY A CA  1 
ATOM   989  C C   . GLY A 1 126 ? -9.226  -13.574 -15.962 1.00 29.22  ? 219 GLY A C   1 
ATOM   990  O O   . GLY A 1 126 ? -8.262  -13.989 -16.589 1.00 30.61  ? 219 GLY A O   1 
ATOM   991  N N   . LEU A 1 127 ? -9.179  -13.294 -14.662 1.00 34.84  ? 220 LEU A N   1 
ATOM   992  C CA  . LEU A 1 127 ? -7.927  -13.418 -13.903 1.00 35.33  ? 220 LEU A CA  1 
ATOM   993  C C   . LEU A 1 127 ? -8.157  -14.347 -12.720 1.00 28.38  ? 220 LEU A C   1 
ATOM   994  O O   . LEU A 1 127 ? -9.229  -14.315 -12.139 1.00 29.14  ? 220 LEU A O   1 
ATOM   995  C CB  . LEU A 1 127 ? -7.555  -11.997 -13.413 1.00 36.01  ? 220 LEU A CB  1 
ATOM   996  C CG  . LEU A 1 127 ? -7.109  -10.990 -14.485 1.00 38.24  ? 220 LEU A CG  1 
ATOM   997  C CD1 . LEU A 1 127 ? -6.986  -9.627  -13.857 1.00 44.52  ? 220 LEU A CD1 1 
ATOM   998  C CD2 . LEU A 1 127 ? -5.778  -11.418 -15.127 1.00 41.14  ? 220 LEU A CD2 1 
ATOM   999  N N   . ALA A 1 128 ? -7.127  -15.074 -12.315 1.00 35.10  ? 221 ALA A N   1 
ATOM   1000 C CA  . ALA A 1 128 ? -7.195  -15.905 -11.127 1.00 38.66  ? 221 ALA A CA  1 
ATOM   1001 C C   . ALA A 1 128 ? -7.152  -15.030 -9.895  1.00 39.86  ? 221 ALA A C   1 
ATOM   1002 O O   . ALA A 1 128 ? -6.571  -13.938 -9.925  1.00 35.62  ? 221 ALA A O   1 
ATOM   1003 C CB  . ALA A 1 128 ? -6.039  -16.896 -11.089 1.00 40.87  ? 221 ALA A CB  1 
ATOM   1004 N N   . PRO A 1 129 ? -7.757  -15.510 -8.800  1.00 42.37  ? 222 PRO A N   1 
ATOM   1005 C CA  . PRO A 1 129 ? -7.675  -14.742 -7.582  1.00 39.25  ? 222 PRO A CA  1 
ATOM   1006 C C   . PRO A 1 129 ? -6.240  -14.597 -7.165  1.00 35.95  ? 222 PRO A C   1 
ATOM   1007 O O   . PRO A 1 129 ? -5.406  -15.432 -7.505  1.00 34.98  ? 222 PRO A O   1 
ATOM   1008 C CB  . PRO A 1 129 ? -8.470  -15.588 -6.582  1.00 46.24  ? 222 PRO A CB  1 
ATOM   1009 C CG  . PRO A 1 129 ? -9.480  -16.331 -7.434  1.00 47.45  ? 222 PRO A CG  1 
ATOM   1010 C CD  . PRO A 1 129 ? -8.715  -16.645 -8.690  1.00 41.27  ? 222 PRO A CD  1 
ATOM   1011 N N   . ASN A 1 130 ? -5.942  -13.498 -6.462  1.00 34.68  ? 223 ASN A N   1 
ATOM   1012 C CA  . ASN A 1 130 ? -4.602  -13.311 -5.930  1.00 33.58  ? 223 ASN A CA  1 
ATOM   1013 C C   . ASN A 1 130 ? -4.761  -12.483 -4.720  1.00 31.13  ? 223 ASN A C   1 
ATOM   1014 O O   . ASN A 1 130 ? -5.448  -11.486 -4.733  1.00 29.06  ? 223 ASN A O   1 
ATOM   1015 C CB  . ASN A 1 130 ? -3.708  -12.594 -6.949  1.00 38.89  ? 223 ASN A CB  1 
ATOM   1016 C CG  . ASN A 1 130 ? -2.275  -12.500 -6.518  1.00 36.33  ? 223 ASN A CG  1 
ATOM   1017 O OD1 . ASN A 1 130 ? -1.955  -11.737 -5.660  1.00 33.40  ? 223 ASN A OD1 1 
ATOM   1018 N ND2 . ASN A 1 130 ? -1.418  -13.296 -7.107  1.00 40.70  ? 223 ASN A ND2 1 
ATOM   1019 N N   . LYS A 1 131 ? -4.132  -12.914 -3.640  1.00 28.69  ? 224 LYS A N   1 
ATOM   1020 C CA  . LYS A 1 131 ? -4.331  -12.225 -2.372  1.00 28.58  ? 224 LYS A CA  1 
ATOM   1021 C C   . LYS A 1 131 ? -3.689  -10.868 -2.310  1.00 26.65  ? 224 LYS A C   1 
ATOM   1022 O O   . LYS A 1 131 ? -3.930  -10.181 -1.353  1.00 26.35  ? 224 LYS A O   1 
ATOM   1023 C CB  . LYS A 1 131 ? -3.814  -13.047 -1.204  1.00 29.74  ? 224 LYS A CB  1 
ATOM   1024 C CG  . LYS A 1 131 ? -2.390  -13.440 -1.303  1.00 31.20  ? 224 LYS A CG  1 
ATOM   1025 C CD  . LYS A 1 131 ? -2.032  -14.219 -0.028  1.00 33.78  ? 224 LYS A CD  1 
ATOM   1026 C CE  . LYS A 1 131 ? -0.520  -14.334 0.119   1.00 39.58  ? 224 LYS A CE  1 
ATOM   1027 N NZ  . LYS A 1 131 ? -0.175  -15.223 1.290   1.00 41.68  ? 224 LYS A NZ  1 
ATOM   1028 N N   . PHE A 1 132 ? -2.835  -10.544 -3.271  1.00 27.37  ? 225 PHE A N   1 
ATOM   1029 C CA  . PHE A 1 132 ? -2.212  -9.224  -3.339  1.00 27.33  ? 225 PHE A CA  1 
ATOM   1030 C C   . PHE A 1 132 ? -2.917  -8.261  -4.321  1.00 26.37  ? 225 PHE A C   1 
ATOM   1031 O O   . PHE A 1 132 ? -2.337  -7.237  -4.676  1.00 26.73  ? 225 PHE A O   1 
ATOM   1032 C CB  . PHE A 1 132 ? -0.786  -9.415  -3.773  1.00 24.82  ? 225 PHE A CB  1 
ATOM   1033 C CG  . PHE A 1 132 ? 0.031   -10.171 -2.776  1.00 25.86  ? 225 PHE A CG  1 
ATOM   1034 C CD1 . PHE A 1 132 ? 0.350   -9.605  -1.592  1.00 25.19  ? 225 PHE A CD1 1 
ATOM   1035 C CD2 . PHE A 1 132 ? 0.510   -11.427 -3.080  1.00 28.23  ? 225 PHE A CD2 1 
ATOM   1036 C CE1 . PHE A 1 132 ? 1.110   -10.302 -0.668  1.00 24.75  ? 225 PHE A CE1 1 
ATOM   1037 C CE2 . PHE A 1 132 ? 1.226   -12.149 -2.168  1.00 28.26  ? 225 PHE A CE2 1 
ATOM   1038 C CZ  . PHE A 1 132 ? 1.537   -11.565 -0.969  1.00 27.01  ? 225 PHE A CZ  1 
ATOM   1039 N N   A PHE A 1 133 ? -4.090  -8.622  -4.816  0.26 28.23  ? 226 PHE A N   1 
ATOM   1040 N N   B PHE A 1 133 ? -4.183  -8.568  -4.660  0.28 28.14  ? 226 PHE A N   1 
ATOM   1041 C CA  A PHE A 1 133 ? -4.800  -7.801  -5.799  0.26 30.14  ? 226 PHE A CA  1 
ATOM   1042 C CA  B PHE A 1 133 ? -4.979  -7.826  -5.651  0.28 30.41  ? 226 PHE A CA  1 
ATOM   1043 C C   A PHE A 1 133 ? -4.923  -6.284  -5.526  0.26 30.68  ? 226 PHE A C   1 
ATOM   1044 C C   B PHE A 1 133 ? -4.869  -6.320  -5.490  0.28 30.70  ? 226 PHE A C   1 
ATOM   1045 O O   A PHE A 1 133 ? -4.863  -5.504  -6.470  0.26 28.58  ? 226 PHE A O   1 
ATOM   1046 O O   B PHE A 1 133 ? -4.602  -5.611  -6.459  0.28 28.24  ? 226 PHE A O   1 
ATOM   1047 C CB  A PHE A 1 133 ? -6.170  -8.400  -6.124  0.26 31.26  ? 226 PHE A CB  1 
ATOM   1048 C CB  B PHE A 1 133 ? -6.472  -8.217  -5.569  0.28 31.70  ? 226 PHE A CB  1 
ATOM   1049 C CG  A PHE A 1 133 ? -7.130  -8.441  -4.968  0.26 33.41  ? 226 PHE A CG  1 
ATOM   1050 C CG  B PHE A 1 133 ? -7.373  -7.456  -6.521  0.28 33.48  ? 226 PHE A CG  1 
ATOM   1051 C CD1 A PHE A 1 133 ? -6.951  -9.319  -3.888  0.26 32.59  ? 226 PHE A CD1 1 
ATOM   1052 C CD1 B PHE A 1 133 ? -7.160  -7.509  -7.901  0.28 37.34  ? 226 PHE A CD1 1 
ATOM   1053 C CD2 A PHE A 1 133 ? -8.262  -7.660  -4.995  0.26 34.51  ? 226 PHE A CD2 1 
ATOM   1054 C CD2 B PHE A 1 133 ? -8.448  -6.711  -6.063  0.28 35.61  ? 226 PHE A CD2 1 
ATOM   1055 C CE1 A PHE A 1 133 ? -7.836  -9.390  -2.850  0.26 32.07  ? 226 PHE A CE1 1 
ATOM   1056 C CE1 B PHE A 1 133 ? -7.977  -6.812  -8.800  0.28 38.22  ? 226 PHE A CE1 1 
ATOM   1057 C CE2 A PHE A 1 133 ? -9.167  -7.729  -3.971  0.26 33.68  ? 226 PHE A CE2 1 
ATOM   1058 C CE2 B PHE A 1 133 ? -9.278  -6.028  -6.964  0.28 37.67  ? 226 PHE A CE2 1 
ATOM   1059 C CZ  A PHE A 1 133 ? -8.949  -8.589  -2.880  0.26 33.11  ? 226 PHE A CZ  1 
ATOM   1060 C CZ  B PHE A 1 133 ? -9.034  -6.069  -8.324  0.28 37.73  ? 226 PHE A CZ  1 
ATOM   1061 N N   . MET A 1 134 ? -5.085  -5.849  -4.285  0.54 29.23  ? 227 MET A N   1 
ATOM   1062 C CA  . MET A 1 134 ? -5.064  -4.391  -4.033  0.54 30.71  ? 227 MET A CA  1 
ATOM   1063 C C   . MET A 1 134 ? -3.684  -3.753  -4.102  0.54 29.13  ? 227 MET A C   1 
ATOM   1064 O O   . MET A 1 134 ? -3.550  -2.580  -4.458  0.54 28.07  ? 227 MET A O   1 
ATOM   1065 C CB  . MET A 1 134 ? -5.741  -4.075  -2.726  0.54 32.50  ? 227 MET A CB  1 
ATOM   1066 C CG  . MET A 1 134 ? -7.237  -4.293  -2.809  0.54 36.21  ? 227 MET A CG  1 
ATOM   1067 S SD  . MET A 1 134 ? -8.040  -2.989  -3.745  0.54 40.16  ? 227 MET A SD  1 
ATOM   1068 C CE  . MET A 1 134 ? -8.512  -3.795  -5.260  0.54 40.15  ? 227 MET A CE  1 
ATOM   1069 N N   . ALA A 1 135 ? -2.646  -4.516  -3.801  1.00 27.22  ? 228 ALA A N   1 
ATOM   1070 C CA  . ALA A 1 135 ? -1.291  -3.985  -3.910  1.00 24.82  ? 228 ALA A CA  1 
ATOM   1071 C C   . ALA A 1 135 ? -0.728  -3.984  -5.330  1.00 27.02  ? 228 ALA A C   1 
ATOM   1072 O O   . ALA A 1 135 ? 0.059   -3.105  -5.704  1.00 26.02  ? 228 ALA A O   1 
ATOM   1073 C CB  . ALA A 1 135 ? -0.353  -4.751  -3.010  1.00 21.28  ? 228 ALA A CB  1 
ATOM   1074 N N   . ILE A 1 136 ? -1.143  -4.989  -6.138  1.00 25.41  ? 229 ILE A N   1 
ATOM   1075 C CA  . ILE A 1 136 ? -0.605  -5.229  -7.423  1.00 25.78  ? 229 ILE A CA  1 
ATOM   1076 C C   . ILE A 1 136 ? -0.465  -4.004  -8.314  1.00 26.21  ? 229 ILE A C   1 
ATOM   1077 O O   . ILE A 1 136 ? 0.580   -3.797  -8.895  1.00 26.53  ? 229 ILE A O   1 
ATOM   1078 C CB  . ILE A 1 136 ? -1.376  -6.386  -8.106  1.00 27.65  ? 229 ILE A CB  1 
ATOM   1079 C CG1 . ILE A 1 136 ? -0.773  -7.695  -7.603  1.00 29.05  ? 229 ILE A CG1 1 
ATOM   1080 C CG2 . ILE A 1 136 ? -1.311  -6.304  -9.622  1.00 29.70  ? 229 ILE A CG2 1 
ATOM   1081 C CD1 . ILE A 1 136 ? -1.681  -8.910  -7.881  1.00 28.85  ? 229 ILE A CD1 1 
ATOM   1082 N N   . PRO A 1 137 ? -1.496  -3.125  -8.398  1.00 28.54  ? 230 PRO A N   1 
ATOM   1083 C CA  . PRO A 1 137 ? -1.440  -1.984  -9.362  1.00 30.27  ? 230 PRO A CA  1 
ATOM   1084 C C   . PRO A 1 137 ? -0.301  -1.031  -9.056  1.00 30.12  ? 230 PRO A C   1 
ATOM   1085 O O   . PRO A 1 137 ? 0.148   -0.343  -9.955  1.00 32.27  ? 230 PRO A O   1 
ATOM   1086 C CB  . PRO A 1 137 ? -2.785  -1.288  -9.130  1.00 32.99  ? 230 PRO A CB  1 
ATOM   1087 C CG  . PRO A 1 137 ? -3.704  -2.367  -8.691  1.00 33.14  ? 230 PRO A CG  1 
ATOM   1088 C CD  . PRO A 1 137 ? -2.814  -3.208  -7.767  1.00 32.22  ? 230 PRO A CD  1 
ATOM   1089 N N   . PHE A 1 138 ? 0.203   -1.040  -7.800  1.00 27.78  ? 231 PHE A N   1 
ATOM   1090 C CA  . PHE A 1 138 ? 1.283   -0.162  -7.361  1.00 26.75  ? 231 PHE A CA  1 
ATOM   1091 C C   . PHE A 1 138 ? 2.651   -0.737  -7.511  1.00 24.72  ? 231 PHE A C   1 
ATOM   1092 O O   . PHE A 1 138 ? 3.587   0.032   -7.413  1.00 26.36  ? 231 PHE A O   1 
ATOM   1093 C CB  . PHE A 1 138 ? 1.121   0.290   -5.898  1.00 26.21  ? 231 PHE A CB  1 
ATOM   1094 C CG  . PHE A 1 138 ? -0.155  1.070   -5.657  1.00 26.69  ? 231 PHE A CG  1 
ATOM   1095 C CD1 . PHE A 1 138 ? -0.172  2.480   -5.768  1.00 29.48  ? 231 PHE A CD1 1 
ATOM   1096 C CD2 . PHE A 1 138 ? -1.300  0.407   -5.349  1.00 27.63  ? 231 PHE A CD2 1 
ATOM   1097 C CE1 . PHE A 1 138 ? -1.377  3.149   -5.566  1.00 27.92  ? 231 PHE A CE1 1 
ATOM   1098 C CE2 . PHE A 1 138 ? -2.457  1.104   -5.110  1.00 31.31  ? 231 PHE A CE2 1 
ATOM   1099 C CZ  . PHE A 1 138 ? -2.459  2.475   -5.238  1.00 28.58  ? 231 PHE A CZ  1 
ATOM   1100 N N   . ILE A 1 139 ? 2.799   -2.007  -7.800  1.00 26.44  ? 232 ILE A N   1 
ATOM   1101 C CA  . ILE A 1 139 ? 4.119   -2.642  -7.756  1.00 26.56  ? 232 ILE A CA  1 
ATOM   1102 C C   . ILE A 1 139 ? 5.065   -2.224  -8.895  1.00 33.84  ? 232 ILE A C   1 
ATOM   1103 O O   . ILE A 1 139 ? 6.205   -1.791  -8.667  1.00 29.38  ? 232 ILE A O   1 
ATOM   1104 C CB  . ILE A 1 139 ? 4.044   -4.168  -7.624  1.00 30.06  ? 232 ILE A CB  1 
ATOM   1105 C CG1 . ILE A 1 139 ? 3.294   -4.613  -6.347  1.00 27.75  ? 232 ILE A CG1 1 
ATOM   1106 C CG2 . ILE A 1 139 ? 5.445   -4.733  -7.648  1.00 33.61  ? 232 ILE A CG2 1 
ATOM   1107 C CD1 . ILE A 1 139 ? 3.818   -4.083  -5.016  1.00 29.58  ? 232 ILE A CD1 1 
ATOM   1108 N N   . ARG A 1 140 ? 4.602   -2.291  -10.122 1.00 31.37  ? 233 ARG A N   1 
ATOM   1109 C CA  . ARG A 1 140 ? 5.430   -1.786  -11.209 1.00 35.67  ? 233 ARG A CA  1 
ATOM   1110 C C   . ARG A 1 140 ? 5.730   -0.271  -11.087 1.00 32.53  ? 233 ARG A C   1 
ATOM   1111 O O   . ARG A 1 140 ? 6.876   0.097   -11.165 1.00 33.29  ? 233 ARG A O   1 
ATOM   1112 C CB  . ARG A 1 140 ? 4.792   -2.144  -12.568 1.00 39.33  ? 233 ARG A CB  1 
ATOM   1113 C CG  . ARG A 1 140 ? 5.613   -1.694  -13.777 1.00 51.08  ? 233 ARG A CG  1 
ATOM   1114 C CD  . ARG A 1 140 ? 7.049   -2.152  -13.699 1.00 58.88  ? 233 ARG A CD  1 
ATOM   1115 N NE  . ARG A 1 140 ? 7.161   -3.579  -13.378 1.00 68.98  ? 233 ARG A NE  1 
ATOM   1116 C CZ  . ARG A 1 140 ? 8.303   -4.206  -13.103 1.00 77.25  ? 233 ARG A CZ  1 
ATOM   1117 N NH1 . ARG A 1 140 ? 9.482   -3.549  -13.105 1.00 84.25  ? 233 ARG A NH1 1 
ATOM   1118 N NH2 . ARG A 1 140 ? 8.270   -5.507  -12.837 1.00 78.71  ? 233 ARG A NH2 1 
ATOM   1119 N N   . PRO A 1 141 ? 4.713   0.602   -10.887 1.00 31.45  ? 234 PRO A N   1 
ATOM   1120 C CA  . PRO A 1 141 ? 5.062   1.991   -10.645 1.00 32.58  ? 234 PRO A CA  1 
ATOM   1121 C C   . PRO A 1 141 ? 6.058   2.199   -9.466  1.00 33.60  ? 234 PRO A C   1 
ATOM   1122 O O   . PRO A 1 141 ? 6.948   3.070   -9.540  1.00 32.17  ? 234 PRO A O   1 
ATOM   1123 C CB  . PRO A 1 141 ? 3.701   2.663   -10.348 1.00 33.62  ? 234 PRO A CB  1 
ATOM   1124 C CG  . PRO A 1 141 ? 2.680   1.796   -10.992 1.00 34.98  ? 234 PRO A CG  1 
ATOM   1125 C CD  . PRO A 1 141 ? 3.252   0.396   -10.982 1.00 30.78  ? 234 PRO A CD  1 
ATOM   1126 N N   . LEU A 1 142 ? 5.945   1.408   -8.400  1.00 29.33  ? 235 LEU A N   1 
ATOM   1127 C CA  . LEU A 1 142 ? 6.971   1.484   -7.299  1.00 28.40  ? 235 LEU A CA  1 
ATOM   1128 C C   . LEU A 1 142 ? 8.386   1.094   -7.687  1.00 30.09  ? 235 LEU A C   1 
ATOM   1129 O O   . LEU A 1 142 ? 9.342   1.834   -7.369  1.00 28.58  ? 235 LEU A O   1 
ATOM   1130 C CB  . LEU A 1 142 ? 6.527   0.692   -6.060  1.00 25.66  ? 235 LEU A CB  1 
ATOM   1131 C CG  . LEU A 1 142 ? 7.489   0.567   -4.871  1.00 25.98  ? 235 LEU A CG  1 
ATOM   1132 C CD1 . LEU A 1 142 ? 7.720   1.913   -4.198  1.00 27.27  ? 235 LEU A CD1 1 
ATOM   1133 C CD2 . LEU A 1 142 ? 6.974   -0.491  -3.886  1.00 30.53  ? 235 LEU A CD2 1 
ATOM   1134 N N   . ARG A 1 143 ? 8.516   -0.031  -8.349  1.00 29.48  ? 236 ARG A N   1 
ATOM   1135 C CA  . ARG A 1 143 ? 9.801   -0.501  -8.816  1.00 32.87  ? 236 ARG A CA  1 
ATOM   1136 C C   . ARG A 1 143 ? 10.394  0.560   -9.748  1.00 33.96  ? 236 ARG A C   1 
ATOM   1137 O O   . ARG A 1 143 ? 11.576  0.846   -9.633  1.00 33.40  ? 236 ARG A O   1 
ATOM   1138 C CB  . ARG A 1 143 ? 9.699   -1.832  -9.547  1.00 33.01  ? 236 ARG A CB  1 
ATOM   1139 C CG  . ARG A 1 143 ? 9.312   -3.006  -8.665  1.00 34.12  ? 236 ARG A CG  1 
ATOM   1140 C CD  . ARG A 1 143 ? 9.206   -4.269  -9.511  1.00 39.58  ? 236 ARG A CD  1 
ATOM   1141 N NE  . ARG A 1 143 ? 8.895   -5.455  -8.676  1.00 42.27  ? 236 ARG A NE  1 
ATOM   1142 C CZ  . ARG A 1 143 ? 8.115   -6.504  -9.009  1.00 40.25  ? 236 ARG A CZ  1 
ATOM   1143 N NH1 . ARG A 1 143 ? 7.493   -6.543  -10.169 1.00 40.49  ? 236 ARG A NH1 1 
ATOM   1144 N NH2 . ARG A 1 143 ? 7.916   -7.517  -8.131  1.00 35.82  ? 236 ARG A NH2 1 
ATOM   1145 N N   . ASP A 1 144 ? 9.568   1.216   -10.577 1.00 34.88  ? 237 ASP A N   1 
ATOM   1146 C CA  . ASP A 1 144 ? 10.105  2.226   -11.511 1.00 37.47  ? 237 ASP A CA  1 
ATOM   1147 C C   . ASP A 1 144 ? 10.506  3.512   -10.806 1.00 39.02  ? 237 ASP A C   1 
ATOM   1148 O O   . ASP A 1 144 ? 11.466  4.154   -11.178 1.00 34.78  ? 237 ASP A O   1 
ATOM   1149 C CB  . ASP A 1 144 ? 9.104   2.526   -12.625 1.00 37.67  ? 237 ASP A CB  1 
ATOM   1150 C CG  . ASP A 1 144 ? 8.929   1.322   -13.623 1.00 44.83  ? 237 ASP A CG  1 
ATOM   1151 O OD1 . ASP A 1 144 ? 9.676   0.305   -13.581 1.00 47.41  ? 237 ASP A OD1 1 
ATOM   1152 O OD2 . ASP A 1 144 ? 7.943   1.354   -14.387 1.00 49.06  ? 237 ASP A OD2 1 
ATOM   1153 N N   . TRP A 1 145 ? 9.735   3.898   -9.808  1.00 33.68  ? 238 TRP A N   1 
ATOM   1154 C CA  . TRP A 1 145 ? 10.026  5.023   -8.971  1.00 35.52  ? 238 TRP A CA  1 
ATOM   1155 C C   . TRP A 1 145 ? 11.294  4.799   -8.184  1.00 36.05  ? 238 TRP A C   1 
ATOM   1156 O O   . TRP A 1 145 ? 12.130  5.692   -8.148  1.00 35.62  ? 238 TRP A O   1 
ATOM   1157 C CB  . TRP A 1 145 ? 8.814   5.322   -8.049  1.00 36.55  ? 238 TRP A CB  1 
ATOM   1158 C CG  . TRP A 1 145 ? 8.886   6.640   -7.291  1.00 37.73  ? 238 TRP A CG  1 
ATOM   1159 C CD1 . TRP A 1 145 ? 8.252   7.830   -7.610  1.00 35.71  ? 238 TRP A CD1 1 
ATOM   1160 C CD2 . TRP A 1 145 ? 9.608   6.890   -6.100  1.00 33.40  ? 238 TRP A CD2 1 
ATOM   1161 N NE1 . TRP A 1 145 ? 8.554   8.807   -6.689  1.00 35.30  ? 238 TRP A NE1 1 
ATOM   1162 C CE2 . TRP A 1 145 ? 9.415   8.272   -5.768  1.00 36.81  ? 238 TRP A CE2 1 
ATOM   1163 C CE3 . TRP A 1 145 ? 10.394  6.110   -5.271  1.00 31.03  ? 238 TRP A CE3 1 
ATOM   1164 C CZ2 . TRP A 1 145 ? 9.942   8.836   -4.612  1.00 33.93  ? 238 TRP A CZ2 1 
ATOM   1165 C CZ3 . TRP A 1 145 ? 10.920  6.682   -4.113  1.00 32.92  ? 238 TRP A CZ3 1 
ATOM   1166 C CH2 . TRP A 1 145 ? 10.727  8.045   -3.823  1.00 35.73  ? 238 TRP A CH2 1 
ATOM   1167 N N   . LEU A 1 146 ? 11.492  3.597   -7.625  1.00 34.36  ? 239 LEU A N   1 
ATOM   1168 C CA  . LEU A 1 146 ? 12.750  3.328   -6.863  1.00 35.81  ? 239 LEU A CA  1 
ATOM   1169 C C   . LEU A 1 146 ? 14.042  3.331   -7.721  1.00 37.43  ? 239 LEU A C   1 
ATOM   1170 O O   . LEU A 1 146 ? 15.105  3.784   -7.250  1.00 36.69  ? 239 LEU A O   1 
ATOM   1171 C CB  . LEU A 1 146 ? 12.707  2.017   -6.132  1.00 32.33  ? 239 LEU A CB  1 
ATOM   1172 C CG  . LEU A 1 146 ? 11.609  1.994   -5.030  1.00 31.85  ? 239 LEU A CG  1 
ATOM   1173 C CD1 . LEU A 1 146 ? 11.328  0.586   -4.554  1.00 28.76  ? 239 LEU A CD1 1 
ATOM   1174 C CD2 . LEU A 1 146 ? 11.983  2.870   -3.843  1.00 27.98  ? 239 LEU A CD2 1 
ATOM   1175 N N   . SER A 1 147 ? 13.906  2.834   -8.933  1.00 37.09  ? 240 SER A N   1 
ATOM   1176 C CA  . SER A 1 147 ? 15.010  2.864   -9.949  1.00 40.62  ? 240 SER A CA  1 
ATOM   1177 C C   . SER A 1 147 ? 15.384  4.285   -10.263 1.00 41.25  ? 240 SER A C   1 
ATOM   1178 O O   . SER A 1 147 ? 16.557  4.636   -10.240 1.00 44.16  ? 240 SER A O   1 
ATOM   1179 C CB  . SER A 1 147 ? 14.571  2.222   -11.268 1.00 40.39  ? 240 SER A CB  1 
ATOM   1180 O OG  . SER A 1 147 ? 14.265  0.898   -11.029 1.00 50.32  ? 240 SER A OG  1 
ATOM   1181 N N   . ARG A 1 148 ? 14.408  5.115   -10.592 1.00 44.10  ? 241 ARG A N   1 
ATOM   1182 C CA  . ARG A 1 148 ? 14.680  6.516   -10.866 1.00 45.34  ? 241 ARG A CA  1 
ATOM   1183 C C   . ARG A 1 148 ? 15.278  7.307   -9.669  1.00 58.99  ? 241 ARG A C   1 
ATOM   1184 O O   . ARG A 1 148 ? 16.323  7.958   -9.821  1.00 59.58  ? 241 ARG A O   1 
ATOM   1185 C CB  . ARG A 1 148 ? 13.438  7.227   -11.403 1.00 51.96  ? 241 ARG A CB  1 
ATOM   1186 C CG  . ARG A 1 148 ? 12.856  6.614   -12.669 1.00 55.40  ? 241 ARG A CG  1 
ATOM   1187 N N   . ARG A 1 149 ? 14.631  7.236   -8.507  0.50 58.62  ? 242 ARG A N   1 
ATOM   1188 C CA  . ARG A 1 149 ? 15.039  8.022   -7.336  0.50 62.31  ? 242 ARG A CA  1 
ATOM   1189 C C   . ARG A 1 149 ? 16.232  7.479   -6.554  0.50 64.52  ? 242 ARG A C   1 
ATOM   1190 O O   . ARG A 1 149 ? 16.892  8.250   -5.856  0.50 70.88  ? 242 ARG A O   1 
ATOM   1191 C CB  . ARG A 1 149 ? 13.861  8.199   -6.389  0.50 65.31  ? 242 ARG A CB  1 
ATOM   1192 C CG  . ARG A 1 149 ? 12.857  9.220   -6.883  0.50 66.25  ? 242 ARG A CG  1 
ATOM   1193 C CD  . ARG A 1 149 ? 13.490  10.586  -7.104  0.50 68.12  ? 242 ARG A CD  1 
ATOM   1194 N NE  . ARG A 1 149 ? 12.729  11.336  -8.092  0.50 66.65  ? 242 ARG A NE  1 
ATOM   1195 C CZ  . ARG A 1 149 ? 11.742  10.802  -8.802  0.50 65.62  ? 242 ARG A CZ  1 
ATOM   1196 N NH1 . ARG A 1 149 ? 11.086  11.531  -9.692  0.50 67.91  ? 242 ARG A NH1 1 
ATOM   1197 N NH2 . ARG A 1 149 ? 11.417  9.530   -8.619  0.50 64.25  ? 242 ARG A NH2 1 
ATOM   1198 N N   . PHE A 1 150 ? 16.499  6.175   -6.646  1.00 66.83  ? 243 PHE A N   1 
ATOM   1199 C CA  . PHE A 1 150 ? 17.688  5.541   -5.973  1.00 59.92  ? 243 PHE A CA  1 
ATOM   1200 C C   . PHE A 1 150 ? 18.701  4.858   -6.900  1.00 71.22  ? 243 PHE A C   1 
ATOM   1201 O O   . PHE A 1 150 ? 19.904  4.934   -6.651  1.00 76.79  ? 243 PHE A O   1 
ATOM   1202 C CB  . PHE A 1 150 ? 17.230  4.507   -4.953  1.00 56.18  ? 243 PHE A CB  1 
ATOM   1203 C CG  . PHE A 1 150 ? 16.499  5.098   -3.780  1.00 68.28  ? 243 PHE A CG  1 
ATOM   1204 C CD1 . PHE A 1 150 ? 17.197  5.536   -2.655  1.00 68.68  ? 243 PHE A CD1 1 
ATOM   1205 C CD2 . PHE A 1 150 ? 15.134  5.228   -3.779  1.00 57.95  ? 243 PHE A CD2 1 
ATOM   1206 C CE1 . PHE A 1 150 ? 16.541  6.088   -1.562  1.00 68.50  ? 243 PHE A CE1 1 
ATOM   1207 C CE2 . PHE A 1 150 ? 14.476  5.806   -2.690  1.00 62.21  ? 243 PHE A CE2 1 
ATOM   1208 C CZ  . PHE A 1 150 ? 15.176  6.230   -1.582  1.00 66.21  ? 243 PHE A CZ  1 
ATOM   1209 N N   . GLY A 1 151 ? 18.234  4.130   -7.911  1.00 84.01  ? 244 GLY A N   1 
ATOM   1210 C CA  . GLY A 1 151 ? 19.122  3.352   -8.797  1.00 77.97  ? 244 GLY A CA  1 
ATOM   1211 C C   . GLY A 1 151 ? 19.619  2.116   -8.083  1.00 79.89  ? 244 GLY A C   1 
ATOM   1212 O O   . GLY A 1 151 ? 20.445  1.378   -8.607  1.00 87.07  ? 244 GLY A O   1 
HETATM 1213 C C1  . EDO B 2 .   ? -1.750  10.649  12.864  1.00 66.64  ? 301 EDO A C1  1 
HETATM 1214 O O1  . EDO B 2 .   ? -2.204  9.984   14.060  1.00 72.61  ? 301 EDO A O1  1 
HETATM 1215 C C2  . EDO B 2 .   ? -0.228  10.626  12.863  1.00 67.20  ? 301 EDO A C2  1 
HETATM 1216 O O2  . EDO B 2 .   ? 0.306   11.940  12.683  1.00 65.60  ? 301 EDO A O2  1 
HETATM 1217 C C1  . EDO C 2 .   ? -7.386  -14.292 -2.412  1.00 71.79  ? 302 EDO A C1  1 
HETATM 1218 O O1  . EDO C 2 .   ? -7.759  -13.283 -3.374  1.00 64.79  ? 302 EDO A O1  1 
HETATM 1219 C C2  . EDO C 2 .   ? -7.447  -15.692 -3.010  1.00 64.84  ? 302 EDO A C2  1 
HETATM 1220 O O2  . EDO C 2 .   ? -6.164  -16.056 -3.514  1.00 62.79  ? 302 EDO A O2  1 
HETATM 1221 S S   . DMS D 3 .   ? 10.777  -10.167 5.286   1.00 81.62  ? 303 DMS A S   1 
HETATM 1222 O O   . DMS D 3 .   ? 10.095  -9.814  4.032   1.00 54.73  ? 303 DMS A O   1 
HETATM 1223 C C1  . DMS D 3 .   ? 10.275  -11.719 5.808   1.00 71.67  ? 303 DMS A C1  1 
HETATM 1224 C C2  . DMS D 3 .   ? 12.432  -10.403 4.886   1.00 73.39  ? 303 DMS A C2  1 
HETATM 1225 C C   . ACT E 4 .   ? -12.236 -14.313 4.208   1.00 59.35  ? 304 ACT A C   1 
HETATM 1226 O O   . ACT E 4 .   ? -13.031 -13.468 3.712   1.00 63.91  ? 304 ACT A O   1 
HETATM 1227 O OXT . ACT E 4 .   ? -11.224 -13.895 4.779   1.00 57.79  ? 304 ACT A OXT 1 
HETATM 1228 C CH3 . ACT E 4 .   ? -12.486 -15.824 4.182   1.00 64.36  ? 304 ACT A CH3 1 
HETATM 1229 C C   . ACT F 4 .   ? -9.158  -11.220 -5.827  1.00 60.40  ? 305 ACT A C   1 
HETATM 1230 O O   . ACT F 4 .   ? -8.142  -11.472 -6.513  1.00 49.09  ? 305 ACT A O   1 
HETATM 1231 O OXT . ACT F 4 .   ? -9.319  -11.765 -4.689  1.00 66.18  ? 305 ACT A OXT 1 
HETATM 1232 C CH3 . ACT F 4 .   ? -10.215 -10.293 -6.393  1.00 59.87  ? 305 ACT A CH3 1 
HETATM 1233 N N1  . LJ7 G 5 .   ? -10.600 -4.279  -1.183  0.54 66.90  ? 306 LJ7 A N1  1 
HETATM 1234 N N3  . LJ7 G 5 .   ? -7.279  -4.172  1.409   0.54 67.09  ? 306 LJ7 A N3  1 
HETATM 1235 C C4  . LJ7 G 5 .   ? -10.997 -2.994  -1.050  0.54 68.24  ? 306 LJ7 A C4  1 
HETATM 1236 C C5  . LJ7 G 5 .   ? -10.046 -2.359  -0.314  0.54 70.30  ? 306 LJ7 A C5  1 
HETATM 1237 C C6  . LJ7 G 5 .   ? -9.078  -3.318  0.013   0.54 70.58  ? 306 LJ7 A C6  1 
HETATM 1238 C C7  . LJ7 G 5 .   ? -7.825  -3.111  0.784   0.54 70.36  ? 306 LJ7 A C7  1 
HETATM 1239 C C8  . LJ7 G 5 .   ? -6.237  -4.016  2.423   0.54 67.05  ? 306 LJ7 A C8  1 
HETATM 1240 C C10 . LJ7 G 5 .   ? -7.376  -3.668  4.638   0.54 63.21  ? 306 LJ7 A C10 1 
HETATM 1241 C C13 . LJ7 G 5 .   ? -6.813  -0.968  4.627   0.54 65.09  ? 306 LJ7 A C13 1 
HETATM 1242 C C1  . LJ7 G 5 .   ? -10.453 -6.568  -1.884  0.54 65.75  ? 306 LJ7 A C1  1 
HETATM 1243 C C11 . LJ7 G 5 .   ? -7.804  -2.873  5.690   0.54 63.59  ? 306 LJ7 A C11 1 
HETATM 1244 C C12 . LJ7 G 5 .   ? -7.502  -1.543  5.657   0.54 64.56  ? 306 LJ7 A C12 1 
HETATM 1245 C C14 . LJ7 G 5 .   ? -6.394  -1.779  3.583   0.54 68.20  ? 306 LJ7 A C14 1 
HETATM 1246 C C2  . LJ7 G 5 .   ? -11.298 -5.364  -1.902  0.54 66.56  ? 306 LJ7 A C2  1 
HETATM 1247 C C3  . LJ7 G 5 .   ? -11.702 -4.942  -3.288  0.54 64.87  ? 306 LJ7 A C3  1 
HETATM 1248 C C9  . LJ7 G 5 .   ? -6.674  -3.138  3.572   0.54 65.56  ? 306 LJ7 A C9  1 
HETATM 1249 F F1  . LJ7 G 5 .   ? -7.913  -0.758  6.691   0.54 59.82  ? 306 LJ7 A F1  1 
HETATM 1250 N N2  . LJ7 G 5 .   ? -9.427  -4.495  -0.522  0.54 71.07  ? 306 LJ7 A N2  1 
HETATM 1251 O O1  . LJ7 G 5 .   ? -7.332  -1.979  0.837   0.54 66.51  ? 306 LJ7 A O1  1 
HETATM 1252 O O   . HOH H 6 .   ? -8.020  3.124   9.296   1.00 50.04  ? 401 HOH A O   1 
HETATM 1253 O O   . HOH H 6 .   ? -8.417  14.890  -1.380  1.00 43.75  ? 402 HOH A O   1 
HETATM 1254 O O   . HOH H 6 .   ? -7.358  21.000  3.971   1.00 64.18  ? 403 HOH A O   1 
HETATM 1255 O O   . HOH H 6 .   ? 6.891   11.258  -6.757  1.00 42.99  ? 404 HOH A O   1 
HETATM 1256 O O   . HOH H 6 .   ? -5.214  -17.929 -7.722  1.00 57.71  ? 405 HOH A O   1 
HETATM 1257 O O   . HOH H 6 .   ? -5.690  18.237  7.364   1.00 46.34  ? 406 HOH A O   1 
HETATM 1258 O O   . HOH H 6 .   ? -13.210 -0.912  -14.945 1.00 44.95  ? 407 HOH A O   1 
HETATM 1259 O O   . HOH H 6 .   ? 14.050  -2.462  -4.241  1.00 41.78  ? 408 HOH A O   1 
HETATM 1260 O O   . HOH H 6 .   ? -13.392 -21.590 -23.688 1.00 33.69  ? 409 HOH A O   1 
HETATM 1261 O O   . HOH H 6 .   ? -2.210  -13.123 8.481   1.00 39.33  ? 410 HOH A O   1 
HETATM 1262 O O   . HOH H 6 .   ? 7.084   15.421  6.647   1.00 45.97  ? 411 HOH A O   1 
HETATM 1263 O O   . HOH H 6 .   ? -4.976  -1.139  0.142   1.00 34.75  ? 412 HOH A O   1 
HETATM 1264 O O   . HOH H 6 .   ? -0.832  0.158   -12.318 1.00 38.83  ? 413 HOH A O   1 
HETATM 1265 O O   . HOH H 6 .   ? -12.308 -12.204 6.466   1.00 34.72  ? 414 HOH A O   1 
HETATM 1266 O O   . HOH H 6 .   ? -6.779  14.639  9.898   1.00 54.06  ? 415 HOH A O   1 
HETATM 1267 O O   . HOH H 6 .   ? -8.499  -11.647 6.125   1.00 27.47  ? 416 HOH A O   1 
HETATM 1268 O O   . HOH H 6 .   ? 1.034   -13.114 -11.121 1.00 47.25  ? 417 HOH A O   1 
HETATM 1269 O O   . HOH H 6 .   ? -14.364 13.253  2.209   1.00 52.06  ? 418 HOH A O   1 
HETATM 1270 O O   . HOH H 6 .   ? 7.107   7.516   13.877  1.00 39.56  ? 419 HOH A O   1 
HETATM 1271 O O   . HOH H 6 .   ? 13.380  -9.246  0.735   1.00 49.87  ? 420 HOH A O   1 
HETATM 1272 O O   . HOH H 6 .   ? -11.211 -10.990 -10.821 1.00 53.74  ? 421 HOH A O   1 
HETATM 1273 O O   . HOH H 6 .   ? -9.018  0.316   9.449   1.00 48.34  ? 422 HOH A O   1 
HETATM 1274 O O   . HOH H 6 .   ? 1.080   7.524   10.185  1.00 36.13  ? 423 HOH A O   1 
HETATM 1275 O O   . HOH H 6 .   ? 6.536   5.215   -11.096 1.00 38.90  ? 424 HOH A O   1 
HETATM 1276 O O   . HOH H 6 .   ? 6.035   16.599  11.730  1.00 58.14  ? 425 HOH A O   1 
HETATM 1277 O O   . HOH H 6 .   ? -5.293  -7.570  -1.934  1.00 27.63  ? 426 HOH A O   1 
HETATM 1278 O O   . HOH H 6 .   ? 1.788   16.038  -1.330  1.00 47.89  ? 427 HOH A O   1 
HETATM 1279 O O   . HOH H 6 .   ? -5.527  -1.300  -5.767  1.00 49.23  ? 428 HOH A O   1 
HETATM 1280 O O   . HOH H 6 .   ? 8.287   14.491  16.231  1.00 45.73  ? 429 HOH A O   1 
HETATM 1281 O O   . HOH H 6 .   ? 2.051   -3.259  -11.101 1.00 32.18  ? 430 HOH A O   1 
HETATM 1282 O O   . HOH H 6 .   ? 10.062  9.750   3.065   1.00 27.52  ? 431 HOH A O   1 
HETATM 1283 O O   . HOH H 6 .   ? -2.969  12.842  10.489  1.00 39.20  ? 432 HOH A O   1 
HETATM 1284 O O   . HOH H 6 .   ? -7.838  -15.698 -18.675 1.00 39.13  ? 433 HOH A O   1 
HETATM 1285 O O   . HOH H 6 .   ? 13.274  -0.989  -8.532  1.00 39.53  ? 434 HOH A O   1 
HETATM 1286 O O   . HOH H 6 .   ? -3.387  -7.830  -13.067 1.00 46.09  ? 435 HOH A O   1 
HETATM 1287 O O   . HOH H 6 .   ? 3.243   0.425   3.406   1.00 23.47  ? 436 HOH A O   1 
HETATM 1288 O O   . HOH H 6 .   ? 5.445   -11.800 4.892   1.00 34.77  ? 437 HOH A O   1 
HETATM 1289 O O   . HOH H 6 .   ? -5.082  -5.807  -9.199  1.00 55.16  ? 438 HOH A O   1 
HETATM 1290 O O   . HOH H 6 .   ? 10.972  2.509   13.771  1.00 40.83  ? 439 HOH A O   1 
HETATM 1291 O O   . HOH H 6 .   ? 4.618   9.058   -8.942  1.00 49.39  ? 440 HOH A O   1 
HETATM 1292 O O   . HOH H 6 .   ? 0.532   -14.681 6.652   1.00 40.99  ? 441 HOH A O   1 
HETATM 1293 O O   . HOH H 6 .   ? 8.189   -5.277  11.772  1.00 54.75  ? 442 HOH A O   1 
HETATM 1294 O O   . HOH H 6 .   ? -9.905  14.148  10.130  1.00 61.18  ? 443 HOH A O   1 
HETATM 1295 O O   . HOH H 6 .   ? 10.306  9.493   0.313   1.00 32.60  ? 444 HOH A O   1 
HETATM 1296 O O   . HOH H 6 .   ? -10.319 5.607   -13.912 1.00 44.05  ? 445 HOH A O   1 
HETATM 1297 O O   . HOH H 6 .   ? 12.172  -0.544  -12.646 1.00 57.58  ? 446 HOH A O   1 
HETATM 1298 O O   . HOH H 6 .   ? 12.891  -7.140  -3.111  1.00 32.81  ? 447 HOH A O   1 
HETATM 1299 O O   . HOH H 6 .   ? 6.582   10.616  1.192   1.00 26.65  ? 448 HOH A O   1 
HETATM 1300 O O   . HOH H 6 .   ? -19.350 -6.697  18.379  1.00 42.01  ? 449 HOH A O   1 
HETATM 1301 O O   . HOH H 6 .   ? 6.434   10.801  12.505  1.00 35.27  ? 450 HOH A O   1 
HETATM 1302 O O   . HOH H 6 .   ? -11.523 4.320   4.137   1.00 45.06  ? 451 HOH A O   1 
HETATM 1303 O O   . HOH H 6 .   ? -3.940  5.908   -12.995 1.00 45.77  ? 452 HOH A O   1 
HETATM 1304 O O   . HOH H 6 .   ? 9.822   15.714  10.585  1.00 37.10  ? 453 HOH A O   1 
HETATM 1305 O O   . HOH H 6 .   ? -0.184  14.568  10.175  1.00 52.07  ? 454 HOH A O   1 
HETATM 1306 O O   . HOH H 6 .   ? 18.161  -2.309  -2.603  1.00 43.25  ? 455 HOH A O   1 
HETATM 1307 O O   . HOH H 6 .   ? 12.351  3.900   -13.914 1.00 57.00  ? 456 HOH A O   1 
HETATM 1308 O O   . HOH H 6 .   ? -11.088 10.138  -6.156  1.00 58.77  ? 457 HOH A O   1 
HETATM 1309 O O   . HOH H 6 .   ? 7.169   -14.974 -5.905  1.00 56.65  ? 458 HOH A O   1 
HETATM 1310 O O   . HOH H 6 .   ? 3.498   -10.429 11.038  1.00 58.87  ? 459 HOH A O   1 
HETATM 1311 O O   . HOH H 6 .   ? 7.898   17.585  1.900   1.00 54.02  ? 460 HOH A O   1 
HETATM 1312 O O   . HOH H 6 .   ? 5.434   5.672   15.279  1.00 36.04  ? 461 HOH A O   1 
HETATM 1313 O O   . HOH H 6 .   ? -5.229  -12.652 2.247   1.00 56.49  ? 462 HOH A O   1 
HETATM 1314 O O   . HOH H 6 .   ? -3.070  -1.196  -1.754  1.00 28.12  ? 463 HOH A O   1 
HETATM 1315 O O   . HOH H 6 .   ? 2.055   8.984   -9.458  1.00 47.19  ? 464 HOH A O   1 
HETATM 1316 O O   . HOH H 6 .   ? 8.036   -11.950 0.812   1.00 25.88  ? 465 HOH A O   1 
HETATM 1317 O O   . HOH H 6 .   ? 1.157   14.181  7.842   1.00 46.99  ? 466 HOH A O   1 
HETATM 1318 O O   . HOH H 6 .   ? -1.226  17.465  1.612   1.00 45.06  ? 467 HOH A O   1 
HETATM 1319 O O   . HOH H 6 .   ? -2.962  -15.698 -3.803  1.00 38.00  ? 468 HOH A O   1 
HETATM 1320 O O   . HOH H 6 .   ? 11.598  -2.243  18.075  1.00 53.39  ? 469 HOH A O   1 
HETATM 1321 O O   . HOH H 6 .   ? 6.928   -9.326  8.665   1.00 32.73  ? 470 HOH A O   1 
HETATM 1322 O O   . HOH H 6 .   ? 8.870   0.069   17.515  1.00 48.90  ? 471 HOH A O   1 
HETATM 1323 O O   . HOH H 6 .   ? -1.436  -5.086  -12.861 1.00 60.62  ? 472 HOH A O   1 
HETATM 1324 O O   . HOH H 6 .   ? 3.044   15.389  7.633   1.00 53.22  ? 473 HOH A O   1 
HETATM 1325 O O   . HOH H 6 .   ? -15.478 13.741  7.207   1.00 54.08  ? 474 HOH A O   1 
HETATM 1326 O O   . HOH H 6 .   ? 1.790   6.252   -10.828 1.00 53.57  ? 475 HOH A O   1 
HETATM 1327 O O   . HOH H 6 .   ? -0.726  -14.967 -16.979 0.54 47.62  ? 476 HOH A O   1 
HETATM 1328 O O   . HOH H 6 .   ? -2.820  -9.257  -16.109 1.00 55.03  ? 477 HOH A O   1 
HETATM 1329 O O   . HOH H 6 .   ? 1.577   -13.997 -5.993  1.00 31.04  ? 478 HOH A O   1 
HETATM 1330 O O   . HOH H 6 .   ? 4.962   13.828  -8.373  1.00 53.38  ? 479 HOH A O   1 
HETATM 1331 O O   . HOH H 6 .   ? 5.139   -13.056 -2.081  1.00 41.68  ? 480 HOH A O   1 
HETATM 1332 O O   . HOH H 6 .   ? 5.527   4.575   -13.576 1.00 50.19  ? 481 HOH A O   1 
HETATM 1333 O O   . HOH H 6 .   ? 6.564   3.411   16.096  1.00 42.15  ? 482 HOH A O   1 
HETATM 1334 O O   . HOH H 6 .   ? 4.508   6.623   -10.702 1.00 46.36  ? 483 HOH A O   1 
HETATM 1335 O O   . HOH H 6 .   ? 4.206   7.044   17.564  1.00 47.88  ? 484 HOH A O   1 
# 
